data_1XSL
#
_entry.id   1XSL
#
_cell.length_a   191.504
_cell.length_b   98.812
_cell.length_c   104.519
_cell.angle_alpha   90.00
_cell.angle_beta   90.00
_cell.angle_gamma   90.00
#
_symmetry.space_group_name_H-M   'P 21 21 2'
#
loop_
_entity.id
_entity.type
_entity.pdbx_description
1 polymer "5'-D(*CP*GP*GP*CP*AP*GP*CP*GP*CP*AP*C)-3'"
2 polymer "5'-D(*GP*TP*GP*CP*GP*C)-3'"
3 polymer "5'-D(P*GP*CP*CP*G)-3'"
4 polymer 'DNA polymerase lambda'
5 non-polymer 'MAGNESIUM ION'
6 non-polymer 'CACODYLATE ION'
7 non-polymer 'SODIUM ION'
8 water water
#
loop_
_entity_poly.entity_id
_entity_poly.type
_entity_poly.pdbx_seq_one_letter_code
_entity_poly.pdbx_strand_id
1 'polydeoxyribonucleotide' (DC)(DG)(DG)(DC)(DA)(DG)(DC)(DG)(DC)(DA)(DC) B,F,J,N
2 'polydeoxyribonucleotide' (DG)(DT)(DG)(DC)(DG)(DC) C,G,K,O
3 'polydeoxyribonucleotide' (DG)(DC)(DC)(DG) D,H,L,P
4 'polypeptide(L)'
;MAQPSSQKATNHNLHITEKLEVLAKAYSVQGDKWRALGYAKAINALKSFHKPVTSYQEACSIPGIGKRMAEKIIEILESG
HLRKLDHISESVPVLELFSNIWGAGTKTAQMWYQQGFRSLEDIRSQASLTTQQAIGLKHYSDFLERMPREEATEIEQTVQ
KAAQAFNSGLLCVACGSYRRGKATCGDVDVLITHPDGRSHRGIFSRLLDSLRQEGFLTDDLVSQEENGQQQKYLGVCRLP
GPGRRHRRLDIIVVPYSEFACALLYFTGSAHFNRSMRALAKTKGMSLSEHALSTAVVRNTHGCKVGPGRVLPTPTEKDVF
RLLGLPYREPAERDW
;
A,E,I,M
#
# COMPACT_ATOMS: atom_id res chain seq x y z
N ALA M 9 -9.20 43.71 -5.91
CA ALA M 9 -7.72 43.90 -6.02
C ALA M 9 -7.18 43.17 -7.25
N THR M 10 -7.07 43.89 -8.35
CA THR M 10 -6.57 43.32 -9.61
C THR M 10 -5.14 42.80 -9.51
N ASN M 11 -4.84 41.76 -10.28
CA ASN M 11 -3.52 41.16 -10.31
C ASN M 11 -2.73 41.69 -11.50
N HIS M 12 -1.60 42.33 -11.22
CA HIS M 12 -0.76 42.91 -12.28
C HIS M 12 0.35 41.97 -12.73
N ASN M 13 0.35 40.75 -12.20
CA ASN M 13 1.35 39.76 -12.55
C ASN M 13 0.64 38.47 -12.92
N LEU M 14 -0.26 38.56 -13.91
CA LEU M 14 -1.04 37.41 -14.33
C LEU M 14 -0.23 36.32 -15.00
N HIS M 15 0.42 36.64 -16.11
N HIS M 15 0.42 36.65 -16.11
CA HIS M 15 1.21 35.65 -16.83
CA HIS M 15 1.22 35.69 -16.84
C HIS M 15 2.24 34.96 -15.95
C HIS M 15 2.27 34.97 -15.97
N ILE M 16 2.58 35.57 -14.81
CA ILE M 16 3.54 34.98 -13.89
C ILE M 16 2.80 34.03 -12.98
N THR M 17 1.78 34.54 -12.29
CA THR M 17 0.99 33.74 -11.38
C THR M 17 0.29 32.58 -12.09
N GLU M 18 0.14 32.70 -13.40
CA GLU M 18 -0.50 31.64 -14.17
C GLU M 18 0.48 30.49 -14.31
N LYS M 19 1.69 30.81 -14.75
CA LYS M 19 2.69 29.79 -14.92
C LYS M 19 3.08 29.16 -13.59
N LEU M 20 3.04 29.94 -12.51
CA LEU M 20 3.39 29.41 -11.20
C LEU M 20 2.30 28.50 -10.65
N GLU M 21 1.05 28.80 -10.98
CA GLU M 21 -0.05 27.97 -10.50
C GLU M 21 0.00 26.56 -11.10
N VAL M 22 0.61 26.43 -12.27
CA VAL M 22 0.73 25.14 -12.94
C VAL M 22 1.77 24.28 -12.24
N LEU M 23 2.91 24.88 -11.93
CA LEU M 23 3.98 24.16 -11.26
C LEU M 23 3.53 23.77 -9.86
N ALA M 24 2.81 24.68 -9.22
CA ALA M 24 2.31 24.45 -7.87
C ALA M 24 1.41 23.21 -7.89
N LYS M 25 0.41 23.25 -8.75
CA LYS M 25 -0.53 22.15 -8.87
C LYS M 25 0.23 20.85 -9.14
N ALA M 26 1.25 20.92 -9.97
CA ALA M 26 2.02 19.73 -10.29
C ALA M 26 2.64 19.14 -9.03
N TYR M 27 3.32 19.96 -8.25
CA TYR M 27 3.93 19.47 -7.03
C TYR M 27 2.87 18.86 -6.13
N SER M 28 1.76 19.56 -5.97
CA SER M 28 0.68 19.10 -5.12
C SER M 28 0.19 17.69 -5.48
N VAL M 29 -0.16 17.46 -6.74
CA VAL M 29 -0.65 16.14 -7.13
C VAL M 29 0.40 15.05 -7.02
N GLN M 30 1.67 15.41 -6.95
CA GLN M 30 2.72 14.41 -6.82
C GLN M 30 3.09 14.18 -5.37
N GLY M 31 2.34 14.77 -4.45
CA GLY M 31 2.61 14.57 -3.04
C GLY M 31 3.45 15.58 -2.27
N ASP M 32 4.17 16.46 -2.96
CA ASP M 32 5.00 17.44 -2.27
C ASP M 32 4.12 18.57 -1.77
N LYS M 33 3.29 18.28 -0.77
CA LYS M 33 2.35 19.27 -0.23
C LYS M 33 2.95 20.52 0.38
N TRP M 34 4.06 20.38 1.11
CA TRP M 34 4.68 21.55 1.73
C TRP M 34 5.24 22.50 0.67
N ARG M 35 5.91 21.96 -0.33
CA ARG M 35 6.44 22.82 -1.38
C ARG M 35 5.24 23.47 -2.08
N ALA M 36 4.16 22.73 -2.24
CA ALA M 36 2.98 23.28 -2.89
C ALA M 36 2.47 24.45 -2.06
N LEU M 37 2.50 24.29 -0.74
CA LEU M 37 2.05 25.34 0.16
C LEU M 37 2.83 26.62 -0.10
N GLY M 38 4.16 26.51 -0.08
CA GLY M 38 5.02 27.66 -0.33
C GLY M 38 4.65 28.40 -1.61
N TYR M 39 4.49 27.65 -2.70
CA TYR M 39 4.12 28.27 -3.95
C TYR M 39 2.82 29.06 -3.80
N ALA M 40 1.80 28.42 -3.23
CA ALA M 40 0.51 29.08 -3.05
C ALA M 40 0.61 30.36 -2.23
N LYS M 41 1.45 30.38 -1.18
CA LYS M 41 1.52 31.64 -0.44
C LYS M 41 2.12 32.68 -1.35
N ALA M 42 3.25 32.37 -1.99
CA ALA M 42 3.96 33.30 -2.87
C ALA M 42 3.06 33.79 -3.99
N ILE M 43 2.27 32.87 -4.56
CA ILE M 43 1.36 33.22 -5.64
C ILE M 43 0.30 34.20 -5.15
N ASN M 44 -0.10 34.07 -3.89
CA ASN M 44 -1.10 34.98 -3.36
C ASN M 44 -0.48 36.37 -3.33
N ALA M 45 0.69 36.47 -2.71
CA ALA M 45 1.40 37.73 -2.59
C ALA M 45 1.52 38.41 -3.96
N LEU M 46 1.98 37.65 -4.95
CA LEU M 46 2.14 38.19 -6.30
C LEU M 46 0.85 38.80 -6.83
N LYS M 47 -0.28 38.18 -6.51
CA LYS M 47 -1.57 38.67 -6.97
C LYS M 47 -1.96 39.95 -6.23
N SER M 48 -1.78 39.95 -4.92
CA SER M 48 -2.16 41.12 -4.10
C SER M 48 -1.04 42.14 -3.92
N PHE M 49 -0.03 42.10 -4.78
CA PHE M 49 1.07 43.06 -4.70
C PHE M 49 0.48 44.36 -5.24
N HIS M 50 0.85 45.49 -4.62
CA HIS M 50 0.32 46.78 -5.06
C HIS M 50 0.77 47.25 -6.45
N LYS M 51 1.41 46.37 -7.21
CA LYS M 51 1.86 46.72 -8.57
C LYS M 51 2.60 45.54 -9.23
N PRO M 52 2.99 45.69 -10.52
CA PRO M 52 3.71 44.63 -11.26
C PRO M 52 5.13 44.46 -10.73
N VAL M 53 5.71 43.28 -10.86
CA VAL M 53 7.06 43.05 -10.37
C VAL M 53 8.07 43.26 -11.49
N THR M 54 9.02 44.14 -11.25
CA THR M 54 10.01 44.43 -12.27
C THR M 54 11.45 44.05 -11.96
N SER M 55 11.75 43.67 -10.72
CA SER M 55 13.13 43.29 -10.42
C SER M 55 13.24 42.15 -9.40
N TYR M 56 14.40 41.50 -9.40
CA TYR M 56 14.67 40.39 -8.49
C TYR M 56 14.69 40.94 -7.06
N GLN M 57 15.28 42.12 -6.90
CA GLN M 57 15.36 42.74 -5.59
C GLN M 57 13.95 43.07 -5.10
N GLU M 58 13.13 43.63 -5.99
CA GLU M 58 11.77 43.96 -5.62
C GLU M 58 11.06 42.70 -5.15
N ALA M 59 11.14 41.65 -5.96
CA ALA M 59 10.51 40.38 -5.62
C ALA M 59 10.88 39.92 -4.22
N CYS M 60 12.18 39.94 -3.91
CA CYS M 60 12.68 39.51 -2.61
C CYS M 60 12.19 40.33 -1.41
N SER M 61 11.62 41.50 -1.67
CA SER M 61 11.16 42.33 -0.56
C SER M 61 9.77 41.91 -0.10
N ILE M 62 9.09 41.14 -0.94
CA ILE M 62 7.75 40.68 -0.61
C ILE M 62 7.80 39.44 0.28
N PRO M 63 7.21 39.53 1.49
CA PRO M 63 7.21 38.38 2.39
C PRO M 63 6.54 37.21 1.68
N GLY M 64 7.15 36.04 1.76
CA GLY M 64 6.58 34.88 1.09
C GLY M 64 7.34 34.55 -0.18
N ILE M 65 8.22 35.46 -0.58
CA ILE M 65 9.03 35.23 -1.77
C ILE M 65 10.50 35.27 -1.40
N GLY M 66 11.16 34.13 -1.61
CA GLY M 66 12.59 34.01 -1.33
C GLY M 66 13.39 34.00 -2.60
N LYS M 67 14.69 33.78 -2.47
CA LYS M 67 15.55 33.75 -3.62
C LYS M 67 15.04 32.87 -4.74
N ARG M 68 14.70 31.62 -4.41
CA ARG M 68 14.26 30.70 -5.43
C ARG M 68 12.99 31.09 -6.15
N MET M 69 12.03 31.68 -5.43
CA MET M 69 10.80 32.08 -6.09
C MET M 69 11.10 33.31 -6.96
N ALA M 70 11.85 34.27 -6.41
CA ALA M 70 12.21 35.47 -7.15
C ALA M 70 12.84 35.01 -8.46
N GLU M 71 13.76 34.08 -8.31
CA GLU M 71 14.45 33.51 -9.46
C GLU M 71 13.45 33.14 -10.56
N LYS M 72 12.44 32.37 -10.19
CA LYS M 72 11.44 31.94 -11.18
C LYS M 72 10.58 33.09 -11.68
N ILE M 73 10.16 33.97 -10.77
CA ILE M 73 9.35 35.12 -11.14
C ILE M 73 10.03 35.93 -12.23
N ILE M 74 11.28 36.29 -11.99
CA ILE M 74 12.04 37.07 -12.94
C ILE M 74 12.27 36.35 -14.27
N GLU M 75 12.39 35.03 -14.23
CA GLU M 75 12.61 34.30 -15.48
C GLU M 75 11.41 34.48 -16.39
N ILE M 76 10.21 34.37 -15.81
CA ILE M 76 8.98 34.52 -16.57
C ILE M 76 8.84 35.95 -17.06
N LEU M 77 9.10 36.91 -16.17
CA LEU M 77 9.00 38.32 -16.53
C LEU M 77 9.82 38.61 -17.79
N GLU M 78 11.10 38.28 -17.73
CA GLU M 78 12.02 38.53 -18.83
C GLU M 78 11.82 37.65 -20.06
N SER M 79 11.86 36.34 -19.88
CA SER M 79 11.73 35.38 -20.99
C SER M 79 10.31 35.02 -21.41
N GLY M 80 9.35 35.26 -20.54
CA GLY M 80 7.96 34.94 -20.87
C GLY M 80 7.66 33.46 -20.70
N HIS M 81 8.68 32.68 -20.37
CA HIS M 81 8.51 31.25 -20.18
C HIS M 81 9.19 30.73 -18.91
N LEU M 82 8.79 29.53 -18.50
CA LEU M 82 9.34 28.89 -17.31
C LEU M 82 9.79 27.49 -17.68
N ARG M 83 11.10 27.30 -17.82
CA ARG M 83 11.66 25.99 -18.19
C ARG M 83 11.17 24.83 -17.35
N LYS M 84 11.06 25.04 -16.04
CA LYS M 84 10.60 24.00 -15.12
C LYS M 84 9.36 23.30 -15.66
N LEU M 85 8.42 24.09 -16.20
CA LEU M 85 7.19 23.55 -16.74
C LEU M 85 7.42 22.48 -17.80
N ASP M 86 8.50 22.60 -18.56
CA ASP M 86 8.81 21.64 -19.61
C ASP M 86 9.23 20.28 -19.07
N HIS M 87 9.83 20.27 -17.88
CA HIS M 87 10.29 19.01 -17.30
C HIS M 87 9.30 18.37 -16.33
N ILE M 88 8.05 18.83 -16.34
CA ILE M 88 7.03 18.29 -15.47
C ILE M 88 6.59 16.92 -15.98
N SER M 89 6.53 15.94 -15.08
CA SER M 89 6.15 14.58 -15.44
C SER M 89 4.88 14.55 -16.28
N GLU M 90 4.88 13.65 -17.28
CA GLU M 90 3.74 13.49 -18.17
C GLU M 90 2.54 12.92 -17.42
N SER M 91 2.80 12.35 -16.26
CA SER M 91 1.76 11.75 -15.45
C SER M 91 0.86 12.76 -14.77
N VAL M 92 1.38 13.94 -14.49
CA VAL M 92 0.61 14.98 -13.81
C VAL M 92 -0.85 15.10 -14.22
N PRO M 93 -1.14 15.36 -15.50
CA PRO M 93 -2.56 15.47 -15.90
C PRO M 93 -3.44 14.34 -15.39
N VAL M 94 -2.94 13.10 -15.49
CA VAL M 94 -3.69 11.93 -15.04
C VAL M 94 -3.76 11.86 -13.51
N LEU M 95 -2.66 12.14 -12.84
CA LEU M 95 -2.66 12.12 -11.38
C LEU M 95 -3.68 13.13 -10.84
N GLU M 96 -3.90 14.21 -11.57
CA GLU M 96 -4.87 15.21 -11.16
C GLU M 96 -6.27 14.65 -11.38
N LEU M 97 -6.46 14.01 -12.52
CA LEU M 97 -7.74 13.42 -12.86
C LEU M 97 -8.17 12.46 -11.76
N PHE M 98 -7.26 11.58 -11.38
CA PHE M 98 -7.54 10.59 -10.35
C PHE M 98 -7.74 11.23 -8.97
N SER M 99 -6.97 12.26 -8.65
CA SER M 99 -7.14 12.90 -7.35
C SER M 99 -8.36 13.82 -7.30
N ASN M 100 -9.06 14.01 -8.42
CA ASN M 100 -10.25 14.85 -8.36
C ASN M 100 -11.36 14.01 -7.74
N ILE M 101 -11.07 12.74 -7.53
CA ILE M 101 -12.02 11.82 -6.90
C ILE M 101 -11.95 12.00 -5.39
N TRP M 102 -13.09 12.31 -4.79
CA TRP M 102 -13.16 12.50 -3.33
C TRP M 102 -12.75 11.20 -2.66
N GLY M 103 -11.70 11.26 -1.84
CA GLY M 103 -11.26 10.07 -1.15
C GLY M 103 -9.99 9.46 -1.71
N ALA M 104 -9.54 9.97 -2.85
CA ALA M 104 -8.32 9.46 -3.48
C ALA M 104 -7.29 10.58 -3.47
N GLY M 105 -6.20 10.40 -2.75
CA GLY M 105 -5.17 11.42 -2.71
C GLY M 105 -4.04 11.08 -3.68
N THR M 106 -2.84 11.61 -3.41
CA THR M 106 -1.69 11.36 -4.28
C THR M 106 -1.20 9.92 -4.26
N LYS M 107 -1.23 9.28 -3.10
CA LYS M 107 -0.75 7.90 -3.04
C LYS M 107 -1.65 7.00 -3.88
N THR M 108 -2.96 7.16 -3.72
CA THR M 108 -3.88 6.34 -4.48
C THR M 108 -3.72 6.64 -5.97
N ALA M 109 -3.63 7.93 -6.30
CA ALA M 109 -3.45 8.33 -7.68
C ALA M 109 -2.19 7.69 -8.25
N GLN M 110 -1.08 7.80 -7.53
CA GLN M 110 0.18 7.22 -7.98
C GLN M 110 0.05 5.71 -8.18
N MET M 111 -0.60 5.04 -7.24
CA MET M 111 -0.79 3.59 -7.32
C MET M 111 -1.57 3.24 -8.58
N TRP M 112 -2.68 3.93 -8.81
CA TRP M 112 -3.47 3.66 -9.99
C TRP M 112 -2.67 3.90 -11.26
N TYR M 113 -1.85 4.95 -11.27
CA TYR M 113 -1.06 5.23 -12.46
C TYR M 113 -0.02 4.13 -12.67
N GLN M 114 0.60 3.67 -11.59
CA GLN M 114 1.59 2.61 -11.71
C GLN M 114 0.96 1.31 -12.21
N GLN M 115 -0.32 1.12 -11.91
CA GLN M 115 -1.00 -0.10 -12.36
C GLN M 115 -1.43 0.05 -13.82
N GLY M 116 -0.98 1.12 -14.45
CA GLY M 116 -1.31 1.36 -15.84
C GLY M 116 -2.67 1.97 -16.15
N PHE M 117 -3.31 2.61 -15.17
CA PHE M 117 -4.62 3.21 -15.42
C PHE M 117 -4.44 4.64 -15.95
N ARG M 118 -5.34 5.06 -16.83
CA ARG M 118 -5.20 6.40 -17.42
C ARG M 118 -6.48 7.22 -17.54
N SER M 119 -7.64 6.56 -17.54
CA SER M 119 -8.89 7.31 -17.65
C SER M 119 -9.80 7.00 -16.47
N LEU M 120 -10.87 7.75 -16.34
CA LEU M 120 -11.79 7.50 -15.26
C LEU M 120 -12.45 6.15 -15.50
N GLU M 121 -12.54 5.77 -16.77
CA GLU M 121 -13.15 4.49 -17.14
C GLU M 121 -12.28 3.32 -16.69
N ASP M 122 -10.97 3.47 -16.81
CA ASP M 122 -10.07 2.41 -16.38
C ASP M 122 -10.31 2.20 -14.89
N ILE M 123 -10.41 3.31 -14.16
CA ILE M 123 -10.63 3.25 -12.73
C ILE M 123 -11.94 2.53 -12.44
N ARG M 124 -13.01 3.03 -13.03
CA ARG M 124 -14.33 2.44 -12.84
C ARG M 124 -14.37 0.96 -13.14
N SER M 125 -13.55 0.52 -14.11
CA SER M 125 -13.51 -0.88 -14.53
C SER M 125 -12.51 -1.82 -13.88
N GLN M 126 -11.29 -1.35 -13.66
CA GLN M 126 -10.27 -2.23 -13.10
C GLN M 126 -9.70 -1.80 -11.76
N ALA M 127 -9.96 -0.57 -11.36
CA ALA M 127 -9.42 -0.08 -10.10
C ALA M 127 -10.13 -0.59 -8.86
N SER M 128 -9.36 -0.81 -7.80
CA SER M 128 -9.92 -1.24 -6.52
C SER M 128 -10.33 0.09 -5.86
N LEU M 129 -11.54 0.17 -5.34
CA LEU M 129 -12.02 1.40 -4.74
C LEU M 129 -12.56 1.26 -3.33
N THR M 130 -12.33 2.28 -2.51
CA THR M 130 -12.85 2.25 -1.15
C THR M 130 -14.30 2.71 -1.26
N THR M 131 -15.07 2.51 -0.20
CA THR M 131 -16.46 2.91 -0.21
C THR M 131 -16.57 4.38 -0.56
N GLN M 132 -15.75 5.21 0.07
CA GLN M 132 -15.77 6.66 -0.18
C GLN M 132 -15.40 6.99 -1.63
N GLN M 133 -14.30 6.40 -2.11
CA GLN M 133 -13.85 6.64 -3.48
C GLN M 133 -14.91 6.23 -4.51
N ALA M 134 -15.61 5.13 -4.26
CA ALA M 134 -16.64 4.68 -5.19
C ALA M 134 -17.71 5.75 -5.30
N ILE M 135 -18.12 6.29 -4.15
CA ILE M 135 -19.13 7.34 -4.14
C ILE M 135 -18.54 8.55 -4.86
N GLY M 136 -17.27 8.83 -4.57
CA GLY M 136 -16.62 9.97 -5.20
C GLY M 136 -16.60 9.78 -6.71
N LEU M 137 -16.41 8.55 -7.15
CA LEU M 137 -16.36 8.25 -8.57
C LEU M 137 -17.69 8.40 -9.30
N LYS M 138 -18.77 7.87 -8.74
CA LYS M 138 -20.04 8.00 -9.42
C LYS M 138 -20.53 9.44 -9.43
N HIS M 139 -20.01 10.28 -8.54
CA HIS M 139 -20.43 11.67 -8.51
C HIS M 139 -19.33 12.62 -8.95
N TYR M 140 -18.38 12.08 -9.74
CA TYR M 140 -17.24 12.84 -10.22
C TYR M 140 -17.62 14.19 -10.84
N SER M 141 -18.48 14.17 -11.85
CA SER M 141 -18.89 15.41 -12.50
C SER M 141 -19.58 16.36 -11.53
N ASP M 142 -20.61 15.86 -10.84
CA ASP M 142 -21.33 16.69 -9.88
C ASP M 142 -20.41 17.36 -8.84
N PHE M 143 -19.54 16.58 -8.21
CA PHE M 143 -18.65 17.12 -7.18
C PHE M 143 -17.57 18.04 -7.72
N LEU M 144 -17.35 17.97 -9.00
CA LEU M 144 -16.36 18.84 -9.63
C LEU M 144 -16.91 20.23 -9.84
N GLU M 145 -18.21 20.38 -10.13
CA GLU M 145 -18.68 21.74 -10.38
C GLU M 145 -19.12 22.46 -9.10
N ARG M 146 -18.83 23.77 -9.08
CA ARG M 146 -19.22 24.63 -7.96
C ARG M 146 -20.71 24.93 -8.14
N MET M 147 -21.49 24.83 -7.08
CA MET M 147 -22.92 25.08 -7.18
C MET M 147 -23.23 26.57 -6.99
N PRO M 148 -24.35 27.02 -7.55
CA PRO M 148 -24.68 28.45 -7.37
C PRO M 148 -24.93 28.72 -5.90
N ARG M 149 -24.54 29.89 -5.45
CA ARG M 149 -24.76 30.29 -4.07
C ARG M 149 -26.21 29.99 -3.65
N GLU M 150 -27.13 30.25 -4.58
CA GLU M 150 -28.56 30.04 -4.34
C GLU M 150 -28.90 28.61 -3.97
N GLU M 151 -28.24 27.65 -4.59
CA GLU M 151 -28.51 26.25 -4.31
C GLU M 151 -27.97 25.91 -2.91
N ALA M 152 -26.84 26.52 -2.56
CA ALA M 152 -26.27 26.28 -1.24
C ALA M 152 -27.29 26.72 -0.20
N THR M 153 -27.94 27.86 -0.47
CA THR M 153 -28.95 28.38 0.44
C THR M 153 -30.08 27.35 0.61
N GLU M 154 -30.62 26.84 -0.49
CA GLU M 154 -31.70 25.86 -0.39
C GLU M 154 -31.27 24.65 0.43
N ILE M 155 -30.03 24.20 0.22
CA ILE M 155 -29.53 23.05 0.97
C ILE M 155 -29.51 23.35 2.46
N GLU M 156 -29.03 24.54 2.81
CA GLU M 156 -28.98 24.93 4.21
C GLU M 156 -30.40 24.96 4.77
N GLN M 157 -31.34 25.51 4.00
CA GLN M 157 -32.72 25.60 4.46
C GLN M 157 -33.31 24.23 4.71
N THR M 158 -32.98 23.29 3.83
CA THR M 158 -33.49 21.94 3.96
C THR M 158 -33.03 21.31 5.26
N VAL M 159 -31.74 21.50 5.57
CA VAL M 159 -31.23 20.95 6.80
C VAL M 159 -31.86 21.67 7.99
N GLN M 160 -31.92 22.99 7.92
CA GLN M 160 -32.45 23.78 9.01
C GLN M 160 -33.88 23.45 9.38
N LYS M 161 -34.73 23.37 8.37
CA LYS M 161 -36.13 23.07 8.58
C LYS M 161 -36.25 21.71 9.28
N ALA M 162 -35.56 20.70 8.78
CA ALA M 162 -35.63 19.38 9.38
C ALA M 162 -35.07 19.34 10.80
N ALA M 163 -34.07 20.17 11.09
CA ALA M 163 -33.51 20.18 12.44
C ALA M 163 -34.47 20.90 13.40
N GLN M 164 -35.01 22.06 13.00
CA GLN M 164 -35.90 22.84 13.84
C GLN M 164 -37.20 22.10 14.16
N ALA M 165 -37.50 21.06 13.39
CA ALA M 165 -38.70 20.28 13.66
C ALA M 165 -38.49 19.53 15.00
N PHE M 166 -37.25 19.21 15.34
CA PHE M 166 -36.99 18.51 16.59
C PHE M 166 -36.89 19.52 17.73
N ASN M 167 -36.33 20.69 17.45
CA ASN M 167 -36.19 21.72 18.47
C ASN M 167 -36.06 23.08 17.78
N SER M 168 -37.12 23.88 17.91
CA SER M 168 -37.21 25.20 17.27
C SER M 168 -36.16 26.23 17.66
N GLY M 169 -35.50 26.03 18.80
CA GLY M 169 -34.47 26.97 19.23
C GLY M 169 -33.06 26.72 18.70
N LEU M 170 -32.89 25.70 17.87
CA LEU M 170 -31.56 25.40 17.32
C LEU M 170 -31.12 26.49 16.36
N LEU M 171 -29.81 26.76 16.35
CA LEU M 171 -29.21 27.74 15.47
C LEU M 171 -28.43 27.01 14.37
N CYS M 172 -28.78 27.23 13.11
CA CYS M 172 -28.10 26.62 11.94
C CYS M 172 -27.48 27.68 11.02
N VAL M 173 -26.26 27.46 10.57
CA VAL M 173 -25.64 28.40 9.67
C VAL M 173 -24.70 27.67 8.74
N ALA M 174 -24.75 28.04 7.46
CA ALA M 174 -23.88 27.42 6.49
C ALA M 174 -22.58 28.19 6.56
N CYS M 175 -21.46 27.45 6.57
CA CYS M 175 -20.14 28.09 6.65
C CYS M 175 -19.36 28.06 5.32
N GLY M 176 -18.09 27.66 5.39
CA GLY M 176 -17.25 27.58 4.20
C GLY M 176 -17.25 28.80 3.30
N SER M 177 -17.07 28.56 2.00
CA SER M 177 -17.03 29.63 1.02
C SER M 177 -18.37 30.34 0.95
N TYR M 178 -19.45 29.63 1.24
CA TYR M 178 -20.77 30.24 1.21
C TYR M 178 -20.86 31.40 2.20
N ARG M 179 -20.39 31.20 3.42
CA ARG M 179 -20.46 32.26 4.41
C ARG M 179 -19.47 33.38 4.06
N ARG M 180 -18.45 33.06 3.27
CA ARG M 180 -17.48 34.07 2.88
C ARG M 180 -18.03 34.90 1.70
N GLY M 181 -19.30 34.67 1.34
CA GLY M 181 -19.93 35.44 0.29
C GLY M 181 -19.69 35.10 -1.17
N LYS M 182 -19.04 33.97 -1.45
CA LYS M 182 -18.74 33.59 -2.83
C LYS M 182 -19.99 33.27 -3.65
N ALA M 183 -19.94 33.61 -4.93
CA ALA M 183 -21.07 33.37 -5.82
C ALA M 183 -21.34 31.89 -6.02
N THR M 184 -20.28 31.08 -5.97
CA THR M 184 -20.43 29.64 -6.14
C THR M 184 -19.73 28.90 -5.01
N CYS M 185 -20.17 27.68 -4.72
CA CYS M 185 -19.61 26.90 -3.63
C CYS M 185 -19.39 25.46 -4.04
N GLY M 186 -18.28 24.88 -3.59
CA GLY M 186 -18.00 23.50 -3.92
C GLY M 186 -18.70 22.52 -3.00
N ASP M 187 -19.23 23.02 -1.88
CA ASP M 187 -19.91 22.17 -0.93
C ASP M 187 -20.63 23.02 0.12
N VAL M 188 -21.38 22.37 1.00
CA VAL M 188 -22.09 23.09 2.03
C VAL M 188 -21.79 22.47 3.38
N ASP M 189 -21.45 23.31 4.36
CA ASP M 189 -21.15 22.83 5.69
C ASP M 189 -22.14 23.50 6.63
N VAL M 190 -23.11 22.74 7.13
CA VAL M 190 -24.12 23.30 8.01
C VAL M 190 -23.75 23.04 9.47
N LEU M 191 -23.42 24.12 10.19
CA LEU M 191 -23.05 24.05 11.60
C LEU M 191 -24.31 24.25 12.45
N ILE M 192 -24.55 23.35 13.40
CA ILE M 192 -25.74 23.43 14.24
C ILE M 192 -25.39 23.43 15.72
N THR M 193 -26.08 24.28 16.48
CA THR M 193 -25.89 24.38 17.93
C THR M 193 -27.20 24.86 18.57
N HIS M 194 -27.18 25.06 19.88
CA HIS M 194 -28.36 25.55 20.59
C HIS M 194 -27.88 26.46 21.73
N PRO M 195 -28.39 27.71 21.76
CA PRO M 195 -28.04 28.71 22.76
C PRO M 195 -28.13 28.27 24.23
N ASP M 196 -28.98 27.31 24.54
CA ASP M 196 -29.11 26.91 25.93
C ASP M 196 -27.94 26.06 26.45
N GLY M 197 -27.03 25.67 25.56
CA GLY M 197 -25.88 24.90 25.97
C GLY M 197 -25.98 23.38 26.02
N ARG M 198 -27.15 22.83 26.06
CA ARG M 198 -27.35 21.38 26.06
C ARG M 198 -28.42 20.84 25.13
N SER M 199 -29.34 21.51 24.65
CA SER M 199 -30.35 20.92 23.79
C SER M 199 -29.90 20.50 22.39
N HIS M 200 -28.62 20.63 22.11
CA HIS M 200 -28.09 20.22 20.81
C HIS M 200 -27.85 18.73 20.86
N ARG M 201 -27.84 18.17 22.06
CA ARG M 201 -27.61 16.74 22.25
C ARG M 201 -28.79 15.90 21.83
N GLY M 202 -28.51 14.77 21.19
CA GLY M 202 -29.57 13.91 20.73
C GLY M 202 -30.31 14.50 19.54
N ILE M 203 -29.61 15.26 18.71
CA ILE M 203 -30.19 15.87 17.52
C ILE M 203 -29.56 15.27 16.26
N PHE M 204 -28.24 15.11 16.30
CA PHE M 204 -27.47 14.60 15.19
C PHE M 204 -28.08 13.40 14.49
N SER M 205 -28.18 12.31 15.23
CA SER M 205 -28.73 11.05 14.69
C SER M 205 -30.13 11.14 14.10
N ARG M 206 -31.08 11.68 14.85
CA ARG M 206 -32.42 11.73 14.32
C ARG M 206 -32.57 12.71 13.17
N LEU M 207 -31.63 13.64 13.05
CA LEU M 207 -31.65 14.61 11.96
C LEU M 207 -31.21 13.93 10.66
N LEU M 208 -30.12 13.17 10.73
CA LEU M 208 -29.64 12.44 9.56
C LEU M 208 -30.76 11.48 9.15
N ASP M 209 -31.41 10.92 10.15
CA ASP M 209 -32.50 9.99 9.92
C ASP M 209 -33.63 10.65 9.12
N SER M 210 -34.11 11.76 9.67
CA SER M 210 -35.16 12.53 9.05
C SER M 210 -34.79 12.87 7.60
N LEU M 211 -33.57 13.36 7.39
CA LEU M 211 -33.13 13.73 6.06
C LEU M 211 -33.03 12.51 5.12
N ARG M 212 -32.66 11.34 5.65
CA ARG M 212 -32.60 10.16 4.79
C ARG M 212 -34.01 9.71 4.41
N GLN M 213 -34.89 9.65 5.41
CA GLN M 213 -36.26 9.25 5.16
C GLN M 213 -36.86 10.08 4.05
N GLU M 214 -36.65 11.40 4.07
CA GLU M 214 -37.22 12.22 3.03
C GLU M 214 -36.40 12.22 1.72
N GLY M 215 -35.45 11.28 1.63
CA GLY M 215 -34.63 11.14 0.44
C GLY M 215 -33.67 12.27 0.10
N PHE M 216 -33.36 13.13 1.06
CA PHE M 216 -32.45 14.24 0.81
C PHE M 216 -30.99 13.78 0.75
N LEU M 217 -30.61 12.90 1.67
CA LEU M 217 -29.24 12.36 1.71
C LEU M 217 -29.21 11.12 0.85
N THR M 218 -28.33 11.11 -0.15
CA THR M 218 -28.23 9.99 -1.06
C THR M 218 -27.07 9.04 -0.80
N ASP M 219 -26.00 9.55 -0.19
CA ASP M 219 -24.81 8.73 0.10
C ASP M 219 -24.06 9.27 1.31
N ASP M 220 -23.48 8.37 2.11
CA ASP M 220 -22.70 8.76 3.28
C ASP M 220 -21.21 8.54 3.01
N LEU M 221 -20.38 9.54 3.33
CA LEU M 221 -18.94 9.40 3.15
C LEU M 221 -18.39 8.98 4.52
N VAL M 222 -18.89 9.64 5.55
CA VAL M 222 -18.57 9.32 6.95
C VAL M 222 -19.90 9.56 7.65
N SER M 223 -20.57 8.49 8.05
CA SER M 223 -21.88 8.60 8.67
C SER M 223 -21.83 9.36 9.99
N GLN M 224 -20.79 9.10 10.78
CA GLN M 224 -20.64 9.81 12.03
C GLN M 224 -19.17 9.91 12.42
N GLU M 225 -18.77 11.10 12.81
CA GLU M 225 -17.42 11.34 13.25
C GLU M 225 -17.49 12.06 14.59
N GLU M 226 -16.93 11.46 15.62
CA GLU M 226 -16.96 12.05 16.97
C GLU M 226 -15.64 12.73 17.30
N ASN M 227 -15.65 14.06 17.38
CA ASN M 227 -14.45 14.79 17.72
C ASN M 227 -14.73 15.57 19.01
N GLY M 228 -14.40 14.98 20.15
CA GLY M 228 -14.69 15.66 21.40
C GLY M 228 -16.20 15.71 21.48
N GLN M 229 -16.77 16.89 21.76
CA GLN M 229 -18.23 16.99 21.82
C GLN M 229 -18.88 17.36 20.48
N GLN M 230 -18.08 17.41 19.42
CA GLN M 230 -18.59 17.76 18.10
C GLN M 230 -18.90 16.50 17.31
N GLN M 231 -20.07 16.49 16.69
CA GLN M 231 -20.51 15.37 15.87
C GLN M 231 -20.55 15.89 14.45
N LYS M 232 -19.90 15.17 13.55
CA LYS M 232 -19.86 15.60 12.16
C LYS M 232 -20.28 14.52 11.18
N TYR M 233 -21.01 14.94 10.16
CA TYR M 233 -21.47 14.06 9.11
C TYR M 233 -20.88 14.57 7.81
N LEU M 234 -20.31 13.67 7.01
CA LEU M 234 -19.74 14.02 5.71
C LEU M 234 -20.52 13.16 4.72
N GLY M 235 -21.31 13.80 3.87
CA GLY M 235 -22.11 13.03 2.93
C GLY M 235 -22.43 13.69 1.60
N VAL M 236 -23.49 13.19 1.01
CA VAL M 236 -23.95 13.65 -0.30
C VAL M 236 -25.45 13.89 -0.26
N CYS M 237 -25.88 15.02 -0.78
CA CYS M 237 -27.31 15.31 -0.81
C CYS M 237 -27.73 15.73 -2.22
N ARG M 238 -29.04 15.81 -2.42
CA ARG M 238 -29.61 16.24 -3.70
C ARG M 238 -31.01 16.77 -3.41
N LEU M 239 -31.23 18.04 -3.72
CA LEU M 239 -32.51 18.67 -3.50
C LEU M 239 -33.58 18.01 -4.36
N PRO M 240 -34.84 18.05 -3.92
CA PRO M 240 -35.93 17.45 -4.71
C PRO M 240 -35.99 18.22 -6.02
N GLY M 241 -36.56 17.60 -7.05
CA GLY M 241 -36.69 18.28 -8.32
C GLY M 241 -35.92 17.60 -9.44
N PRO M 242 -36.45 17.65 -10.66
CA PRO M 242 -35.77 17.02 -11.79
C PRO M 242 -34.57 17.88 -12.16
N GLY M 243 -33.51 17.26 -12.67
CA GLY M 243 -32.36 18.05 -13.06
C GLY M 243 -31.47 18.60 -11.95
N ARG M 244 -31.64 18.13 -10.73
CA ARG M 244 -30.80 18.59 -9.63
C ARG M 244 -29.55 17.70 -9.58
N ARG M 245 -28.41 18.29 -9.28
CA ARG M 245 -27.17 17.52 -9.16
C ARG M 245 -27.00 17.06 -7.72
N HIS M 246 -26.08 16.11 -7.49
CA HIS M 246 -25.78 15.65 -6.13
C HIS M 246 -24.73 16.63 -5.62
N ARG M 247 -24.73 16.93 -4.32
CA ARG M 247 -23.76 17.88 -3.77
C ARG M 247 -23.12 17.39 -2.48
N ARG M 248 -21.91 17.87 -2.23
CA ARG M 248 -21.19 17.52 -1.01
C ARG M 248 -21.80 18.31 0.15
N LEU M 249 -22.27 17.59 1.16
CA LEU M 249 -22.87 18.20 2.35
C LEU M 249 -22.25 17.68 3.64
N ASP M 250 -21.91 18.59 4.53
CA ASP M 250 -21.35 18.26 5.83
C ASP M 250 -22.28 18.83 6.87
N ILE M 251 -22.53 18.10 7.94
CA ILE M 251 -23.37 18.60 9.01
C ILE M 251 -22.59 18.45 10.31
N ILE M 252 -22.49 19.53 11.06
CA ILE M 252 -21.75 19.52 12.31
C ILE M 252 -22.58 20.07 13.46
N VAL M 253 -22.72 19.27 14.52
CA VAL M 253 -23.47 19.66 15.69
C VAL M 253 -22.48 19.88 16.83
N VAL M 254 -22.48 21.07 17.39
CA VAL M 254 -21.56 21.37 18.47
C VAL M 254 -22.21 22.03 19.66
N PRO M 255 -21.62 21.87 20.84
CA PRO M 255 -22.18 22.49 22.03
C PRO M 255 -21.99 24.00 21.86
N TYR M 256 -22.89 24.80 22.41
CA TYR M 256 -22.81 26.25 22.25
C TYR M 256 -21.47 26.84 22.68
N SER M 257 -20.88 26.30 23.75
CA SER M 257 -19.61 26.83 24.23
C SER M 257 -18.50 26.81 23.17
N GLU M 258 -18.64 25.95 22.16
CA GLU M 258 -17.61 25.89 21.11
C GLU M 258 -18.12 26.46 19.77
N PHE M 259 -19.32 27.02 19.77
CA PHE M 259 -19.88 27.55 18.54
C PHE M 259 -18.99 28.59 17.84
N ALA M 260 -18.50 29.55 18.59
CA ALA M 260 -17.66 30.58 17.98
C ALA M 260 -16.49 29.98 17.21
N CYS M 261 -15.64 29.22 17.92
CA CYS M 261 -14.47 28.61 17.29
C CYS M 261 -14.85 27.64 16.16
N ALA M 262 -15.97 26.94 16.32
CA ALA M 262 -16.39 26.02 15.27
C ALA M 262 -16.79 26.85 14.05
N LEU M 263 -17.50 27.96 14.29
CA LEU M 263 -17.94 28.83 13.22
C LEU M 263 -16.72 29.39 12.47
N LEU M 264 -15.71 29.80 13.24
CA LEU M 264 -14.52 30.38 12.66
C LEU M 264 -13.75 29.36 11.82
N TYR M 265 -13.57 28.18 12.40
CA TYR M 265 -12.84 27.11 11.73
C TYR M 265 -13.50 26.64 10.44
N PHE M 266 -14.79 26.33 10.49
CA PHE M 266 -15.45 25.82 9.28
C PHE M 266 -15.74 26.89 8.22
N THR M 267 -15.60 28.16 8.58
CA THR M 267 -15.82 29.21 7.59
C THR M 267 -14.51 29.41 6.83
N GLY M 268 -13.40 29.01 7.44
CA GLY M 268 -12.10 29.13 6.80
C GLY M 268 -11.80 30.55 6.33
N SER M 269 -11.09 30.70 5.22
CA SER M 269 -10.57 29.60 4.40
C SER M 269 -9.45 28.84 5.13
N ALA M 270 -8.96 27.78 4.50
CA ALA M 270 -7.89 26.97 5.09
C ALA M 270 -6.64 27.84 5.33
N HIS M 271 -6.40 28.82 4.46
CA HIS M 271 -5.26 29.71 4.62
C HIS M 271 -5.50 30.65 5.81
N PHE M 272 -6.74 31.10 5.95
CA PHE M 272 -7.07 31.99 7.05
C PHE M 272 -6.87 31.26 8.37
N ASN M 273 -7.40 30.05 8.48
CA ASN M 273 -7.24 29.28 9.71
C ASN M 273 -5.75 29.10 9.99
N ARG M 274 -4.99 28.80 8.96
CA ARG M 274 -3.55 28.58 9.11
C ARG M 274 -2.90 29.82 9.72
N SER M 275 -3.24 30.99 9.19
CA SER M 275 -2.63 32.20 9.70
C SER M 275 -3.06 32.47 11.14
N MET M 276 -4.32 32.15 11.47
CA MET M 276 -4.80 32.36 12.83
C MET M 276 -4.11 31.44 13.84
N ARG M 277 -3.76 30.21 13.44
CA ARG M 277 -3.10 29.30 14.35
C ARG M 277 -1.68 29.83 14.60
N ALA M 278 -1.03 30.27 13.54
CA ALA M 278 0.33 30.78 13.63
C ALA M 278 0.39 31.95 14.59
N LEU M 279 -0.60 32.84 14.48
CA LEU M 279 -0.68 34.01 15.32
C LEU M 279 -0.98 33.63 16.77
N ALA M 280 -1.86 32.64 16.97
CA ALA M 280 -2.18 32.22 18.32
C ALA M 280 -0.89 31.75 18.98
N LYS M 281 -0.14 30.95 18.25
CA LYS M 281 1.11 30.39 18.72
C LYS M 281 2.06 31.50 19.22
N THR M 282 2.21 32.57 18.45
CA THR M 282 3.10 33.65 18.86
C THR M 282 2.64 34.32 20.16
N LYS M 283 1.35 34.21 20.48
CA LYS M 283 0.83 34.81 21.70
C LYS M 283 0.79 33.79 22.82
N GLY M 284 1.30 32.58 22.54
CA GLY M 284 1.30 31.54 23.55
C GLY M 284 -0.06 30.89 23.72
N MET M 285 -0.77 30.76 22.60
CA MET M 285 -2.10 30.16 22.59
C MET M 285 -2.25 29.20 21.42
N SER M 286 -3.31 28.41 21.43
CA SER M 286 -3.57 27.47 20.34
C SER M 286 -5.03 27.67 19.94
N LEU M 287 -5.30 27.59 18.64
CA LEU M 287 -6.66 27.75 18.14
C LEU M 287 -7.09 26.50 17.37
N SER M 288 -8.19 25.91 17.78
CA SER M 288 -8.70 24.71 17.12
C SER M 288 -10.17 24.94 16.81
N GLU M 289 -10.81 23.91 16.26
CA GLU M 289 -12.22 23.98 15.91
C GLU M 289 -13.03 23.94 17.20
N HIS M 290 -12.36 23.64 18.30
CA HIS M 290 -13.02 23.55 19.60
C HIS M 290 -12.91 24.81 20.43
N ALA M 291 -11.73 25.40 20.46
CA ALA M 291 -11.53 26.58 21.29
C ALA M 291 -10.20 27.26 21.12
N LEU M 292 -10.10 28.43 21.77
CA LEU M 292 -8.88 29.22 21.83
C LEU M 292 -8.39 28.83 23.21
N SER M 293 -7.15 28.37 23.32
CA SER M 293 -6.61 27.96 24.61
C SER M 293 -5.18 28.43 24.85
N THR M 294 -4.77 28.46 26.11
CA THR M 294 -3.40 28.84 26.44
C THR M 294 -2.61 27.63 25.94
N ALA M 295 -1.33 27.84 25.63
CA ALA M 295 -0.49 26.74 25.13
C ALA M 295 -0.44 25.61 26.14
N VAL M 296 -0.29 24.38 25.66
CA VAL M 296 -0.23 23.21 26.53
C VAL M 296 1.04 23.18 27.37
N VAL M 297 0.99 22.42 28.46
CA VAL M 297 2.13 22.28 29.36
C VAL M 297 3.04 21.16 28.84
N ARG M 298 4.34 21.41 28.81
CA ARG M 298 5.31 20.43 28.31
C ARG M 298 6.50 20.22 29.26
N ASN M 299 6.86 18.96 29.49
CA ASN M 299 7.97 18.62 30.37
C ASN M 299 9.33 19.07 29.84
N THR M 300 10.38 18.74 30.59
CA THR M 300 11.74 19.12 30.20
C THR M 300 12.07 18.65 28.79
N HIS M 301 11.60 17.45 28.46
CA HIS M 301 11.83 16.87 27.15
C HIS M 301 10.98 17.63 26.13
N GLY M 302 10.19 18.57 26.63
CA GLY M 302 9.33 19.38 25.78
C GLY M 302 8.21 18.61 25.11
N CYS M 303 7.38 17.95 25.91
CA CYS M 303 6.29 17.17 25.34
C CYS M 303 4.96 17.30 26.07
N LYS M 304 3.90 17.52 25.28
CA LYS M 304 2.55 17.67 25.79
C LYS M 304 2.25 16.69 26.90
N VAL M 305 2.02 17.23 28.10
CA VAL M 305 1.72 16.41 29.26
C VAL M 305 0.65 17.11 30.11
N GLY M 306 -0.14 17.97 29.47
CA GLY M 306 -1.18 18.69 30.17
C GLY M 306 -1.82 19.78 29.32
N PRO M 307 -3.10 19.60 28.93
CA PRO M 307 -3.85 20.56 28.10
C PRO M 307 -3.82 21.99 28.64
N GLY M 308 -4.00 22.95 27.74
CA GLY M 308 -4.01 24.34 28.17
C GLY M 308 -5.39 24.63 28.72
N ARG M 309 -5.57 25.84 29.25
CA ARG M 309 -6.86 26.22 29.79
C ARG M 309 -7.65 26.88 28.66
N VAL M 310 -8.90 26.47 28.47
CA VAL M 310 -9.74 27.07 27.44
C VAL M 310 -10.10 28.50 27.81
N LEU M 311 -9.98 29.43 26.86
CA LEU M 311 -10.35 30.81 27.10
C LEU M 311 -11.72 30.98 26.46
N PRO M 312 -12.78 31.03 27.28
CA PRO M 312 -14.14 31.19 26.77
C PRO M 312 -14.28 32.25 25.69
N THR M 313 -15.01 31.90 24.63
CA THR M 313 -15.25 32.81 23.52
C THR M 313 -16.67 32.61 22.97
N PRO M 314 -17.64 33.43 23.45
CA PRO M 314 -19.04 33.34 23.01
C PRO M 314 -19.24 33.60 21.52
N THR M 315 -18.52 34.58 20.99
CA THR M 315 -18.68 34.93 19.58
C THR M 315 -17.32 34.99 18.91
N GLU M 316 -17.33 34.98 17.58
CA GLU M 316 -16.09 35.05 16.82
C GLU M 316 -15.27 36.26 17.25
N LYS M 317 -15.96 37.38 17.50
CA LYS M 317 -15.29 38.61 17.91
C LYS M 317 -14.46 38.40 19.16
N ASP M 318 -15.00 37.61 20.08
CA ASP M 318 -14.28 37.32 21.32
C ASP M 318 -12.92 36.67 20.96
N VAL M 319 -12.92 35.79 19.95
CA VAL M 319 -11.68 35.15 19.55
C VAL M 319 -10.71 36.17 19.00
N PHE M 320 -11.18 37.07 18.15
CA PHE M 320 -10.29 38.08 17.59
C PHE M 320 -9.74 38.99 18.69
N ARG M 321 -10.62 39.39 19.59
CA ARG M 321 -10.24 40.26 20.70
C ARG M 321 -9.15 39.65 21.57
N LEU M 322 -9.32 38.40 21.97
CA LEU M 322 -8.32 37.76 22.81
C LEU M 322 -6.99 37.56 22.09
N LEU M 323 -7.00 37.62 20.77
CA LEU M 323 -5.77 37.47 19.99
C LEU M 323 -5.22 38.84 19.64
N GLY M 324 -5.79 39.87 20.23
CA GLY M 324 -5.34 41.23 19.96
C GLY M 324 -5.46 41.56 18.47
N LEU M 325 -6.53 41.11 17.86
CA LEU M 325 -6.76 41.34 16.44
C LEU M 325 -8.04 42.07 16.13
N PRO M 326 -8.06 42.82 15.03
CA PRO M 326 -9.24 43.57 14.59
C PRO M 326 -10.17 42.51 14.01
N TYR M 327 -11.45 42.59 14.27
CA TYR M 327 -12.37 41.60 13.72
C TYR M 327 -12.38 41.64 12.20
N ARG M 328 -12.30 40.47 11.58
CA ARG M 328 -12.35 40.41 10.13
C ARG M 328 -13.64 39.75 9.67
N GLU M 329 -14.40 40.47 8.85
CA GLU M 329 -15.67 39.95 8.34
C GLU M 329 -15.39 38.68 7.53
N PRO M 330 -16.35 37.75 7.51
CA PRO M 330 -16.15 36.50 6.75
C PRO M 330 -15.72 36.75 5.29
N ALA M 331 -16.30 37.76 4.66
CA ALA M 331 -15.97 38.05 3.28
C ALA M 331 -14.49 38.39 3.09
N GLU M 332 -13.82 38.76 4.16
CA GLU M 332 -12.41 39.11 4.08
C GLU M 332 -11.48 37.99 4.57
N ARG M 333 -11.98 36.76 4.67
CA ARG M 333 -11.15 35.66 5.16
C ARG M 333 -10.63 34.69 4.11
N ASP M 334 -10.32 35.20 2.93
CA ASP M 334 -9.78 34.34 1.87
C ASP M 334 -8.34 33.97 2.19
N TRP M 335 -7.64 34.88 2.86
CA TRP M 335 -6.25 34.68 3.25
C TRP M 335 -5.98 35.19 4.64
N ASN N 11 23.80 4.23 -45.86
CA ASN N 11 22.79 4.47 -44.83
C ASN N 11 21.55 5.05 -45.48
N HIS N 12 20.50 4.24 -45.57
CA HIS N 12 19.23 4.69 -46.16
C HIS N 12 18.30 5.17 -45.07
N ASN N 13 18.81 5.21 -43.84
CA ASN N 13 18.03 5.64 -42.68
C ASN N 13 18.74 6.72 -41.87
N LEU N 14 19.60 7.50 -42.52
CA LEU N 14 20.33 8.56 -41.84
C LEU N 14 19.38 9.42 -41.02
N HIS N 15 18.26 9.78 -41.61
CA HIS N 15 17.24 10.61 -40.97
C HIS N 15 16.84 10.14 -39.55
N ILE N 16 16.75 8.84 -39.37
CA ILE N 16 16.37 8.26 -38.08
C ILE N 16 17.59 8.15 -37.16
N THR N 17 18.58 7.40 -37.61
CA THR N 17 19.81 7.17 -36.86
C THR N 17 20.37 8.42 -36.17
N GLU N 18 20.17 9.59 -36.79
CA GLU N 18 20.65 10.85 -36.22
C GLU N 18 20.13 11.07 -34.81
N LYS N 19 18.80 11.05 -34.69
CA LYS N 19 18.11 11.25 -33.41
C LYS N 19 18.53 10.19 -32.39
N LEU N 20 18.36 8.93 -32.77
CA LEU N 20 18.70 7.81 -31.89
C LEU N 20 20.06 7.97 -31.23
N GLU N 21 21.10 8.21 -32.05
CA GLU N 21 22.45 8.37 -31.55
C GLU N 21 22.51 9.43 -30.45
N VAL N 22 21.72 10.49 -30.61
CA VAL N 22 21.68 11.55 -29.61
C VAL N 22 21.10 11.01 -28.31
N LEU N 23 19.97 10.32 -28.42
CA LEU N 23 19.34 9.77 -27.23
C LEU N 23 20.23 8.70 -26.61
N ALA N 24 20.93 7.96 -27.46
CA ALA N 24 21.82 6.90 -26.99
C ALA N 24 23.02 7.49 -26.25
N LYS N 25 23.58 8.58 -26.77
CA LYS N 25 24.72 9.23 -26.13
C LYS N 25 24.24 9.70 -24.77
N ALA N 26 23.06 10.28 -24.73
CA ALA N 26 22.47 10.79 -23.49
C ALA N 26 22.37 9.71 -22.42
N TYR N 27 21.93 8.52 -22.82
CA TYR N 27 21.78 7.40 -21.89
C TYR N 27 23.14 6.93 -21.40
N SER N 28 24.12 6.94 -22.29
CA SER N 28 25.47 6.51 -21.94
C SER N 28 26.06 7.42 -20.86
N VAL N 29 26.12 8.72 -21.11
CA VAL N 29 26.69 9.64 -20.14
C VAL N 29 26.00 9.56 -18.78
N GLN N 30 24.74 9.17 -18.76
CA GLN N 30 24.00 9.07 -17.50
C GLN N 30 24.24 7.75 -16.76
N GLY N 31 25.10 6.91 -17.34
CA GLY N 31 25.42 5.64 -16.71
C GLY N 31 24.57 4.44 -17.03
N ASP N 32 23.61 4.59 -17.95
CA ASP N 32 22.74 3.48 -18.34
C ASP N 32 23.33 2.81 -19.58
N LYS N 33 24.51 2.20 -19.42
CA LYS N 33 25.23 1.56 -20.51
C LYS N 33 24.51 0.46 -21.30
N TRP N 34 23.67 -0.33 -20.64
CA TRP N 34 22.95 -1.39 -21.34
C TRP N 34 21.84 -0.88 -22.25
N ARG N 35 21.08 0.11 -21.78
CA ARG N 35 20.04 0.66 -22.65
C ARG N 35 20.78 1.35 -23.79
N ALA N 36 21.94 1.92 -23.49
CA ALA N 36 22.75 2.61 -24.49
C ALA N 36 23.25 1.62 -25.53
N LEU N 37 23.69 0.45 -25.08
CA LEU N 37 24.15 -0.58 -26.01
C LEU N 37 22.97 -0.99 -26.88
N GLY N 38 21.78 -1.02 -26.26
CA GLY N 38 20.57 -1.37 -26.98
C GLY N 38 20.33 -0.42 -28.15
N TYR N 39 20.32 0.87 -27.87
CA TYR N 39 20.12 1.84 -28.93
C TYR N 39 21.26 1.68 -29.94
N ALA N 40 22.49 1.63 -29.43
CA ALA N 40 23.66 1.48 -30.29
C ALA N 40 23.43 0.38 -31.33
N LYS N 41 23.05 -0.80 -30.85
CA LYS N 41 22.82 -1.95 -31.73
C LYS N 41 21.68 -1.73 -32.72
N ALA N 42 20.64 -1.01 -32.27
CA ALA N 42 19.50 -0.73 -33.14
C ALA N 42 19.95 0.18 -34.28
N ILE N 43 20.82 1.12 -33.95
CA ILE N 43 21.34 2.06 -34.93
C ILE N 43 22.15 1.34 -36.03
N ASN N 44 22.94 0.35 -35.64
CA ASN N 44 23.74 -0.39 -36.61
C ASN N 44 22.82 -1.20 -37.51
N ALA N 45 21.76 -1.75 -36.94
CA ALA N 45 20.80 -2.54 -37.70
C ALA N 45 20.14 -1.66 -38.75
N LEU N 46 19.88 -0.41 -38.39
CA LEU N 46 19.24 0.53 -39.30
C LEU N 46 20.21 0.97 -40.40
N LYS N 47 21.47 1.16 -40.03
CA LYS N 47 22.49 1.56 -40.99
C LYS N 47 22.74 0.47 -42.02
N SER N 48 22.88 -0.76 -41.54
CA SER N 48 23.15 -1.87 -42.43
C SER N 48 21.88 -2.48 -43.04
N PHE N 49 20.78 -1.76 -43.00
CA PHE N 49 19.54 -2.28 -43.60
C PHE N 49 19.75 -2.08 -45.09
N HIS N 50 18.92 -2.72 -45.90
CA HIS N 50 19.05 -2.60 -47.36
C HIS N 50 18.13 -1.54 -47.99
N LYS N 51 17.38 -0.81 -47.17
CA LYS N 51 16.45 0.22 -47.67
C LYS N 51 15.89 1.08 -46.53
N PRO N 52 15.17 2.16 -46.87
CA PRO N 52 14.59 3.04 -45.85
C PRO N 52 13.52 2.30 -45.06
N VAL N 53 13.33 2.66 -43.80
CA VAL N 53 12.31 2.03 -42.96
C VAL N 53 11.09 2.94 -43.10
N THR N 54 9.98 2.40 -43.62
CA THR N 54 8.79 3.20 -43.82
C THR N 54 7.57 2.88 -42.95
N SER N 55 7.67 1.87 -42.11
CA SER N 55 6.52 1.53 -41.25
C SER N 55 6.89 0.79 -39.96
N TYR N 56 5.92 0.71 -39.05
CA TYR N 56 6.11 0.04 -37.76
C TYR N 56 6.43 -1.43 -37.97
N GLN N 57 5.57 -2.12 -38.71
CA GLN N 57 5.75 -3.54 -38.97
C GLN N 57 7.09 -3.83 -39.65
N GLU N 58 7.44 -3.03 -40.66
CA GLU N 58 8.71 -3.23 -41.36
C GLU N 58 9.86 -3.10 -40.35
N ALA N 59 9.72 -2.16 -39.43
CA ALA N 59 10.74 -1.94 -38.41
C ALA N 59 10.84 -3.19 -37.53
N CYS N 60 9.70 -3.73 -37.12
CA CYS N 60 9.65 -4.91 -36.27
C CYS N 60 10.21 -6.18 -36.93
N SER N 61 10.46 -6.12 -38.24
CA SER N 61 10.98 -7.29 -38.95
C SER N 61 12.50 -7.27 -38.98
N ILE N 62 13.08 -6.23 -38.38
CA ILE N 62 14.53 -6.09 -38.35
C ILE N 62 15.12 -6.52 -37.01
N PRO N 63 16.06 -7.48 -37.05
CA PRO N 63 16.68 -7.94 -35.80
C PRO N 63 17.33 -6.74 -35.11
N GLY N 64 17.17 -6.64 -33.80
CA GLY N 64 17.77 -5.53 -33.07
C GLY N 64 16.79 -4.39 -32.87
N ILE N 65 15.56 -4.56 -33.32
CA ILE N 65 14.54 -3.54 -33.17
C ILE N 65 13.23 -4.14 -32.65
N GLY N 66 12.96 -3.90 -31.36
CA GLY N 66 11.74 -4.40 -30.75
C GLY N 66 10.60 -3.42 -30.95
N LYS N 67 9.51 -3.59 -30.21
CA LYS N 67 8.37 -2.68 -30.33
C LYS N 67 8.80 -1.27 -29.91
N ARG N 68 9.46 -1.17 -28.76
CA ARG N 68 9.93 0.10 -28.21
C ARG N 68 10.73 0.92 -29.22
N MET N 69 11.74 0.30 -29.82
CA MET N 69 12.58 1.01 -30.79
C MET N 69 11.76 1.38 -32.03
N ALA N 70 10.82 0.52 -32.40
CA ALA N 70 9.98 0.78 -33.57
C ALA N 70 9.00 1.90 -33.32
N GLU N 71 8.59 2.08 -32.06
CA GLU N 71 7.67 3.16 -31.71
C GLU N 71 8.34 4.51 -31.98
N LYS N 72 9.64 4.57 -31.71
CA LYS N 72 10.42 5.80 -31.90
C LYS N 72 10.69 6.05 -33.38
N ILE N 73 11.02 4.98 -34.11
CA ILE N 73 11.28 5.10 -35.53
C ILE N 73 10.01 5.64 -36.20
N ILE N 74 8.86 5.10 -35.81
CA ILE N 74 7.60 5.51 -36.39
C ILE N 74 7.22 6.92 -35.95
N GLU N 75 7.63 7.31 -34.74
CA GLU N 75 7.31 8.66 -34.27
C GLU N 75 8.09 9.66 -35.12
N ILE N 76 9.36 9.35 -35.39
CA ILE N 76 10.21 10.21 -36.21
C ILE N 76 9.61 10.36 -37.62
N LEU N 77 9.32 9.25 -38.29
CA LEU N 77 8.75 9.30 -39.63
C LEU N 77 7.44 10.07 -39.72
N GLU N 78 6.62 10.00 -38.67
CA GLU N 78 5.32 10.67 -38.66
C GLU N 78 5.25 12.12 -38.19
N SER N 79 5.99 12.46 -37.13
CA SER N 79 5.98 13.82 -36.61
C SER N 79 7.28 14.55 -36.94
N GLY N 80 8.24 13.78 -37.46
CA GLY N 80 9.53 14.37 -37.82
C GLY N 80 10.48 14.58 -36.65
N HIS N 81 10.12 14.07 -35.48
CA HIS N 81 10.97 14.27 -34.32
C HIS N 81 11.08 13.04 -33.44
N LEU N 82 11.34 13.29 -32.16
CA LEU N 82 11.48 12.25 -31.16
C LEU N 82 11.26 12.97 -29.82
N ARG N 83 10.02 12.97 -29.37
CA ARG N 83 9.63 13.63 -28.13
C ARG N 83 10.63 13.47 -26.99
N LYS N 84 11.16 12.26 -26.82
CA LYS N 84 12.11 11.98 -25.76
C LYS N 84 13.36 12.86 -25.80
N LEU N 85 13.74 13.30 -27.01
CA LEU N 85 14.92 14.16 -27.17
C LEU N 85 14.72 15.56 -26.62
N ASP N 86 13.50 16.07 -26.75
CA ASP N 86 13.16 17.40 -26.28
C ASP N 86 13.17 17.53 -24.77
N HIS N 87 12.82 16.46 -24.07
CA HIS N 87 12.76 16.50 -22.61
C HIS N 87 13.96 15.86 -21.92
N ILE N 88 15.12 15.88 -22.57
CA ILE N 88 16.33 15.31 -21.97
C ILE N 88 16.85 16.21 -20.86
N SER N 89 17.25 15.59 -19.76
CA SER N 89 17.76 16.34 -18.61
C SER N 89 18.80 17.35 -19.05
N GLU N 90 18.73 18.55 -18.47
CA GLU N 90 19.66 19.62 -18.81
C GLU N 90 21.09 19.29 -18.39
N SER N 91 21.24 18.40 -17.43
CA SER N 91 22.55 17.99 -16.92
C SER N 91 23.43 17.28 -17.96
N VAL N 92 22.80 16.53 -18.85
CA VAL N 92 23.51 15.77 -19.89
C VAL N 92 24.71 16.46 -20.51
N PRO N 93 24.55 17.69 -21.03
CA PRO N 93 25.70 18.37 -21.64
C PRO N 93 26.91 18.47 -20.71
N VAL N 94 26.64 18.76 -19.44
CA VAL N 94 27.71 18.88 -18.45
C VAL N 94 28.28 17.49 -18.14
N LEU N 95 27.40 16.50 -18.05
CA LEU N 95 27.84 15.13 -17.77
C LEU N 95 28.81 14.65 -18.85
N GLU N 96 28.53 14.99 -20.11
CA GLU N 96 29.40 14.59 -21.22
C GLU N 96 30.73 15.33 -21.14
N LEU N 97 30.64 16.62 -20.85
CA LEU N 97 31.81 17.48 -20.72
C LEU N 97 32.77 16.84 -19.73
N PHE N 98 32.25 16.48 -18.56
CA PHE N 98 33.06 15.87 -17.51
C PHE N 98 33.58 14.50 -17.91
N SER N 99 32.73 13.68 -18.53
CA SER N 99 33.13 12.34 -18.93
C SER N 99 34.03 12.32 -20.17
N ASN N 100 34.40 13.50 -20.67
CA ASN N 100 35.31 13.54 -21.82
C ASN N 100 36.73 13.55 -21.27
N ILE N 101 36.82 13.65 -19.94
CA ILE N 101 38.11 13.65 -19.26
C ILE N 101 38.57 12.22 -19.06
N TRP N 102 39.67 11.84 -19.69
CA TRP N 102 40.19 10.48 -19.56
C TRP N 102 40.32 10.12 -18.07
N GLY N 103 39.68 9.02 -17.67
CA GLY N 103 39.74 8.60 -16.29
C GLY N 103 38.49 8.97 -15.52
N ALA N 104 37.68 9.86 -16.10
CA ALA N 104 36.44 10.30 -15.47
C ALA N 104 35.26 9.63 -16.15
N GLY N 105 34.53 8.81 -15.40
CA GLY N 105 33.38 8.12 -15.97
C GLY N 105 32.05 8.72 -15.57
N THR N 106 30.96 7.97 -15.79
CA THR N 106 29.63 8.44 -15.44
C THR N 106 29.46 8.71 -13.94
N LYS N 107 29.94 7.79 -13.10
CA LYS N 107 29.82 7.95 -11.66
C LYS N 107 30.52 9.22 -11.20
N THR N 108 31.69 9.48 -11.77
CA THR N 108 32.47 10.66 -11.41
C THR N 108 31.80 11.94 -11.93
N ALA N 109 31.28 11.88 -13.15
CA ALA N 109 30.62 13.03 -13.75
C ALA N 109 29.44 13.42 -12.88
N GLN N 110 28.68 12.42 -12.44
CA GLN N 110 27.52 12.65 -11.60
C GLN N 110 27.92 13.22 -10.25
N MET N 111 29.00 12.71 -9.68
CA MET N 111 29.47 13.19 -8.38
C MET N 111 29.77 14.69 -8.48
N TRP N 112 30.57 15.07 -9.48
CA TRP N 112 30.92 16.48 -9.64
C TRP N 112 29.71 17.37 -9.93
N TYR N 113 28.77 16.88 -10.72
CA TYR N 113 27.58 17.64 -11.05
C TYR N 113 26.76 17.94 -9.80
N GLN N 114 26.60 16.95 -8.93
CA GLN N 114 25.85 17.12 -7.70
C GLN N 114 26.59 18.08 -6.77
N GLN N 115 27.85 18.33 -7.08
CA GLN N 115 28.66 19.23 -6.29
C GLN N 115 28.65 20.64 -6.88
N GLY N 116 27.64 20.91 -7.71
CA GLY N 116 27.53 22.23 -8.31
C GLY N 116 28.47 22.54 -9.46
N PHE N 117 29.50 21.72 -9.65
CA PHE N 117 30.46 21.95 -10.74
C PHE N 117 29.74 21.90 -12.08
N ARG N 118 30.01 22.89 -12.94
CA ARG N 118 29.37 22.96 -14.25
C ARG N 118 30.39 23.07 -15.38
N SER N 119 31.45 23.83 -15.16
CA SER N 119 32.48 24.01 -16.18
C SER N 119 33.72 23.18 -15.91
N LEU N 120 34.66 23.19 -16.85
CA LEU N 120 35.91 22.48 -16.68
C LEU N 120 36.73 23.35 -15.72
N GLU N 121 36.43 24.64 -15.72
CA GLU N 121 37.11 25.59 -14.83
C GLU N 121 36.76 25.29 -13.38
N ASP N 122 35.54 24.83 -13.15
CA ASP N 122 35.08 24.49 -11.81
C ASP N 122 35.79 23.23 -11.33
N ILE N 123 35.88 22.24 -12.21
CA ILE N 123 36.53 20.98 -11.89
C ILE N 123 38.00 21.26 -11.55
N ARG N 124 38.68 21.90 -12.49
CA ARG N 124 40.09 22.24 -12.34
C ARG N 124 40.33 23.07 -11.08
N SER N 125 39.28 23.74 -10.60
CA SER N 125 39.36 24.60 -9.41
C SER N 125 39.06 23.94 -8.07
N GLN N 126 37.91 23.26 -7.96
CA GLN N 126 37.52 22.64 -6.70
C GLN N 126 37.30 21.14 -6.70
N ALA N 127 37.31 20.51 -7.87
CA ALA N 127 37.09 19.07 -7.96
C ALA N 127 38.30 18.23 -7.58
N SER N 128 38.07 17.15 -6.84
CA SER N 128 39.16 16.25 -6.47
C SER N 128 39.51 15.48 -7.73
N LEU N 129 40.79 15.25 -7.96
CA LEU N 129 41.20 14.56 -9.18
C LEU N 129 42.20 13.44 -8.96
N THR N 130 41.93 12.29 -9.56
CA THR N 130 42.84 11.16 -9.48
C THR N 130 43.99 11.54 -10.39
N THR N 131 45.12 10.86 -10.28
CA THR N 131 46.27 11.16 -11.13
C THR N 131 45.91 11.10 -12.61
N GLN N 132 45.18 10.06 -13.00
CA GLN N 132 44.78 9.89 -14.39
C GLN N 132 43.92 11.06 -14.84
N GLN N 133 42.88 11.34 -14.07
CA GLN N 133 41.96 12.43 -14.39
C GLN N 133 42.71 13.76 -14.52
N ALA N 134 43.62 14.02 -13.57
CA ALA N 134 44.39 15.27 -13.62
C ALA N 134 45.12 15.36 -14.96
N ILE N 135 45.72 14.25 -15.38
CA ILE N 135 46.43 14.21 -16.66
C ILE N 135 45.42 14.37 -17.80
N GLY N 136 44.23 13.82 -17.61
CA GLY N 136 43.22 13.93 -18.63
C GLY N 136 42.74 15.36 -18.77
N LEU N 137 42.54 16.02 -17.64
CA LEU N 137 42.08 17.40 -17.63
C LEU N 137 43.14 18.32 -18.25
N LYS N 138 44.39 18.05 -17.93
CA LYS N 138 45.51 18.83 -18.45
C LYS N 138 45.60 18.79 -19.99
N HIS N 139 45.24 17.66 -20.59
CA HIS N 139 45.29 17.51 -22.03
C HIS N 139 43.89 17.40 -22.64
N TYR N 140 42.89 17.89 -21.91
CA TYR N 140 41.50 17.82 -22.35
C TYR N 140 41.34 18.19 -23.81
N SER N 141 41.86 19.36 -24.19
CA SER N 141 41.77 19.82 -25.57
C SER N 141 42.41 18.88 -26.57
N ASP N 142 43.71 18.60 -26.40
CA ASP N 142 44.40 17.71 -27.32
C ASP N 142 43.69 16.37 -27.48
N PHE N 143 43.29 15.77 -26.36
CA PHE N 143 42.62 14.48 -26.38
C PHE N 143 41.27 14.49 -27.09
N LEU N 144 40.61 15.64 -27.09
CA LEU N 144 39.31 15.75 -27.75
C LEU N 144 39.45 15.65 -29.26
N GLU N 145 40.65 15.91 -29.77
CA GLU N 145 40.89 15.88 -31.20
C GLU N 145 41.42 14.56 -31.74
N ARG N 146 40.93 14.17 -32.91
CA ARG N 146 41.39 12.96 -33.58
C ARG N 146 42.72 13.44 -34.19
N MET N 147 43.43 12.54 -34.86
CA MET N 147 44.70 12.93 -35.48
C MET N 147 44.78 12.38 -36.89
N PRO N 148 45.57 13.03 -37.75
CA PRO N 148 45.72 12.54 -39.13
C PRO N 148 46.50 11.23 -39.08
N ARG N 149 46.27 10.35 -40.05
CA ARG N 149 46.96 9.06 -40.11
C ARG N 149 48.46 9.29 -40.07
N GLU N 150 48.91 10.30 -40.80
CA GLU N 150 50.33 10.64 -40.88
C GLU N 150 50.94 10.81 -39.50
N GLU N 151 50.25 11.56 -38.64
CA GLU N 151 50.77 11.77 -37.29
C GLU N 151 50.84 10.41 -36.60
N ALA N 152 49.76 9.63 -36.74
CA ALA N 152 49.69 8.30 -36.16
C ALA N 152 50.85 7.47 -36.68
N THR N 153 51.12 7.59 -37.98
CA THR N 153 52.21 6.86 -38.61
C THR N 153 53.56 7.22 -37.99
N GLU N 154 53.79 8.51 -37.75
CA GLU N 154 55.04 8.97 -37.16
C GLU N 154 55.17 8.43 -35.73
N ILE N 155 54.03 8.28 -35.06
CA ILE N 155 53.99 7.78 -33.69
C ILE N 155 54.42 6.31 -33.67
N GLU N 156 53.77 5.51 -34.52
CA GLU N 156 54.06 4.09 -34.63
C GLU N 156 55.53 3.86 -34.99
N GLN N 157 56.08 4.68 -35.88
CA GLN N 157 57.49 4.56 -36.29
C GLN N 157 58.45 4.84 -35.15
N THR N 158 58.18 5.91 -34.41
CA THR N 158 59.04 6.27 -33.29
C THR N 158 59.12 5.08 -32.32
N VAL N 159 58.00 4.44 -32.09
CA VAL N 159 57.95 3.28 -31.20
C VAL N 159 58.69 2.10 -31.83
N GLN N 160 58.42 1.86 -33.11
CA GLN N 160 59.05 0.76 -33.83
C GLN N 160 60.58 0.91 -33.90
N LYS N 161 61.06 2.09 -34.26
CA LYS N 161 62.49 2.33 -34.35
C LYS N 161 63.17 2.08 -33.00
N ALA N 162 62.60 2.66 -31.94
CA ALA N 162 63.13 2.51 -30.59
C ALA N 162 63.11 1.07 -30.11
N ALA N 163 62.13 0.30 -30.57
CA ALA N 163 62.00 -1.10 -30.17
C ALA N 163 62.92 -2.01 -30.99
N GLN N 164 63.01 -1.73 -32.29
CA GLN N 164 63.85 -2.53 -33.19
C GLN N 164 65.34 -2.29 -32.94
N ALA N 165 65.65 -1.29 -32.11
CA ALA N 165 67.03 -1.00 -31.78
C ALA N 165 67.48 -2.05 -30.78
N PHE N 166 66.53 -2.54 -29.99
CA PHE N 166 66.81 -3.58 -28.98
C PHE N 166 66.77 -4.98 -29.60
N ASN N 167 65.99 -5.12 -30.67
CA ASN N 167 65.86 -6.39 -31.35
C ASN N 167 65.20 -6.15 -32.70
N SER N 168 65.99 -6.28 -33.75
CA SER N 168 65.52 -6.06 -35.12
C SER N 168 64.40 -7.02 -35.56
N GLY N 169 64.31 -8.17 -34.89
CA GLY N 169 63.28 -9.13 -35.26
C GLY N 169 61.85 -8.82 -34.83
N LEU N 170 61.69 -7.86 -33.93
CA LEU N 170 60.38 -7.47 -33.42
C LEU N 170 59.40 -6.98 -34.49
N LEU N 171 58.13 -7.33 -34.31
CA LEU N 171 57.07 -6.89 -35.23
C LEU N 171 56.26 -5.83 -34.49
N CYS N 172 56.02 -4.70 -35.16
CA CYS N 172 55.26 -3.61 -34.58
C CYS N 172 54.09 -3.25 -35.51
N VAL N 173 52.89 -3.21 -34.94
CA VAL N 173 51.69 -2.91 -35.71
C VAL N 173 50.75 -1.96 -34.99
N ALA N 174 50.49 -0.82 -35.61
CA ALA N 174 49.55 0.14 -35.03
C ALA N 174 48.19 -0.48 -35.32
N CYS N 175 47.36 -0.62 -34.30
CA CYS N 175 46.05 -1.24 -34.49
C CYS N 175 44.92 -0.20 -34.47
N GLY N 176 43.82 -0.56 -33.82
CA GLY N 176 42.68 0.35 -33.72
C GLY N 176 42.17 0.93 -35.03
N SER N 177 41.56 2.11 -34.94
CA SER N 177 41.00 2.79 -36.10
C SER N 177 42.04 2.96 -37.21
N TYR N 178 43.30 3.14 -36.82
CA TYR N 178 44.38 3.29 -37.80
C TYR N 178 44.46 2.06 -38.68
N ARG N 179 44.42 0.87 -38.06
CA ARG N 179 44.50 -0.37 -38.82
C ARG N 179 43.19 -0.57 -39.59
N ARG N 180 42.10 0.01 -39.09
CA ARG N 180 40.83 -0.12 -39.79
C ARG N 180 40.75 0.85 -40.98
N GLY N 181 41.85 1.52 -41.26
CA GLY N 181 41.92 2.43 -42.39
C GLY N 181 41.22 3.77 -42.32
N LYS N 182 40.93 4.25 -41.11
CA LYS N 182 40.27 5.54 -40.98
C LYS N 182 41.25 6.67 -41.34
N ALA N 183 40.69 7.83 -41.69
CA ALA N 183 41.52 8.99 -42.06
C ALA N 183 42.06 9.67 -40.82
N THR N 184 41.31 9.56 -39.72
CA THR N 184 41.71 10.16 -38.45
C THR N 184 41.63 9.11 -37.33
N CYS N 185 42.39 9.33 -36.27
CA CYS N 185 42.43 8.41 -35.14
C CYS N 185 42.44 9.19 -33.84
N GLY N 186 41.74 8.67 -32.82
CA GLY N 186 41.71 9.35 -31.54
C GLY N 186 42.86 8.93 -30.63
N ASP N 187 43.62 7.94 -31.09
CA ASP N 187 44.75 7.42 -30.33
C ASP N 187 45.49 6.41 -31.17
N VAL N 188 46.65 5.97 -30.69
CA VAL N 188 47.45 4.98 -31.40
C VAL N 188 47.83 3.82 -30.49
N ASP N 189 47.52 2.60 -30.95
CA ASP N 189 47.82 1.39 -30.21
C ASP N 189 48.88 0.62 -30.98
N VAL N 190 50.10 0.58 -30.45
CA VAL N 190 51.19 -0.15 -31.11
C VAL N 190 51.34 -1.54 -30.49
N LEU N 191 51.03 -2.57 -31.27
CA LEU N 191 51.14 -3.97 -30.82
C LEU N 191 52.52 -4.50 -31.22
N ILE N 192 53.21 -5.09 -30.25
CA ILE N 192 54.55 -5.60 -30.49
C ILE N 192 54.77 -7.04 -30.02
N THR N 193 55.48 -7.81 -30.84
CA THR N 193 55.77 -9.20 -30.53
C THR N 193 57.01 -9.66 -31.30
N HIS N 194 57.42 -10.91 -31.08
CA HIS N 194 58.56 -11.48 -31.78
C HIS N 194 58.18 -12.87 -32.28
N PRO N 195 58.51 -13.18 -33.54
CA PRO N 195 58.23 -14.46 -34.18
C PRO N 195 58.70 -15.74 -33.49
N ASP N 196 59.85 -15.71 -32.82
CA ASP N 196 60.32 -16.94 -32.18
C ASP N 196 59.56 -17.33 -30.91
N GLY N 197 58.58 -16.52 -30.52
CA GLY N 197 57.77 -16.82 -29.36
C GLY N 197 58.25 -16.43 -27.98
N ARG N 198 59.49 -15.98 -27.83
CA ARG N 198 60.00 -15.61 -26.52
C ARG N 198 60.90 -14.37 -26.43
N SER N 199 61.47 -13.96 -27.56
CA SER N 199 62.36 -12.80 -27.58
C SER N 199 61.73 -11.45 -27.28
N HIS N 200 60.40 -11.41 -27.17
CA HIS N 200 59.68 -10.18 -26.87
C HIS N 200 59.89 -9.82 -25.40
N ARG N 201 60.19 -10.83 -24.59
CA ARG N 201 60.42 -10.66 -23.16
C ARG N 201 61.61 -9.74 -22.89
N GLY N 202 61.48 -8.91 -21.86
CA GLY N 202 62.55 -7.99 -21.51
C GLY N 202 62.72 -6.89 -22.53
N ILE N 203 61.62 -6.44 -23.12
CA ILE N 203 61.65 -5.37 -24.12
C ILE N 203 60.77 -4.20 -23.70
N PHE N 204 59.58 -4.52 -23.20
CA PHE N 204 58.62 -3.54 -22.75
C PHE N 204 59.25 -2.47 -21.88
N SER N 205 59.85 -2.90 -20.78
CA SER N 205 60.47 -2.01 -19.81
C SER N 205 61.58 -1.12 -20.36
N ARG N 206 62.56 -1.72 -21.03
CA ARG N 206 63.65 -0.91 -21.57
C ARG N 206 63.23 -0.10 -22.79
N LEU N 207 62.03 -0.35 -23.31
CA LEU N 207 61.53 0.41 -24.44
C LEU N 207 60.96 1.73 -23.93
N LEU N 208 60.14 1.65 -22.89
CA LEU N 208 59.55 2.85 -22.32
C LEU N 208 60.63 3.83 -21.90
N ASP N 209 61.68 3.33 -21.22
CA ASP N 209 62.78 4.18 -20.79
C ASP N 209 63.38 4.92 -21.96
N SER N 210 63.58 4.22 -23.08
CA SER N 210 64.14 4.83 -24.27
C SER N 210 63.20 5.90 -24.85
N LEU N 211 61.89 5.68 -24.75
CA LEU N 211 60.93 6.65 -25.26
C LEU N 211 60.89 7.86 -24.34
N ARG N 212 61.32 7.68 -23.09
CA ARG N 212 61.33 8.79 -22.13
C ARG N 212 62.60 9.62 -22.32
N GLN N 213 63.71 8.95 -22.62
CA GLN N 213 64.98 9.64 -22.83
C GLN N 213 64.77 10.60 -24.00
N GLU N 214 64.16 10.09 -25.07
CA GLU N 214 63.90 10.89 -26.26
C GLU N 214 62.86 11.99 -25.99
N GLY N 215 62.31 12.02 -24.78
CA GLY N 215 61.32 13.01 -24.43
C GLY N 215 60.03 12.85 -25.21
N PHE N 216 59.76 11.63 -25.67
CA PHE N 216 58.55 11.33 -26.44
C PHE N 216 57.33 11.11 -25.55
N LEU N 217 57.54 10.46 -24.41
CA LEU N 217 56.46 10.18 -23.47
C LEU N 217 56.30 11.35 -22.49
N THR N 218 55.17 12.03 -22.56
CA THR N 218 54.89 13.19 -21.72
C THR N 218 54.26 12.87 -20.36
N ASP N 219 53.39 11.87 -20.33
CA ASP N 219 52.75 11.47 -19.08
C ASP N 219 52.38 10.01 -19.16
N ASP N 220 52.17 9.38 -18.01
CA ASP N 220 51.76 7.98 -17.95
C ASP N 220 50.39 7.90 -17.29
N LEU N 221 49.50 7.12 -17.88
CA LEU N 221 48.16 6.92 -17.32
C LEU N 221 48.18 5.59 -16.55
N VAL N 222 48.90 4.62 -17.11
CA VAL N 222 49.08 3.29 -16.52
C VAL N 222 50.45 2.85 -17.04
N SER N 223 51.50 3.14 -16.27
CA SER N 223 52.87 2.81 -16.68
C SER N 223 53.08 1.32 -16.99
N GLN N 224 52.30 0.45 -16.35
CA GLN N 224 52.40 -0.98 -16.62
C GLN N 224 51.21 -1.78 -16.12
N GLU N 225 50.64 -2.56 -17.03
CA GLU N 225 49.50 -3.40 -16.72
C GLU N 225 49.90 -4.80 -17.14
N GLU N 226 49.94 -5.72 -16.17
CA GLU N 226 50.30 -7.12 -16.43
C GLU N 226 49.01 -7.93 -16.57
N ASN N 227 48.67 -8.26 -17.80
CA ASN N 227 47.48 -9.05 -18.06
C ASN N 227 47.94 -10.36 -18.67
N GLY N 228 48.22 -11.34 -17.82
CA GLY N 228 48.73 -12.62 -18.31
C GLY N 228 50.14 -12.35 -18.79
N GLN N 229 50.52 -12.91 -19.93
CA GLN N 229 51.86 -12.70 -20.48
C GLN N 229 51.92 -11.44 -21.35
N GLN N 230 50.84 -10.68 -21.30
CA GLN N 230 50.72 -9.45 -22.06
C GLN N 230 51.13 -8.23 -21.20
N GLN N 231 51.98 -7.36 -21.75
CA GLN N 231 52.41 -6.16 -21.03
C GLN N 231 51.89 -4.93 -21.77
N LYS N 232 51.12 -4.10 -21.05
CA LYS N 232 50.55 -2.92 -21.68
C LYS N 232 50.84 -1.60 -20.97
N TYR N 233 51.13 -0.58 -21.77
CA TYR N 233 51.41 0.77 -21.31
C TYR N 233 50.32 1.70 -21.82
N LEU N 234 49.79 2.54 -20.95
CA LEU N 234 48.77 3.50 -21.35
C LEU N 234 49.33 4.88 -21.01
N GLY N 235 49.47 5.75 -22.00
CA GLY N 235 50.03 7.06 -21.73
C GLY N 235 49.83 8.15 -22.76
N VAL N 236 50.71 9.15 -22.70
CA VAL N 236 50.64 10.31 -23.59
C VAL N 236 51.99 10.56 -24.28
N CYS N 237 51.94 10.89 -25.57
CA CYS N 237 53.16 11.17 -26.32
C CYS N 237 53.02 12.44 -27.14
N ARG N 238 54.15 12.96 -27.62
CA ARG N 238 54.17 14.18 -28.43
C ARG N 238 55.38 14.17 -29.36
N LEU N 239 55.12 14.28 -30.66
CA LEU N 239 56.18 14.29 -31.65
C LEU N 239 56.98 15.59 -31.54
N PRO N 240 58.31 15.49 -31.62
CA PRO N 240 59.15 16.69 -31.53
C PRO N 240 58.82 17.71 -32.60
N GLY N 241 58.86 18.99 -32.25
CA GLY N 241 58.54 20.02 -33.21
C GLY N 241 57.55 21.03 -32.66
N PRO N 242 57.29 22.11 -33.41
CA PRO N 242 56.34 23.13 -32.96
C PRO N 242 54.92 22.81 -33.42
N GLY N 243 53.94 23.39 -32.74
CA GLY N 243 52.55 23.16 -33.09
C GLY N 243 52.11 21.71 -32.99
N ARG N 244 52.76 20.94 -32.11
CA ARG N 244 52.41 19.53 -31.92
C ARG N 244 51.50 19.37 -30.71
N ARG N 245 50.48 18.52 -30.84
CA ARG N 245 49.55 18.28 -29.74
C ARG N 245 49.92 16.96 -29.06
N HIS N 246 49.46 16.77 -27.84
CA HIS N 246 49.73 15.52 -27.12
C HIS N 246 48.76 14.48 -27.63
N ARG N 247 49.17 13.22 -27.63
CA ARG N 247 48.30 12.15 -28.11
C ARG N 247 48.31 10.94 -27.19
N ARG N 248 47.15 10.27 -27.15
CA ARG N 248 46.97 9.05 -26.35
C ARG N 248 47.70 7.95 -27.08
N LEU N 249 48.72 7.39 -26.44
CA LEU N 249 49.50 6.32 -27.04
C LEU N 249 49.47 5.09 -26.15
N ASP N 250 49.13 3.96 -26.74
CA ASP N 250 49.08 2.69 -26.01
C ASP N 250 50.17 1.80 -26.61
N ILE N 251 50.88 1.06 -25.76
CA ILE N 251 51.91 0.13 -26.23
C ILE N 251 51.69 -1.23 -25.57
N ILE N 252 51.51 -2.25 -26.39
CA ILE N 252 51.23 -3.60 -25.93
C ILE N 252 52.21 -4.64 -26.46
N VAL N 253 52.94 -5.28 -25.56
CA VAL N 253 53.90 -6.30 -25.94
C VAL N 253 53.29 -7.67 -25.64
N VAL N 254 53.19 -8.54 -26.65
CA VAL N 254 52.59 -9.85 -26.44
C VAL N 254 53.40 -11.00 -27.02
N PRO N 255 53.24 -12.21 -26.45
CA PRO N 255 53.96 -13.38 -26.96
C PRO N 255 53.33 -13.72 -28.33
N TYR N 256 54.16 -14.21 -29.24
CA TYR N 256 53.72 -14.54 -30.59
C TYR N 256 52.48 -15.42 -30.69
N SER N 257 52.34 -16.36 -29.77
CA SER N 257 51.19 -17.26 -29.79
C SER N 257 49.87 -16.53 -29.56
N GLU N 258 49.93 -15.29 -29.05
CA GLU N 258 48.71 -14.53 -28.79
C GLU N 258 48.56 -13.34 -29.75
N PHE N 259 49.55 -13.14 -30.60
CA PHE N 259 49.54 -12.02 -31.54
C PHE N 259 48.26 -11.91 -32.37
N ALA N 260 47.85 -13.02 -33.00
CA ALA N 260 46.65 -13.04 -33.82
C ALA N 260 45.44 -12.49 -33.08
N CYS N 261 45.16 -13.07 -31.91
CA CYS N 261 44.03 -12.63 -31.09
C CYS N 261 44.21 -11.21 -30.54
N ALA N 262 45.45 -10.77 -30.34
CA ALA N 262 45.70 -9.43 -29.84
C ALA N 262 45.41 -8.41 -30.95
N LEU N 263 45.84 -8.75 -32.17
CA LEU N 263 45.61 -7.88 -33.32
C LEU N 263 44.13 -7.69 -33.53
N LEU N 264 43.39 -8.78 -33.44
CA LEU N 264 41.95 -8.75 -33.62
C LEU N 264 41.31 -7.87 -32.54
N TYR N 265 41.64 -8.17 -31.29
CA TYR N 265 41.08 -7.42 -30.16
C TYR N 265 41.37 -5.92 -30.22
N PHE N 266 42.64 -5.56 -30.29
CA PHE N 266 43.00 -4.15 -30.29
C PHE N 266 42.71 -3.40 -31.58
N THR N 267 42.24 -4.11 -32.60
CA THR N 267 41.90 -3.45 -33.86
C THR N 267 40.44 -3.04 -33.77
N GLY N 268 39.64 -3.87 -33.09
CA GLY N 268 38.23 -3.58 -32.92
C GLY N 268 37.47 -3.58 -34.24
N SER N 269 36.41 -2.77 -34.34
CA SER N 269 35.96 -1.88 -33.26
C SER N 269 35.38 -2.65 -32.07
N ALA N 270 34.90 -1.91 -31.08
CA ALA N 270 34.30 -2.48 -29.88
C ALA N 270 33.03 -3.26 -30.23
N HIS N 271 32.33 -2.84 -31.28
CA HIS N 271 31.12 -3.54 -31.70
C HIS N 271 31.52 -4.85 -32.36
N PHE N 272 32.54 -4.81 -33.21
CA PHE N 272 33.00 -6.00 -33.89
C PHE N 272 33.48 -7.04 -32.86
N ASN N 273 34.34 -6.62 -31.94
CA ASN N 273 34.85 -7.52 -30.90
C ASN N 273 33.67 -8.13 -30.13
N ARG N 274 32.63 -7.33 -29.94
CA ARG N 274 31.45 -7.77 -29.21
C ARG N 274 30.72 -8.85 -30.01
N SER N 275 30.45 -8.58 -31.29
CA SER N 275 29.75 -9.56 -32.11
C SER N 275 30.61 -10.83 -32.25
N MET N 276 31.93 -10.64 -32.31
CA MET N 276 32.84 -11.79 -32.42
C MET N 276 32.77 -12.69 -31.19
N ARG N 277 32.65 -12.08 -30.01
CA ARG N 277 32.57 -12.88 -28.78
C ARG N 277 31.23 -13.60 -28.68
N ALA N 278 30.17 -12.97 -29.16
CA ALA N 278 28.86 -13.59 -29.10
C ALA N 278 28.85 -14.82 -30.01
N LEU N 279 29.49 -14.71 -31.17
CA LEU N 279 29.53 -15.82 -32.11
C LEU N 279 30.29 -16.98 -31.50
N ALA N 280 31.45 -16.71 -30.91
CA ALA N 280 32.25 -17.75 -30.29
C ALA N 280 31.40 -18.46 -29.24
N LYS N 281 30.64 -17.68 -28.47
CA LYS N 281 29.81 -18.26 -27.43
C LYS N 281 28.78 -19.25 -27.99
N THR N 282 28.21 -18.95 -29.15
CA THR N 282 27.23 -19.82 -29.77
C THR N 282 27.87 -21.14 -30.18
N LYS N 283 29.19 -21.15 -30.28
CA LYS N 283 29.90 -22.36 -30.68
C LYS N 283 30.75 -23.01 -29.60
N GLY N 284 30.37 -22.77 -28.34
CA GLY N 284 31.09 -23.35 -27.22
C GLY N 284 32.52 -22.86 -27.12
N MET N 285 32.73 -21.61 -27.51
CA MET N 285 34.07 -21.01 -27.46
C MET N 285 34.03 -19.60 -26.88
N SER N 286 35.19 -19.14 -26.44
CA SER N 286 35.31 -17.81 -25.90
C SER N 286 36.42 -17.13 -26.69
N LEU N 287 36.31 -15.83 -26.86
CA LEU N 287 37.33 -15.09 -27.60
C LEU N 287 37.76 -13.91 -26.75
N SER N 288 39.06 -13.79 -26.54
CA SER N 288 39.61 -12.71 -25.75
C SER N 288 40.86 -12.19 -26.43
N GLU N 289 41.48 -11.18 -25.83
CA GLU N 289 42.69 -10.59 -26.35
C GLU N 289 43.83 -11.59 -26.37
N HIS N 290 43.73 -12.62 -25.51
CA HIS N 290 44.76 -13.66 -25.41
C HIS N 290 44.58 -14.78 -26.41
N ALA N 291 43.35 -15.25 -26.56
CA ALA N 291 43.10 -16.37 -27.46
C ALA N 291 41.65 -16.79 -27.63
N LEU N 292 41.50 -17.72 -28.58
CA LEU N 292 40.22 -18.33 -28.89
C LEU N 292 40.36 -19.68 -28.19
N SER N 293 39.40 -20.04 -27.37
CA SER N 293 39.50 -21.31 -26.67
C SER N 293 38.14 -21.96 -26.43
N THR N 294 38.17 -23.23 -26.08
CA THR N 294 36.95 -23.96 -25.80
C THR N 294 36.32 -23.32 -24.56
N ALA N 295 35.02 -23.51 -24.37
CA ALA N 295 34.31 -22.94 -23.24
C ALA N 295 34.86 -23.40 -21.88
N VAL N 296 34.71 -22.54 -20.88
CA VAL N 296 35.17 -22.83 -19.54
C VAL N 296 34.41 -24.03 -18.98
N VAL N 297 35.01 -24.71 -18.02
CA VAL N 297 34.38 -25.88 -17.41
C VAL N 297 33.58 -25.46 -16.17
N ARG N 298 32.26 -25.36 -16.33
CA ARG N 298 31.39 -24.97 -15.23
C ARG N 298 30.93 -26.23 -14.50
N ASN N 299 30.55 -26.09 -13.23
CA ASN N 299 30.10 -27.24 -12.46
C ASN N 299 28.59 -27.27 -12.24
N THR N 300 28.17 -27.90 -11.15
CA THR N 300 26.77 -28.03 -10.79
C THR N 300 26.09 -26.67 -10.58
N HIS N 301 26.71 -25.85 -9.73
CA HIS N 301 26.20 -24.53 -9.39
C HIS N 301 26.45 -23.50 -10.50
N GLY N 302 27.15 -23.93 -11.56
CA GLY N 302 27.45 -23.04 -12.65
C GLY N 302 28.74 -22.26 -12.45
N CYS N 303 29.53 -22.70 -11.49
CA CYS N 303 30.81 -22.05 -11.18
C CYS N 303 31.80 -22.30 -12.32
N LYS N 304 33.07 -21.97 -12.09
CA LYS N 304 34.12 -22.16 -13.09
C LYS N 304 35.18 -23.11 -12.55
N VAL N 305 34.95 -24.41 -12.71
CA VAL N 305 35.89 -25.42 -12.24
C VAL N 305 37.28 -25.22 -12.82
N GLY N 306 37.39 -25.29 -14.15
CA GLY N 306 38.68 -25.12 -14.79
C GLY N 306 38.65 -24.26 -16.05
N PRO N 307 39.84 -23.86 -16.55
CA PRO N 307 39.95 -23.03 -17.75
C PRO N 307 39.76 -23.83 -19.03
N GLY N 308 39.35 -23.15 -20.10
CA GLY N 308 39.15 -23.84 -21.37
C GLY N 308 40.51 -24.17 -21.98
N ARG N 309 40.49 -24.82 -23.13
CA ARG N 309 41.72 -25.19 -23.82
C ARG N 309 41.91 -24.25 -25.01
N VAL N 310 43.06 -23.59 -25.06
CA VAL N 310 43.35 -22.68 -26.15
C VAL N 310 43.44 -23.38 -27.50
N LEU N 311 42.89 -22.75 -28.53
CA LEU N 311 42.94 -23.28 -29.89
C LEU N 311 43.98 -22.40 -30.59
N PRO N 312 45.16 -22.96 -30.86
CA PRO N 312 46.22 -22.17 -31.53
C PRO N 312 45.75 -21.46 -32.80
N THR N 313 45.99 -20.15 -32.82
CA THR N 313 45.62 -19.31 -33.94
C THR N 313 46.81 -18.42 -34.29
N PRO N 314 47.64 -18.87 -35.24
CA PRO N 314 48.83 -18.15 -35.68
C PRO N 314 48.54 -16.77 -36.30
N THR N 315 47.47 -16.69 -37.09
CA THR N 315 47.08 -15.45 -37.75
C THR N 315 45.61 -15.18 -37.50
N GLU N 316 45.16 -13.96 -37.81
CA GLU N 316 43.76 -13.60 -37.63
C GLU N 316 42.88 -14.53 -38.44
N LYS N 317 43.31 -14.91 -39.64
CA LYS N 317 42.54 -15.79 -40.51
C LYS N 317 42.19 -17.10 -39.82
N ASP N 318 43.11 -17.58 -38.99
CA ASP N 318 42.90 -18.82 -38.25
C ASP N 318 41.73 -18.65 -37.28
N VAL N 319 41.61 -17.48 -36.66
CA VAL N 319 40.52 -17.26 -35.72
C VAL N 319 39.17 -17.31 -36.44
N PHE N 320 39.08 -16.61 -37.58
CA PHE N 320 37.83 -16.61 -38.34
C PHE N 320 37.50 -18.04 -38.76
N ARG N 321 38.50 -18.72 -39.31
CA ARG N 321 38.35 -20.11 -39.76
C ARG N 321 37.75 -21.00 -38.68
N LEU N 322 38.39 -21.04 -37.52
CA LEU N 322 37.90 -21.89 -36.44
C LEU N 322 36.49 -21.50 -35.97
N LEU N 323 36.13 -20.23 -36.18
CA LEU N 323 34.81 -19.76 -35.80
C LEU N 323 33.81 -20.05 -36.92
N GLY N 324 34.34 -20.47 -38.07
CA GLY N 324 33.50 -20.78 -39.22
C GLY N 324 33.04 -19.51 -39.92
N LEU N 325 33.87 -18.47 -39.87
CA LEU N 325 33.55 -17.18 -40.49
C LEU N 325 34.47 -16.81 -41.62
N PRO N 326 33.97 -15.99 -42.56
CA PRO N 326 34.79 -15.56 -43.69
C PRO N 326 35.68 -14.45 -43.14
N TYR N 327 36.97 -14.49 -43.45
CA TYR N 327 37.87 -13.46 -42.96
C TYR N 327 37.37 -12.08 -43.39
N ARG N 328 37.21 -11.18 -42.42
CA ARG N 328 36.75 -9.83 -42.74
C ARG N 328 37.93 -8.86 -42.65
N GLU N 329 38.15 -8.10 -43.72
CA GLU N 329 39.23 -7.14 -43.77
C GLU N 329 39.09 -6.07 -42.69
N PRO N 330 40.21 -5.67 -42.06
CA PRO N 330 40.20 -4.66 -41.00
C PRO N 330 39.25 -3.49 -41.29
N ALA N 331 39.35 -2.94 -42.50
CA ALA N 331 38.53 -1.81 -42.92
C ALA N 331 37.02 -2.10 -42.88
N GLU N 332 36.66 -3.37 -42.72
CA GLU N 332 35.25 -3.77 -42.67
C GLU N 332 34.78 -4.13 -41.26
N ARG N 333 35.60 -3.83 -40.25
CA ARG N 333 35.23 -4.18 -38.89
C ARG N 333 34.62 -3.06 -38.04
N ASP N 334 33.79 -2.23 -38.65
CA ASP N 334 33.15 -1.13 -37.93
C ASP N 334 32.15 -1.69 -36.92
N TRP N 335 31.64 -2.88 -37.21
CA TRP N 335 30.70 -3.58 -36.35
C TRP N 335 30.39 -4.94 -36.97
N THR O 10 -19.03 -6.61 -25.27
CA THR O 10 -19.15 -6.93 -26.73
C THR O 10 -17.81 -7.18 -27.43
N ASN O 11 -17.77 -8.21 -28.26
CA ASN O 11 -16.55 -8.56 -28.99
C ASN O 11 -16.45 -7.79 -30.31
N HIS O 12 -15.55 -6.81 -30.35
CA HIS O 12 -15.37 -5.98 -31.53
C HIS O 12 -14.32 -6.53 -32.50
N ASN O 13 -14.00 -7.82 -32.37
CA ASN O 13 -13.00 -8.46 -33.23
C ASN O 13 -13.26 -9.94 -33.45
N LEU O 14 -14.53 -10.28 -33.67
CA LEU O 14 -14.94 -11.65 -33.89
C LEU O 14 -14.31 -12.23 -35.16
N HIS O 15 -14.19 -11.41 -36.20
CA HIS O 15 -13.63 -11.86 -37.47
C HIS O 15 -12.21 -12.42 -37.30
N ILE O 16 -11.51 -11.95 -36.27
CA ILE O 16 -10.15 -12.37 -35.98
C ILE O 16 -10.10 -13.51 -34.97
N THR O 17 -10.67 -13.25 -33.79
CA THR O 17 -10.69 -14.24 -32.73
C THR O 17 -11.25 -15.58 -33.17
N GLU O 18 -12.28 -15.57 -34.02
CA GLU O 18 -12.88 -16.81 -34.48
C GLU O 18 -11.89 -17.64 -35.30
N LYS O 19 -10.96 -16.97 -35.97
CA LYS O 19 -9.97 -17.66 -36.78
C LYS O 19 -8.81 -18.16 -35.91
N LEU O 20 -8.46 -17.37 -34.91
CA LEU O 20 -7.37 -17.74 -34.00
C LEU O 20 -7.80 -18.91 -33.13
N GLU O 21 -9.10 -18.97 -32.79
CA GLU O 21 -9.61 -20.05 -31.95
C GLU O 21 -9.42 -21.41 -32.62
N VAL O 22 -9.77 -21.48 -33.91
CA VAL O 22 -9.62 -22.72 -34.66
C VAL O 22 -8.18 -23.20 -34.58
N LEU O 23 -7.26 -22.24 -34.60
CA LEU O 23 -5.85 -22.58 -34.54
C LEU O 23 -5.40 -22.95 -33.12
N ALA O 24 -5.97 -22.29 -32.12
CA ALA O 24 -5.63 -22.58 -30.74
C ALA O 24 -6.04 -24.01 -30.37
N LYS O 25 -7.22 -24.41 -30.86
CA LYS O 25 -7.72 -25.75 -30.61
C LYS O 25 -6.85 -26.77 -31.34
N ALA O 26 -6.33 -26.37 -32.50
CA ALA O 26 -5.48 -27.25 -33.28
C ALA O 26 -4.23 -27.59 -32.47
N TYR O 27 -3.56 -26.56 -31.97
CA TYR O 27 -2.35 -26.75 -31.19
C TYR O 27 -2.63 -27.53 -29.90
N SER O 28 -3.84 -27.36 -29.36
CA SER O 28 -4.20 -28.03 -28.13
C SER O 28 -4.29 -29.55 -28.29
N VAL O 29 -5.11 -30.00 -29.24
CA VAL O 29 -5.29 -31.43 -29.49
C VAL O 29 -3.97 -32.09 -29.87
N GLN O 30 -3.04 -31.32 -30.41
CA GLN O 30 -1.75 -31.85 -30.80
C GLN O 30 -0.79 -31.90 -29.61
N GLY O 31 -1.23 -31.38 -28.47
CA GLY O 31 -0.42 -31.41 -27.28
C GLY O 31 0.47 -30.20 -27.03
N ASP O 32 0.40 -29.20 -27.92
CA ASP O 32 1.20 -27.99 -27.77
C ASP O 32 0.48 -27.07 -26.78
N LYS O 33 0.32 -27.57 -25.55
CA LYS O 33 -0.38 -26.86 -24.49
C LYS O 33 -0.05 -25.38 -24.28
N TRP O 34 1.23 -25.09 -24.08
CA TRP O 34 1.65 -23.71 -23.83
C TRP O 34 1.41 -22.76 -25.00
N ARG O 35 1.67 -23.19 -26.22
CA ARG O 35 1.41 -22.34 -27.36
C ARG O 35 -0.09 -22.06 -27.40
N ALA O 36 -0.89 -23.10 -27.18
CA ALA O 36 -2.34 -22.96 -27.18
C ALA O 36 -2.77 -21.97 -26.11
N LEU O 37 -2.01 -21.90 -25.02
CA LEU O 37 -2.33 -20.97 -23.95
C LEU O 37 -2.09 -19.53 -24.44
N GLY O 38 -0.95 -19.32 -25.10
CA GLY O 38 -0.64 -18.00 -25.63
C GLY O 38 -1.75 -17.49 -26.54
N TYR O 39 -2.28 -18.36 -27.40
CA TYR O 39 -3.36 -17.99 -28.29
C TYR O 39 -4.60 -17.63 -27.49
N ALA O 40 -4.92 -18.48 -26.52
CA ALA O 40 -6.09 -18.29 -25.66
C ALA O 40 -6.04 -16.96 -24.92
N LYS O 41 -4.85 -16.58 -24.45
CA LYS O 41 -4.72 -15.31 -23.75
C LYS O 41 -4.84 -14.17 -24.74
N ALA O 42 -4.35 -14.40 -25.96
CA ALA O 42 -4.40 -13.41 -27.03
C ALA O 42 -5.87 -13.15 -27.39
N ILE O 43 -6.63 -14.24 -27.52
CA ILE O 43 -8.03 -14.19 -27.88
C ILE O 43 -8.84 -13.41 -26.84
N ASN O 44 -8.62 -13.69 -25.57
CA ASN O 44 -9.35 -12.99 -24.52
C ASN O 44 -9.04 -11.49 -24.55
N ALA O 45 -7.78 -11.16 -24.78
CA ALA O 45 -7.37 -9.76 -24.86
C ALA O 45 -8.07 -9.05 -26.03
N LEU O 46 -8.15 -9.73 -27.18
CA LEU O 46 -8.79 -9.14 -28.35
C LEU O 46 -10.29 -8.96 -28.09
N LYS O 47 -10.91 -9.97 -27.50
CA LYS O 47 -12.34 -9.94 -27.20
C LYS O 47 -12.72 -8.77 -26.31
N SER O 48 -11.94 -8.56 -25.25
CA SER O 48 -12.24 -7.47 -24.33
C SER O 48 -11.65 -6.12 -24.74
N PHE O 49 -11.28 -5.97 -26.00
CA PHE O 49 -10.74 -4.70 -26.48
C PHE O 49 -11.92 -3.77 -26.78
N HIS O 50 -11.81 -2.50 -26.40
CA HIS O 50 -12.88 -1.53 -26.60
C HIS O 50 -13.23 -1.14 -28.04
N LYS O 51 -12.44 -1.59 -29.02
CA LYS O 51 -12.70 -1.25 -30.41
C LYS O 51 -12.05 -2.28 -31.32
N PRO O 52 -12.37 -2.24 -32.62
CA PRO O 52 -11.78 -3.19 -33.57
C PRO O 52 -10.30 -2.85 -33.78
N VAL O 53 -9.47 -3.87 -33.99
CA VAL O 53 -8.05 -3.63 -34.21
C VAL O 53 -7.87 -3.33 -35.70
N THR O 54 -7.31 -2.17 -36.01
CA THR O 54 -7.14 -1.76 -37.40
C THR O 54 -5.70 -1.63 -37.89
N SER O 55 -4.72 -2.07 -37.11
CA SER O 55 -3.34 -1.97 -37.54
C SER O 55 -2.36 -2.84 -36.75
N TYR O 56 -1.24 -3.17 -37.39
CA TYR O 56 -0.20 -3.99 -36.78
C TYR O 56 0.24 -3.31 -35.48
N GLN O 57 0.57 -2.02 -35.58
CA GLN O 57 1.03 -1.28 -34.42
C GLN O 57 0.03 -1.25 -33.27
N GLU O 58 -1.25 -1.07 -33.58
CA GLU O 58 -2.26 -1.03 -32.53
C GLU O 58 -2.37 -2.40 -31.87
N ALA O 59 -2.22 -3.45 -32.68
CA ALA O 59 -2.28 -4.80 -32.17
C ALA O 59 -1.13 -4.98 -31.16
N CYS O 60 0.05 -4.49 -31.54
CA CYS O 60 1.25 -4.58 -30.68
C CYS O 60 1.11 -3.84 -29.35
N SER O 61 0.17 -2.91 -29.26
CA SER O 61 -0.01 -2.15 -28.03
C SER O 61 -0.83 -2.93 -27.01
N ILE O 62 -1.51 -3.98 -27.46
CA ILE O 62 -2.34 -4.79 -26.59
C ILE O 62 -1.56 -5.87 -25.84
N PRO O 63 -1.63 -5.86 -24.50
CA PRO O 63 -0.90 -6.89 -23.73
C PRO O 63 -1.40 -8.27 -24.13
N GLY O 64 -0.48 -9.23 -24.24
CA GLY O 64 -0.85 -10.58 -24.62
C GLY O 64 -0.79 -10.77 -26.13
N ILE O 65 -0.38 -9.72 -26.84
CA ILE O 65 -0.27 -9.78 -28.29
C ILE O 65 1.11 -9.30 -28.70
N GLY O 66 1.92 -10.23 -29.20
CA GLY O 66 3.27 -9.89 -29.63
C GLY O 66 3.41 -9.79 -31.12
N LYS O 67 4.66 -9.45 -31.58
CA LYS O 67 4.89 -9.37 -33.01
C LYS O 67 4.20 -10.50 -33.77
N ARG O 68 4.58 -11.76 -33.35
CA ARG O 68 4.10 -12.96 -34.02
C ARG O 68 2.58 -13.02 -34.12
N MET O 69 1.89 -12.63 -33.06
CA MET O 69 0.43 -12.66 -33.06
C MET O 69 -0.13 -11.49 -33.88
N ALA O 70 0.62 -10.39 -33.91
CA ALA O 70 0.19 -9.21 -34.67
C ALA O 70 0.27 -9.49 -36.18
N GLU O 71 1.21 -10.34 -36.58
CA GLU O 71 1.36 -10.70 -37.99
C GLU O 71 0.12 -11.45 -38.45
N LYS O 72 -0.36 -12.34 -37.58
CA LYS O 72 -1.55 -13.12 -37.89
C LYS O 72 -2.74 -12.19 -37.95
N ILE O 73 -2.90 -11.36 -36.93
CA ILE O 73 -4.00 -10.41 -36.91
C ILE O 73 -4.03 -9.53 -38.16
N ILE O 74 -2.87 -9.02 -38.60
CA ILE O 74 -2.83 -8.17 -39.78
C ILE O 74 -3.02 -8.93 -41.12
N GLU O 75 -2.68 -10.21 -41.16
CA GLU O 75 -2.88 -10.99 -42.37
C GLU O 75 -4.38 -11.20 -42.52
N ILE O 76 -5.04 -11.51 -41.41
CA ILE O 76 -6.47 -11.72 -41.43
C ILE O 76 -7.18 -10.42 -41.80
N LEU O 77 -6.66 -9.32 -41.30
CA LEU O 77 -7.23 -8.02 -41.54
C LEU O 77 -6.93 -7.52 -42.94
N GLU O 78 -5.98 -8.16 -43.62
CA GLU O 78 -5.61 -7.75 -44.98
C GLU O 78 -5.90 -8.80 -46.05
N SER O 79 -6.56 -9.90 -45.70
CA SER O 79 -6.85 -10.93 -46.70
C SER O 79 -8.12 -11.70 -46.38
N GLY O 80 -8.69 -11.45 -45.21
CA GLY O 80 -9.91 -12.14 -44.82
C GLY O 80 -9.68 -13.59 -44.44
N HIS O 81 -8.57 -14.16 -44.89
CA HIS O 81 -8.22 -15.55 -44.58
C HIS O 81 -6.92 -15.63 -43.77
N LEU O 82 -6.62 -16.82 -43.25
CA LEU O 82 -5.40 -17.02 -42.48
C LEU O 82 -4.66 -18.24 -43.02
N ARG O 83 -3.78 -18.02 -43.98
CA ARG O 83 -3.02 -19.09 -44.60
C ARG O 83 -2.76 -20.27 -43.67
N LYS O 84 -2.03 -20.01 -42.57
CA LYS O 84 -1.70 -21.05 -41.59
C LYS O 84 -2.84 -22.06 -41.38
N LEU O 85 -4.07 -21.56 -41.45
CA LEU O 85 -5.25 -22.39 -41.26
C LEU O 85 -5.41 -23.47 -42.30
N ASP O 86 -5.07 -23.15 -43.54
CA ASP O 86 -5.21 -24.12 -44.64
C ASP O 86 -4.06 -25.14 -44.68
N HIS O 87 -3.28 -25.20 -43.61
CA HIS O 87 -2.17 -26.12 -43.52
C HIS O 87 -2.20 -26.92 -42.23
N ILE O 88 -3.38 -27.06 -41.64
CA ILE O 88 -3.51 -27.83 -40.41
C ILE O 88 -3.53 -29.32 -40.72
N SER O 89 -2.81 -30.10 -39.92
CA SER O 89 -2.75 -31.55 -40.13
C SER O 89 -4.13 -32.19 -40.23
N GLU O 90 -4.28 -33.10 -41.19
CA GLU O 90 -5.55 -33.79 -41.41
C GLU O 90 -5.96 -34.67 -40.22
N SER O 91 -5.04 -34.83 -39.27
CA SER O 91 -5.28 -35.65 -38.08
C SER O 91 -6.02 -34.91 -36.96
N VAL O 92 -5.91 -33.58 -36.94
CA VAL O 92 -6.56 -32.75 -35.93
C VAL O 92 -8.03 -33.10 -35.69
N PRO O 93 -8.84 -33.18 -36.75
CA PRO O 93 -10.26 -33.51 -36.54
C PRO O 93 -10.47 -34.76 -35.68
N VAL O 94 -9.74 -35.84 -36.00
N VAL O 94 -9.73 -35.83 -36.00
CA VAL O 94 -9.87 -37.07 -35.24
CA VAL O 94 -9.82 -37.08 -35.27
C VAL O 94 -9.26 -36.92 -33.84
C VAL O 94 -9.26 -36.92 -33.85
N LEU O 95 -8.17 -36.16 -33.74
CA LEU O 95 -7.52 -35.92 -32.46
C LEU O 95 -8.48 -35.21 -31.51
N GLU O 96 -9.29 -34.29 -32.06
CA GLU O 96 -10.25 -33.57 -31.25
C GLU O 96 -11.38 -34.52 -30.87
N LEU O 97 -11.77 -35.34 -31.84
CA LEU O 97 -12.82 -36.33 -31.66
C LEU O 97 -12.49 -37.24 -30.46
N PHE O 98 -11.28 -37.82 -30.49
CA PHE O 98 -10.84 -38.70 -29.42
C PHE O 98 -10.76 -37.93 -28.11
N SER O 99 -10.27 -36.69 -28.20
CA SER O 99 -10.13 -35.85 -27.01
C SER O 99 -11.45 -35.42 -26.40
N ASN O 100 -12.56 -35.50 -27.14
CA ASN O 100 -13.83 -35.12 -26.54
C ASN O 100 -14.26 -36.17 -25.53
N ILE O 101 -13.52 -37.27 -25.50
CA ILE O 101 -13.79 -38.37 -24.58
C ILE O 101 -13.19 -38.04 -23.20
N TRP O 102 -14.03 -37.93 -22.19
CA TRP O 102 -13.57 -37.62 -20.83
C TRP O 102 -12.57 -38.67 -20.38
N GLY O 103 -11.37 -38.22 -20.00
CA GLY O 103 -10.36 -39.14 -19.53
C GLY O 103 -9.31 -39.44 -20.59
N ALA O 104 -9.57 -38.96 -21.80
CA ALA O 104 -8.64 -39.15 -22.89
C ALA O 104 -8.10 -37.78 -23.30
N GLY O 105 -6.80 -37.58 -23.16
CA GLY O 105 -6.19 -36.31 -23.52
C GLY O 105 -5.41 -36.40 -24.82
N THR O 106 -4.57 -35.41 -25.05
CA THR O 106 -3.77 -35.38 -26.27
C THR O 106 -2.93 -36.64 -26.47
N LYS O 107 -2.29 -37.13 -25.41
CA LYS O 107 -1.46 -38.31 -25.50
C LYS O 107 -2.22 -39.58 -25.91
N THR O 108 -3.40 -39.75 -25.34
CA THR O 108 -4.23 -40.91 -25.64
C THR O 108 -4.76 -40.84 -27.08
N ALA O 109 -5.11 -39.64 -27.51
CA ALA O 109 -5.62 -39.45 -28.85
C ALA O 109 -4.53 -39.79 -29.88
N GLN O 110 -3.31 -39.30 -29.63
CA GLN O 110 -2.18 -39.54 -30.52
C GLN O 110 -1.88 -41.04 -30.55
N MET O 111 -1.98 -41.68 -29.38
CA MET O 111 -1.71 -43.11 -29.31
C MET O 111 -2.74 -43.84 -30.16
N TRP O 112 -4.00 -43.42 -30.06
CA TRP O 112 -5.07 -44.05 -30.84
C TRP O 112 -4.97 -43.79 -32.35
N TYR O 113 -4.53 -42.60 -32.72
CA TYR O 113 -4.37 -42.27 -34.14
C TYR O 113 -3.25 -43.15 -34.69
N GLN O 114 -2.12 -43.19 -33.98
CA GLN O 114 -0.97 -44.00 -34.40
C GLN O 114 -1.40 -45.46 -34.58
N GLN O 115 -2.40 -45.88 -33.80
CA GLN O 115 -2.89 -47.25 -33.88
C GLN O 115 -3.86 -47.48 -35.03
N GLY O 116 -4.10 -46.45 -35.84
CA GLY O 116 -4.99 -46.58 -36.98
C GLY O 116 -6.46 -46.29 -36.73
N PHE O 117 -6.81 -45.96 -35.49
CA PHE O 117 -8.18 -45.66 -35.11
C PHE O 117 -8.56 -44.28 -35.66
N ARG O 118 -9.76 -44.16 -36.19
CA ARG O 118 -10.20 -42.90 -36.76
C ARG O 118 -11.60 -42.48 -36.33
N SER O 119 -12.44 -43.45 -35.98
CA SER O 119 -13.81 -43.15 -35.56
C SER O 119 -14.05 -43.62 -34.13
N LEU O 120 -15.13 -43.13 -33.52
CA LEU O 120 -15.46 -43.52 -32.16
C LEU O 120 -15.80 -45.00 -32.17
N GLU O 121 -16.39 -45.46 -33.27
CA GLU O 121 -16.74 -46.87 -33.38
C GLU O 121 -15.46 -47.70 -33.32
N ASP O 122 -14.38 -47.14 -33.87
CA ASP O 122 -13.06 -47.80 -33.85
C ASP O 122 -12.60 -47.95 -32.41
N ILE O 123 -12.72 -46.87 -31.66
CA ILE O 123 -12.32 -46.85 -30.26
C ILE O 123 -13.14 -47.86 -29.46
N ARG O 124 -14.44 -47.84 -29.67
CA ARG O 124 -15.36 -48.72 -28.98
C ARG O 124 -15.10 -50.21 -29.22
N SER O 125 -14.67 -50.56 -30.43
CA SER O 125 -14.43 -51.96 -30.77
C SER O 125 -12.99 -52.48 -30.67
N GLN O 126 -12.01 -51.60 -30.73
CA GLN O 126 -10.62 -52.07 -30.71
C GLN O 126 -9.68 -51.45 -29.67
N ALA O 127 -9.88 -50.17 -29.36
CA ALA O 127 -9.02 -49.50 -28.41
C ALA O 127 -9.11 -50.05 -27.00
N SER O 128 -8.01 -49.88 -26.25
CA SER O 128 -7.96 -50.30 -24.86
C SER O 128 -8.42 -49.07 -24.10
N LEU O 129 -9.41 -49.24 -23.23
CA LEU O 129 -9.95 -48.12 -22.48
C LEU O 129 -9.80 -48.22 -20.97
N THR O 130 -9.42 -47.10 -20.34
CA THR O 130 -9.32 -47.06 -18.89
C THR O 130 -10.78 -47.06 -18.44
N THR O 131 -11.02 -47.29 -17.16
CA THR O 131 -12.37 -47.29 -16.64
C THR O 131 -13.08 -45.96 -16.89
N GLN O 132 -12.36 -44.85 -16.76
CA GLN O 132 -12.95 -43.53 -16.95
C GLN O 132 -13.23 -43.27 -18.42
N GLN O 133 -12.33 -43.75 -19.28
CA GLN O 133 -12.49 -43.54 -20.72
C GLN O 133 -13.71 -44.31 -21.23
N ALA O 134 -13.94 -45.50 -20.66
CA ALA O 134 -15.09 -46.32 -21.05
C ALA O 134 -16.36 -45.52 -20.79
N ILE O 135 -16.47 -45.01 -19.57
CA ILE O 135 -17.64 -44.22 -19.17
C ILE O 135 -17.75 -42.96 -20.02
N GLY O 136 -16.64 -42.27 -20.23
CA GLY O 136 -16.66 -41.06 -21.02
C GLY O 136 -17.14 -41.38 -22.42
N LEU O 137 -16.72 -42.54 -22.92
CA LEU O 137 -17.12 -42.98 -24.25
C LEU O 137 -18.61 -43.35 -24.37
N LYS O 138 -19.13 -44.10 -23.41
CA LYS O 138 -20.52 -44.50 -23.51
C LYS O 138 -21.51 -43.34 -23.36
N HIS O 139 -21.04 -42.23 -22.79
CA HIS O 139 -21.88 -41.05 -22.62
C HIS O 139 -21.32 -39.91 -23.49
N TYR O 140 -20.58 -40.27 -24.53
CA TYR O 140 -19.96 -39.29 -25.42
C TYR O 140 -20.88 -38.15 -25.88
N SER O 141 -22.06 -38.51 -26.41
CA SER O 141 -23.02 -37.51 -26.89
C SER O 141 -23.60 -36.65 -25.78
N ASP O 142 -24.13 -37.30 -24.74
CA ASP O 142 -24.70 -36.59 -23.61
C ASP O 142 -23.72 -35.59 -22.99
N PHE O 143 -22.47 -36.02 -22.84
CA PHE O 143 -21.41 -35.20 -22.25
C PHE O 143 -20.96 -34.04 -23.13
N LEU O 144 -21.19 -34.17 -24.43
CA LEU O 144 -20.81 -33.12 -25.37
C LEU O 144 -21.82 -31.97 -25.42
N GLU O 145 -23.09 -32.27 -25.13
CA GLU O 145 -24.14 -31.26 -25.16
C GLU O 145 -24.22 -30.43 -23.88
N ARG O 146 -24.47 -29.13 -24.06
CA ARG O 146 -24.60 -28.22 -22.93
C ARG O 146 -26.05 -28.31 -22.44
N MET O 147 -26.24 -28.56 -21.16
CA MET O 147 -27.58 -28.68 -20.60
C MET O 147 -28.19 -27.32 -20.29
N PRO O 148 -29.52 -27.21 -20.41
CA PRO O 148 -30.21 -25.94 -20.12
C PRO O 148 -29.98 -25.58 -18.66
N ARG O 149 -29.93 -24.29 -18.38
CA ARG O 149 -29.70 -23.83 -17.01
C ARG O 149 -30.69 -24.43 -16.03
N GLU O 150 -31.94 -24.59 -16.48
CA GLU O 150 -32.99 -25.16 -15.64
C GLU O 150 -32.65 -26.57 -15.17
N GLU O 151 -32.05 -27.37 -16.03
CA GLU O 151 -31.69 -28.75 -15.68
C GLU O 151 -30.62 -28.80 -14.60
N ALA O 152 -29.66 -27.87 -14.67
CA ALA O 152 -28.59 -27.83 -13.68
C ALA O 152 -29.21 -27.49 -12.32
N THR O 153 -30.19 -26.60 -12.34
CA THR O 153 -30.87 -26.18 -11.12
C THR O 153 -31.55 -27.39 -10.47
N GLU O 154 -32.20 -28.21 -11.28
CA GLU O 154 -32.88 -29.40 -10.77
C GLU O 154 -31.85 -30.35 -10.17
N ILE O 155 -30.73 -30.50 -10.87
CA ILE O 155 -29.66 -31.38 -10.41
C ILE O 155 -29.10 -30.88 -9.08
N GLU O 156 -28.95 -29.55 -8.99
CA GLU O 156 -28.44 -28.93 -7.76
C GLU O 156 -29.41 -29.24 -6.63
N GLN O 157 -30.70 -29.01 -6.88
CA GLN O 157 -31.74 -29.26 -5.88
C GLN O 157 -31.76 -30.71 -5.40
N THR O 158 -31.46 -31.65 -6.30
CA THR O 158 -31.43 -33.08 -5.93
C THR O 158 -30.34 -33.35 -4.91
N VAL O 159 -29.16 -32.80 -5.18
CA VAL O 159 -28.01 -32.97 -4.29
C VAL O 159 -28.25 -32.25 -2.98
N GLN O 160 -28.72 -31.02 -3.07
CA GLN O 160 -28.98 -30.22 -1.88
C GLN O 160 -30.03 -30.86 -0.98
N LYS O 161 -31.18 -31.22 -1.55
CA LYS O 161 -32.24 -31.85 -0.77
C LYS O 161 -31.75 -33.10 -0.05
N ALA O 162 -30.94 -33.90 -0.75
CA ALA O 162 -30.41 -35.14 -0.17
C ALA O 162 -29.42 -34.85 0.95
N ALA O 163 -28.62 -33.80 0.79
CA ALA O 163 -27.62 -33.42 1.78
C ALA O 163 -28.27 -32.79 3.00
N GLN O 164 -29.20 -31.87 2.77
CA GLN O 164 -29.88 -31.19 3.88
C GLN O 164 -30.75 -32.14 4.71
N ALA O 165 -30.87 -33.39 4.25
CA ALA O 165 -31.64 -34.39 4.99
C ALA O 165 -30.79 -34.90 6.16
N PHE O 166 -29.47 -34.96 5.95
CA PHE O 166 -28.53 -35.40 6.99
C PHE O 166 -28.23 -34.27 7.97
N ASN O 167 -28.34 -33.04 7.48
CA ASN O 167 -28.10 -31.86 8.30
C ASN O 167 -28.62 -30.63 7.55
N SER O 168 -29.72 -30.08 8.06
CA SER O 168 -30.36 -28.92 7.46
C SER O 168 -29.47 -27.66 7.47
N GLY O 169 -28.41 -27.69 8.27
CA GLY O 169 -27.52 -26.55 8.37
C GLY O 169 -26.55 -26.40 7.22
N LEU O 170 -26.29 -27.49 6.51
CA LEU O 170 -25.36 -27.47 5.38
C LEU O 170 -25.75 -26.46 4.31
N LEU O 171 -24.74 -25.84 3.70
CA LEU O 171 -24.94 -24.87 2.63
C LEU O 171 -24.45 -25.50 1.34
N CYS O 172 -25.30 -25.47 0.30
CA CYS O 172 -24.97 -26.04 -0.99
C CYS O 172 -25.05 -24.98 -2.08
N VAL O 173 -24.03 -24.92 -2.93
CA VAL O 173 -24.01 -23.93 -4.01
C VAL O 173 -23.45 -24.49 -5.31
N ALA O 174 -24.24 -24.39 -6.38
CA ALA O 174 -23.78 -24.85 -7.68
C ALA O 174 -22.87 -23.74 -8.19
N CYS O 175 -21.65 -24.09 -8.59
CA CYS O 175 -20.69 -23.10 -9.08
C CYS O 175 -20.47 -23.21 -10.59
N GLY O 176 -19.22 -23.18 -11.03
CA GLY O 176 -18.93 -23.28 -12.46
C GLY O 176 -19.60 -22.24 -13.33
N SER O 177 -20.01 -22.64 -14.53
CA SER O 177 -20.66 -21.70 -15.44
C SER O 177 -22.08 -21.43 -14.96
N TYR O 178 -22.59 -22.28 -14.08
CA TYR O 178 -23.94 -22.08 -13.54
C TYR O 178 -23.91 -20.82 -12.68
N ARG O 179 -22.97 -20.77 -11.74
CA ARG O 179 -22.85 -19.61 -10.86
C ARG O 179 -22.43 -18.36 -11.64
N ARG O 180 -21.71 -18.55 -12.74
CA ARG O 180 -21.29 -17.40 -13.56
C ARG O 180 -22.50 -16.99 -14.42
N GLY O 181 -23.67 -17.50 -14.03
CA GLY O 181 -24.91 -17.20 -14.71
C GLY O 181 -24.98 -17.37 -16.22
N LYS O 182 -24.70 -18.57 -16.71
CA LYS O 182 -24.76 -18.82 -18.16
C LYS O 182 -26.10 -19.47 -18.50
N ALA O 183 -26.45 -19.45 -19.78
CA ALA O 183 -27.70 -20.02 -20.25
C ALA O 183 -27.65 -21.54 -20.24
N THR O 184 -26.51 -22.10 -20.63
CA THR O 184 -26.32 -23.55 -20.65
C THR O 184 -25.13 -23.92 -19.79
N CYS O 185 -24.96 -25.21 -19.53
CA CYS O 185 -23.87 -25.67 -18.70
C CYS O 185 -23.27 -26.99 -19.16
N GLY O 186 -21.95 -27.02 -19.26
CA GLY O 186 -21.27 -28.23 -19.67
C GLY O 186 -21.30 -29.24 -18.53
N ASP O 187 -21.48 -28.74 -17.31
CA ASP O 187 -21.54 -29.61 -16.14
C ASP O 187 -22.06 -28.88 -14.90
N VAL O 188 -22.16 -29.61 -13.79
CA VAL O 188 -22.65 -29.06 -12.54
C VAL O 188 -21.71 -29.40 -11.39
N ASP O 189 -21.25 -28.38 -10.67
CA ASP O 189 -20.35 -28.56 -9.55
C ASP O 189 -21.03 -28.04 -8.30
N VAL O 190 -21.40 -28.94 -7.40
CA VAL O 190 -22.07 -28.56 -6.17
C VAL O 190 -21.12 -28.50 -4.98
N LEU O 191 -20.87 -27.29 -4.48
CA LEU O 191 -19.99 -27.07 -3.34
C LEU O 191 -20.79 -27.12 -2.04
N ILE O 192 -20.31 -27.89 -1.07
CA ILE O 192 -20.99 -28.05 0.21
C ILE O 192 -20.11 -27.77 1.43
N THR O 193 -20.68 -27.08 2.41
CA THR O 193 -19.98 -26.78 3.65
C THR O 193 -20.99 -26.50 4.76
N HIS O 194 -20.49 -26.33 5.98
CA HIS O 194 -21.37 -26.02 7.10
C HIS O 194 -20.73 -24.90 7.93
N PRO O 195 -21.51 -23.88 8.27
CA PRO O 195 -21.08 -22.72 9.05
C PRO O 195 -20.39 -22.97 10.39
N ASP O 196 -20.74 -24.06 11.06
CA ASP O 196 -20.11 -24.36 12.33
C ASP O 196 -18.70 -24.95 12.19
N GLY O 197 -18.20 -24.96 10.96
CA GLY O 197 -16.86 -25.48 10.70
C GLY O 197 -16.52 -26.94 11.02
N ARG O 198 -17.48 -27.73 11.46
CA ARG O 198 -17.21 -29.14 11.81
C ARG O 198 -18.24 -30.14 11.26
N SER O 199 -19.50 -29.72 11.24
CA SER O 199 -20.58 -30.60 10.78
C SER O 199 -20.50 -31.08 9.34
N HIS O 200 -19.61 -30.52 8.54
CA HIS O 200 -19.47 -30.96 7.17
C HIS O 200 -18.89 -32.38 7.15
N ARG O 201 -18.16 -32.72 8.21
CA ARG O 201 -17.51 -34.02 8.31
C ARG O 201 -18.48 -35.19 8.34
N GLY O 202 -18.11 -36.27 7.64
CA GLY O 202 -18.97 -37.44 7.60
C GLY O 202 -20.15 -37.34 6.63
N ILE O 203 -20.38 -36.15 6.07
CA ILE O 203 -21.49 -35.96 5.13
C ILE O 203 -21.27 -36.53 3.73
N PHE O 204 -20.05 -36.39 3.20
CA PHE O 204 -19.70 -36.85 1.86
C PHE O 204 -20.04 -38.29 1.51
N SER O 205 -19.41 -39.23 2.23
CA SER O 205 -19.64 -40.66 1.98
C SER O 205 -21.10 -41.05 1.95
N ARG O 206 -21.87 -40.66 2.96
CA ARG O 206 -23.28 -41.05 2.96
C ARG O 206 -24.17 -40.25 2.02
N LEU O 207 -23.77 -39.05 1.63
CA LEU O 207 -24.58 -38.27 0.69
C LEU O 207 -24.53 -38.99 -0.66
N LEU O 208 -23.35 -39.52 -0.98
CA LEU O 208 -23.13 -40.22 -2.24
C LEU O 208 -23.88 -41.55 -2.30
N ASP O 209 -23.90 -42.28 -1.18
CA ASP O 209 -24.60 -43.56 -1.14
C ASP O 209 -26.09 -43.30 -1.26
N SER O 210 -26.57 -42.23 -0.62
CA SER O 210 -27.97 -41.88 -0.71
C SER O 210 -28.35 -41.71 -2.18
N LEU O 211 -27.60 -40.83 -2.86
CA LEU O 211 -27.83 -40.54 -4.27
C LEU O 211 -27.57 -41.72 -5.21
N ARG O 212 -26.74 -42.65 -4.78
CA ARG O 212 -26.42 -43.81 -5.61
C ARG O 212 -27.54 -44.85 -5.54
N GLN O 213 -28.34 -44.81 -4.48
CA GLN O 213 -29.45 -45.75 -4.31
C GLN O 213 -30.72 -45.12 -4.89
N GLU O 214 -30.80 -43.79 -4.80
CA GLU O 214 -31.95 -43.06 -5.35
C GLU O 214 -31.86 -43.17 -6.87
N GLY O 215 -30.84 -43.87 -7.36
CA GLY O 215 -30.64 -44.05 -8.78
C GLY O 215 -30.20 -42.79 -9.51
N PHE O 216 -29.89 -41.74 -8.75
CA PHE O 216 -29.46 -40.48 -9.35
C PHE O 216 -28.08 -40.59 -9.99
N LEU O 217 -27.12 -41.12 -9.24
CA LEU O 217 -25.77 -41.30 -9.73
C LEU O 217 -25.71 -42.60 -10.53
N THR O 218 -25.34 -42.48 -11.81
CA THR O 218 -25.26 -43.64 -12.70
C THR O 218 -23.84 -44.18 -12.85
N ASP O 219 -22.85 -43.29 -12.81
CA ASP O 219 -21.45 -43.72 -12.95
C ASP O 219 -20.51 -42.91 -12.08
N ASP O 220 -19.36 -43.51 -11.76
CA ASP O 220 -18.35 -42.84 -10.95
C ASP O 220 -17.05 -42.72 -11.74
N LEU O 221 -16.57 -41.50 -11.92
CA LEU O 221 -15.32 -41.27 -12.63
C LEU O 221 -14.21 -41.31 -11.58
N VAL O 222 -14.45 -40.62 -10.47
CA VAL O 222 -13.53 -40.61 -9.33
C VAL O 222 -14.43 -40.58 -8.09
N SER O 223 -14.64 -41.75 -7.50
CA SER O 223 -15.50 -41.87 -6.32
C SER O 223 -15.11 -40.93 -5.19
N GLN O 224 -13.80 -40.72 -4.99
CA GLN O 224 -13.35 -39.82 -3.93
C GLN O 224 -11.93 -39.30 -4.10
N GLU O 225 -11.78 -37.99 -3.98
CA GLU O 225 -10.48 -37.34 -4.07
C GLU O 225 -10.29 -36.57 -2.78
N GLU O 226 -9.29 -36.94 -1.98
CA GLU O 226 -9.07 -36.22 -0.75
C GLU O 226 -7.90 -35.25 -0.95
N ASN O 227 -8.26 -34.00 -1.19
CA ASN O 227 -7.30 -32.93 -1.39
C ASN O 227 -7.29 -32.11 -0.10
N GLY O 228 -6.32 -32.39 0.76
CA GLY O 228 -6.24 -31.68 2.04
C GLY O 228 -7.49 -32.03 2.81
N GLN O 229 -8.25 -31.04 3.24
CA GLN O 229 -9.48 -31.29 3.97
C GLN O 229 -10.72 -31.27 3.09
N GLN O 230 -10.51 -31.21 1.77
CA GLN O 230 -11.62 -31.22 0.82
C GLN O 230 -11.84 -32.61 0.22
N GLN O 231 -13.08 -33.06 0.20
CA GLN O 231 -13.44 -34.34 -0.38
C GLN O 231 -14.17 -34.01 -1.66
N LYS O 232 -13.79 -34.64 -2.78
CA LYS O 232 -14.45 -34.35 -4.05
C LYS O 232 -14.91 -35.58 -4.81
N TYR O 233 -16.04 -35.45 -5.49
CA TYR O 233 -16.59 -36.55 -6.27
C TYR O 233 -16.74 -36.11 -7.72
N LEU O 234 -16.34 -36.97 -8.65
CA LEU O 234 -16.47 -36.69 -10.07
C LEU O 234 -17.29 -37.85 -10.64
N GLY O 235 -18.51 -37.56 -11.06
CA GLY O 235 -19.35 -38.63 -11.59
C GLY O 235 -20.41 -38.25 -12.60
N VAL O 236 -21.34 -39.17 -12.81
CA VAL O 236 -22.41 -38.97 -13.76
C VAL O 236 -23.76 -39.06 -13.06
N CYS O 237 -24.73 -38.30 -13.54
CA CYS O 237 -26.06 -38.32 -12.94
C CYS O 237 -27.10 -38.18 -14.04
N ARG O 238 -28.35 -38.42 -13.67
CA ARG O 238 -29.47 -38.31 -14.60
C ARG O 238 -30.75 -38.14 -13.79
N LEU O 239 -31.56 -37.17 -14.18
CA LEU O 239 -32.82 -36.90 -13.49
C LEU O 239 -33.88 -37.96 -13.82
N PRO O 240 -34.68 -38.35 -12.82
CA PRO O 240 -35.73 -39.37 -13.03
C PRO O 240 -36.67 -38.94 -14.15
N GLY O 241 -37.39 -39.91 -14.72
CA GLY O 241 -38.31 -39.62 -15.79
C GLY O 241 -37.72 -39.89 -17.16
N PRO O 242 -38.57 -39.93 -18.20
CA PRO O 242 -38.14 -40.18 -19.58
C PRO O 242 -37.46 -39.00 -20.28
N GLY O 243 -36.71 -39.30 -21.34
CA GLY O 243 -36.03 -38.26 -22.09
C GLY O 243 -34.94 -37.54 -21.32
N ARG O 244 -34.33 -38.22 -20.35
CA ARG O 244 -33.28 -37.62 -19.55
C ARG O 244 -31.87 -38.06 -19.96
N ARG O 245 -30.99 -37.08 -20.12
CA ARG O 245 -29.61 -37.34 -20.50
C ARG O 245 -28.70 -37.47 -19.28
N HIS O 246 -27.54 -38.10 -19.47
CA HIS O 246 -26.55 -38.28 -18.42
C HIS O 246 -25.71 -37.00 -18.38
N ARG O 247 -25.53 -36.43 -17.20
CA ARG O 247 -24.76 -35.19 -17.07
C ARG O 247 -23.56 -35.32 -16.15
N ARG O 248 -22.56 -34.50 -16.41
CA ARG O 248 -21.36 -34.49 -15.58
C ARG O 248 -21.70 -33.84 -14.24
N LEU O 249 -21.42 -34.53 -13.15
CA LEU O 249 -21.70 -33.98 -11.83
C LEU O 249 -20.51 -34.08 -10.91
N ASP O 250 -20.18 -32.96 -10.26
CA ASP O 250 -19.07 -32.90 -9.33
C ASP O 250 -19.62 -32.44 -7.97
N ILE O 251 -19.20 -33.11 -6.91
CA ILE O 251 -19.63 -32.73 -5.56
C ILE O 251 -18.39 -32.50 -4.69
N ILE O 252 -18.32 -31.29 -4.12
CA ILE O 252 -17.20 -30.94 -3.26
C ILE O 252 -17.67 -30.55 -1.87
N VAL O 253 -17.06 -31.15 -0.85
CA VAL O 253 -17.38 -30.84 0.53
C VAL O 253 -16.11 -30.28 1.14
N VAL O 254 -16.19 -29.04 1.64
CA VAL O 254 -15.04 -28.38 2.20
C VAL O 254 -15.32 -27.76 3.57
N PRO O 255 -14.27 -27.59 4.39
CA PRO O 255 -14.48 -27.00 5.72
C PRO O 255 -14.84 -25.52 5.50
N TYR O 256 -15.64 -24.95 6.40
CA TYR O 256 -16.08 -23.57 6.28
C TYR O 256 -15.02 -22.49 6.02
N SER O 257 -13.86 -22.62 6.65
CA SER O 257 -12.79 -21.63 6.48
C SER O 257 -12.22 -21.57 5.05
N GLU O 258 -12.56 -22.55 4.23
CA GLU O 258 -12.08 -22.60 2.84
C GLU O 258 -13.22 -22.34 1.85
N PHE O 259 -14.41 -22.11 2.38
CA PHE O 259 -15.58 -21.89 1.54
C PHE O 259 -15.39 -20.81 0.48
N ALA O 260 -14.88 -19.65 0.87
CA ALA O 260 -14.67 -18.54 -0.06
C ALA O 260 -13.73 -18.90 -1.21
N CYS O 261 -12.54 -19.38 -0.88
CA CYS O 261 -11.57 -19.76 -1.89
C CYS O 261 -12.09 -20.93 -2.75
N ALA O 262 -12.83 -21.84 -2.13
CA ALA O 262 -13.38 -22.97 -2.88
C ALA O 262 -14.40 -22.44 -3.90
N LEU O 263 -15.27 -21.55 -3.45
CA LEU O 263 -16.29 -20.95 -4.33
C LEU O 263 -15.62 -20.23 -5.49
N LEU O 264 -14.60 -19.45 -5.16
CA LEU O 264 -13.87 -18.70 -6.17
C LEU O 264 -13.27 -19.66 -7.18
N TYR O 265 -12.55 -20.65 -6.68
CA TYR O 265 -11.90 -21.63 -7.54
C TYR O 265 -12.84 -22.43 -8.43
N PHE O 266 -13.85 -23.05 -7.84
CA PHE O 266 -14.76 -23.86 -8.63
C PHE O 266 -15.75 -23.06 -9.47
N THR O 267 -15.74 -21.74 -9.31
CA THR O 267 -16.62 -20.90 -10.10
C THR O 267 -15.86 -20.58 -11.40
N GLY O 268 -14.54 -20.45 -11.29
CA GLY O 268 -13.73 -20.15 -12.46
C GLY O 268 -14.15 -18.84 -13.09
N SER O 269 -14.04 -18.72 -14.41
CA SER O 269 -13.54 -19.77 -15.29
C SER O 269 -12.07 -20.11 -15.02
N ALA O 270 -11.57 -21.07 -15.78
CA ALA O 270 -10.19 -21.50 -15.66
C ALA O 270 -9.26 -20.32 -15.99
N HIS O 271 -9.64 -19.52 -16.98
CA HIS O 271 -8.83 -18.36 -17.36
C HIS O 271 -8.79 -17.36 -16.22
N PHE O 272 -9.95 -17.12 -15.63
CA PHE O 272 -10.04 -16.20 -14.52
C PHE O 272 -9.20 -16.69 -13.35
N ASN O 273 -9.25 -17.99 -13.06
CA ASN O 273 -8.46 -18.55 -11.95
C ASN O 273 -6.97 -18.33 -12.20
N ARG O 274 -6.54 -18.62 -13.41
CA ARG O 274 -5.14 -18.46 -13.79
C ARG O 274 -4.71 -17.00 -13.62
N SER O 275 -5.56 -16.05 -14.04
CA SER O 275 -5.24 -14.63 -13.89
C SER O 275 -5.07 -14.28 -12.42
N MET O 276 -5.95 -14.82 -11.59
CA MET O 276 -5.91 -14.58 -10.14
C MET O 276 -4.63 -15.13 -9.53
N ARG O 277 -4.20 -16.31 -9.98
CA ARG O 277 -2.97 -16.90 -9.45
C ARG O 277 -1.78 -16.02 -9.84
N ALA O 278 -1.77 -15.58 -11.09
CA ALA O 278 -0.69 -14.73 -11.59
C ALA O 278 -0.60 -13.45 -10.77
N LEU O 279 -1.73 -12.81 -10.54
CA LEU O 279 -1.75 -11.58 -9.77
C LEU O 279 -1.27 -11.82 -8.35
N ALA O 280 -1.80 -12.86 -7.72
CA ALA O 280 -1.41 -13.21 -6.35
C ALA O 280 0.11 -13.33 -6.24
N LYS O 281 0.71 -13.93 -7.26
CA LYS O 281 2.15 -14.13 -7.30
C LYS O 281 2.90 -12.79 -7.29
N THR O 282 2.38 -11.80 -8.01
CA THR O 282 3.03 -10.49 -8.06
C THR O 282 2.99 -9.82 -6.68
N LYS O 283 2.01 -10.21 -5.87
CA LYS O 283 1.82 -9.64 -4.53
C LYS O 283 2.53 -10.48 -3.48
N GLY O 284 3.28 -11.49 -3.91
CA GLY O 284 3.99 -12.34 -2.96
C GLY O 284 3.07 -13.34 -2.27
N MET O 285 1.94 -13.64 -2.91
CA MET O 285 0.98 -14.60 -2.36
C MET O 285 0.70 -15.71 -3.36
N SER O 286 -0.07 -16.71 -2.92
CA SER O 286 -0.46 -17.84 -3.77
C SER O 286 -1.95 -18.06 -3.50
N LEU O 287 -2.70 -18.41 -4.54
CA LEU O 287 -4.12 -18.64 -4.41
C LEU O 287 -4.52 -20.03 -4.92
N SER O 288 -5.17 -20.81 -4.07
CA SER O 288 -5.60 -22.16 -4.44
C SER O 288 -7.08 -22.35 -4.10
N GLU O 289 -7.55 -23.59 -4.24
CA GLU O 289 -8.93 -23.93 -3.92
C GLU O 289 -9.11 -23.98 -2.40
N HIS O 290 -7.99 -23.99 -1.67
CA HIS O 290 -8.01 -24.04 -0.21
C HIS O 290 -7.98 -22.67 0.44
N ALA O 291 -7.11 -21.79 -0.06
CA ALA O 291 -6.97 -20.48 0.53
C ALA O 291 -6.02 -19.54 -0.20
N LEU O 292 -6.00 -18.31 0.29
CA LEU O 292 -5.11 -17.27 -0.21
C LEU O 292 -4.05 -17.21 0.89
N SER O 293 -2.79 -17.41 0.55
CA SER O 293 -1.74 -17.37 1.57
C SER O 293 -0.43 -16.75 1.11
N THR O 294 0.39 -16.34 2.06
CA THR O 294 1.68 -15.75 1.73
C THR O 294 2.52 -16.77 0.96
N ALA O 295 3.45 -16.29 0.14
CA ALA O 295 4.30 -17.16 -0.65
C ALA O 295 5.11 -18.11 0.25
N VAL O 296 5.37 -19.31 -0.27
CA VAL O 296 6.12 -20.31 0.48
C VAL O 296 7.58 -19.90 0.73
N VAL O 297 8.10 -20.30 1.89
CA VAL O 297 9.47 -19.99 2.27
C VAL O 297 10.46 -20.92 1.57
N ARG O 298 11.33 -20.34 0.75
CA ARG O 298 12.32 -21.11 0.02
C ARG O 298 13.62 -21.32 0.80
N ASN O 299 14.45 -22.24 0.31
CA ASN O 299 15.73 -22.55 0.92
C ASN O 299 16.82 -21.72 0.26
N THR O 300 18.03 -21.82 0.78
CA THR O 300 19.16 -21.09 0.21
C THR O 300 19.41 -21.63 -1.20
N HIS O 301 18.87 -22.83 -1.47
CA HIS O 301 18.99 -23.48 -2.76
C HIS O 301 17.81 -23.13 -3.65
N GLY O 302 16.74 -22.61 -3.03
CA GLY O 302 15.56 -22.25 -3.78
C GLY O 302 14.47 -23.30 -3.72
N CYS O 303 14.62 -24.24 -2.79
CA CYS O 303 13.65 -25.32 -2.62
C CYS O 303 12.65 -24.97 -1.53
N LYS O 304 11.36 -25.24 -1.78
CA LYS O 304 10.32 -24.96 -0.80
C LYS O 304 10.68 -25.61 0.54
N VAL O 305 10.94 -24.77 1.55
CA VAL O 305 11.31 -25.25 2.87
C VAL O 305 10.13 -25.29 3.83
N GLY O 306 9.11 -24.48 3.56
CA GLY O 306 7.94 -24.44 4.41
C GLY O 306 6.78 -23.72 3.76
N PRO O 307 5.54 -23.99 4.18
CA PRO O 307 4.37 -23.32 3.60
C PRO O 307 4.23 -21.90 4.10
N GLY O 308 3.44 -21.10 3.40
CA GLY O 308 3.23 -19.74 3.84
C GLY O 308 2.07 -19.73 4.80
N ARG O 309 1.73 -18.55 5.34
CA ARG O 309 0.62 -18.45 6.25
C ARG O 309 -0.67 -18.22 5.46
N VAL O 310 -1.74 -18.87 5.88
CA VAL O 310 -3.05 -18.73 5.23
C VAL O 310 -3.68 -17.43 5.73
N LEU O 311 -4.14 -16.60 4.80
CA LEU O 311 -4.78 -15.34 5.17
C LEU O 311 -6.28 -15.59 5.29
N PRO O 312 -6.86 -15.33 6.46
CA PRO O 312 -8.31 -15.54 6.67
C PRO O 312 -9.09 -14.86 5.56
N THR O 313 -10.06 -15.57 5.01
CA THR O 313 -10.91 -15.04 3.93
C THR O 313 -12.29 -15.65 4.05
N PRO O 314 -13.14 -15.09 4.94
CA PRO O 314 -14.50 -15.60 5.15
C PRO O 314 -15.36 -15.56 3.88
N THR O 315 -15.11 -14.56 3.04
CA THR O 315 -15.89 -14.41 1.80
C THR O 315 -15.02 -14.02 0.61
N GLU O 316 -15.56 -14.20 -0.59
CA GLU O 316 -14.85 -13.85 -1.83
C GLU O 316 -14.35 -12.41 -1.82
N LYS O 317 -15.18 -11.50 -1.30
CA LYS O 317 -14.80 -10.07 -1.23
C LYS O 317 -13.45 -9.97 -0.54
N ASP O 318 -13.28 -10.75 0.52
CA ASP O 318 -12.06 -10.75 1.29
C ASP O 318 -10.85 -11.07 0.41
N VAL O 319 -11.01 -12.02 -0.50
CA VAL O 319 -9.91 -12.43 -1.38
C VAL O 319 -9.53 -11.31 -2.33
N PHE O 320 -10.53 -10.69 -2.97
CA PHE O 320 -10.26 -9.58 -3.89
C PHE O 320 -9.62 -8.42 -3.13
N ARG O 321 -10.06 -8.22 -1.89
CA ARG O 321 -9.55 -7.15 -1.04
C ARG O 321 -8.06 -7.29 -0.77
N LEU O 322 -7.66 -8.43 -0.20
CA LEU O 322 -6.27 -8.68 0.13
C LEU O 322 -5.35 -8.62 -1.08
N LEU O 323 -5.92 -8.83 -2.27
CA LEU O 323 -5.16 -8.78 -3.51
C LEU O 323 -5.24 -7.38 -4.12
N GLY O 324 -5.79 -6.43 -3.37
CA GLY O 324 -5.93 -5.07 -3.86
C GLY O 324 -6.68 -5.08 -5.18
N LEU O 325 -7.54 -6.13 -5.38
CA LEU O 325 -8.53 -6.00 -6.43
C LEU O 325 -9.79 -5.25 -6.04
N PRO O 326 -10.60 -5.05 -7.28
CA PRO O 326 -12.01 -4.70 -7.17
C PRO O 326 -12.80 -6.01 -7.29
N TYR O 327 -13.82 -6.17 -6.45
CA TYR O 327 -14.62 -7.38 -6.50
C TYR O 327 -15.27 -7.52 -7.87
N ARG O 328 -15.19 -8.71 -8.45
CA ARG O 328 -15.80 -8.93 -9.75
C ARG O 328 -16.90 -9.96 -9.58
N GLU O 329 -18.08 -9.63 -10.10
CA GLU O 329 -19.24 -10.52 -10.01
C GLU O 329 -19.01 -11.80 -10.80
N PRO O 330 -19.59 -12.92 -10.34
CA PRO O 330 -19.45 -14.21 -11.01
C PRO O 330 -19.70 -14.12 -12.51
N ALA O 331 -20.77 -13.41 -12.89
CA ALA O 331 -21.12 -13.25 -14.30
C ALA O 331 -20.05 -12.50 -15.10
N GLU O 332 -19.13 -11.85 -14.40
CA GLU O 332 -18.06 -11.11 -15.06
C GLU O 332 -16.71 -11.85 -14.99
N ARG O 333 -16.75 -13.12 -14.61
CA ARG O 333 -15.52 -13.91 -14.49
C ARG O 333 -15.28 -14.90 -15.62
N ASP O 334 -15.49 -14.48 -16.86
CA ASP O 334 -15.26 -15.36 -17.99
C ASP O 334 -13.76 -15.39 -18.33
N TRP O 335 -13.04 -14.42 -17.80
CA TRP O 335 -11.59 -14.34 -17.98
C TRP O 335 -11.05 -13.08 -17.34
N ALA P 9 -10.46 -17.06 47.64
CA ALA P 9 -9.88 -18.03 48.62
C ALA P 9 -9.91 -17.45 50.02
N THR P 10 -9.51 -18.27 50.98
CA THR P 10 -9.51 -17.84 52.37
C THR P 10 -8.23 -17.06 52.74
N ASN P 11 -8.44 -15.88 53.29
CA ASN P 11 -7.37 -14.99 53.70
C ASN P 11 -6.64 -15.57 54.94
N HIS P 12 -5.48 -16.17 54.72
CA HIS P 12 -4.71 -16.75 55.83
C HIS P 12 -3.95 -15.67 56.57
N ASN P 13 -4.08 -14.43 56.12
CA ASN P 13 -3.34 -13.35 56.75
C ASN P 13 -4.20 -12.17 57.19
N LEU P 14 -5.45 -12.47 57.52
CA LEU P 14 -6.41 -11.48 57.95
C LEU P 14 -5.91 -10.66 59.13
N HIS P 15 -5.24 -11.33 60.06
CA HIS P 15 -4.72 -10.65 61.23
C HIS P 15 -3.70 -9.57 60.85
N ILE P 16 -3.21 -9.65 59.62
CA ILE P 16 -2.25 -8.67 59.14
C ILE P 16 -2.90 -7.68 58.21
N THR P 17 -3.70 -8.17 57.27
CA THR P 17 -4.37 -7.31 56.30
C THR P 17 -5.25 -6.24 56.96
N GLU P 18 -5.94 -6.60 58.04
CA GLU P 18 -6.79 -5.64 58.74
C GLU P 18 -6.01 -4.41 59.19
N LYS P 19 -4.95 -4.65 59.94
CA LYS P 19 -4.12 -3.57 60.45
C LYS P 19 -3.59 -2.71 59.31
N LEU P 20 -3.01 -3.35 58.30
CA LEU P 20 -2.46 -2.63 57.15
C LEU P 20 -3.54 -1.85 56.43
N GLU P 21 -4.75 -2.40 56.39
CA GLU P 21 -5.87 -1.78 55.71
C GLU P 21 -6.25 -0.46 56.35
N VAL P 22 -6.12 -0.38 57.67
CA VAL P 22 -6.42 0.85 58.39
C VAL P 22 -5.43 1.93 57.95
N LEU P 23 -4.17 1.54 57.87
CA LEU P 23 -3.11 2.45 57.49
C LEU P 23 -3.24 2.89 56.02
N ALA P 24 -3.62 1.96 55.14
CA ALA P 24 -3.77 2.28 53.74
C ALA P 24 -4.81 3.38 53.56
N LYS P 25 -5.97 3.20 54.18
CA LYS P 25 -7.07 4.17 54.08
C LYS P 25 -6.61 5.49 54.69
N ALA P 26 -5.92 5.42 55.82
CA ALA P 26 -5.44 6.62 56.47
C ALA P 26 -4.58 7.40 55.48
N TYR P 27 -3.69 6.70 54.79
CA TYR P 27 -2.81 7.33 53.80
C TYR P 27 -3.61 7.87 52.63
N SER P 28 -4.64 7.14 52.24
CA SER P 28 -5.45 7.55 51.12
C SER P 28 -6.17 8.87 51.36
N VAL P 29 -6.89 8.97 52.48
CA VAL P 29 -7.63 10.19 52.77
C VAL P 29 -6.75 11.42 52.95
N GLN P 30 -5.54 11.23 53.49
CA GLN P 30 -4.64 12.36 53.69
C GLN P 30 -4.03 12.81 52.37
N GLY P 31 -4.29 12.04 51.31
CA GLY P 31 -3.79 12.43 50.00
C GLY P 31 -2.51 11.79 49.50
N ASP P 32 -1.94 10.87 50.27
CA ASP P 32 -0.72 10.19 49.86
C ASP P 32 -1.16 8.99 49.02
N LYS P 33 -1.68 9.26 47.83
CA LYS P 33 -2.20 8.19 46.98
C LYS P 33 -1.24 7.07 46.61
N TRP P 34 -0.04 7.42 46.18
CA TRP P 34 0.93 6.42 45.78
C TRP P 34 1.33 5.49 46.93
N ARG P 35 1.50 6.03 48.13
CA ARG P 35 1.84 5.20 49.26
C ARG P 35 0.64 4.29 49.54
N ALA P 36 -0.56 4.83 49.35
CA ALA P 36 -1.77 4.07 49.57
C ALA P 36 -1.81 2.88 48.61
N LEU P 37 -1.50 3.15 47.35
CA LEU P 37 -1.50 2.10 46.33
C LEU P 37 -0.53 1.00 46.77
N GLY P 38 0.65 1.42 47.20
CA GLY P 38 1.64 0.47 47.65
C GLY P 38 1.07 -0.50 48.68
N TYR P 39 0.34 0.02 49.65
CA TYR P 39 -0.25 -0.83 50.68
C TYR P 39 -1.33 -1.73 50.10
N ALA P 40 -2.16 -1.16 49.24
CA ALA P 40 -3.25 -1.91 48.62
C ALA P 40 -2.76 -3.15 47.87
N LYS P 41 -1.68 -3.01 47.12
CA LYS P 41 -1.16 -4.14 46.37
C LYS P 41 -0.55 -5.17 47.32
N ALA P 42 0.12 -4.70 48.37
CA ALA P 42 0.73 -5.61 49.34
C ALA P 42 -0.39 -6.41 50.01
N ILE P 43 -1.49 -5.73 50.31
CA ILE P 43 -2.63 -6.36 50.96
C ILE P 43 -3.25 -7.42 50.07
N ASN P 44 -3.42 -7.12 48.78
CA ASN P 44 -4.00 -8.11 47.89
C ASN P 44 -3.11 -9.33 47.78
N ALA P 45 -1.80 -9.09 47.74
CA ALA P 45 -0.83 -10.18 47.67
C ALA P 45 -0.96 -11.03 48.93
N LEU P 46 -1.11 -10.37 50.08
CA LEU P 46 -1.26 -11.10 51.32
C LEU P 46 -2.56 -11.89 51.33
N LYS P 47 -3.65 -11.26 50.93
CA LYS P 47 -4.95 -11.92 50.91
C LYS P 47 -4.95 -13.21 50.09
N SER P 48 -4.15 -13.25 49.02
CA SER P 48 -4.15 -14.45 48.20
C SER P 48 -2.97 -15.40 48.42
N PHE P 49 -2.08 -15.10 49.36
CA PHE P 49 -0.95 -15.99 49.60
C PHE P 49 -1.54 -17.30 50.12
N HIS P 50 -1.00 -18.43 49.65
CA HIS P 50 -1.53 -19.74 50.04
C HIS P 50 -1.42 -20.13 51.51
N LYS P 51 -0.66 -19.39 52.29
CA LYS P 51 -0.49 -19.72 53.71
C LYS P 51 -0.18 -18.47 54.52
N PRO P 52 -0.33 -18.54 55.85
CA PRO P 52 -0.02 -17.35 56.64
C PRO P 52 1.49 -17.11 56.54
N VAL P 53 1.88 -15.85 56.42
CA VAL P 53 3.30 -15.54 56.29
C VAL P 53 3.91 -15.74 57.67
N THR P 54 4.99 -16.53 57.73
CA THR P 54 5.63 -16.80 58.99
C THR P 54 7.04 -16.25 59.19
N SER P 55 7.62 -15.62 58.16
CA SER P 55 8.95 -15.05 58.33
C SER P 55 9.16 -13.80 57.48
N TYR P 56 10.15 -12.99 57.86
CA TYR P 56 10.47 -11.77 57.14
C TYR P 56 10.93 -12.15 55.73
N GLN P 57 11.73 -13.21 55.64
CA GLN P 57 12.23 -13.66 54.35
C GLN P 57 11.10 -14.13 53.45
N GLU P 58 10.16 -14.88 54.00
CA GLU P 58 9.07 -15.37 53.18
C GLU P 58 8.30 -14.15 52.68
N ALA P 59 8.07 -13.21 53.58
CA ALA P 59 7.35 -11.99 53.27
C ALA P 59 7.99 -11.27 52.07
N CYS P 60 9.32 -11.13 52.11
CA CYS P 60 10.06 -10.48 51.05
C CYS P 60 10.02 -11.23 49.73
N SER P 61 9.73 -12.52 49.74
CA SER P 61 9.69 -13.28 48.50
C SER P 61 8.39 -13.02 47.73
N ILE P 62 7.43 -12.36 48.37
CA ILE P 62 6.16 -12.07 47.72
C ILE P 62 6.19 -10.76 46.92
N PRO P 63 5.89 -10.84 45.61
CA PRO P 63 5.90 -9.62 44.78
C PRO P 63 4.89 -8.64 45.35
N GLY P 64 5.34 -7.42 45.61
CA GLY P 64 4.44 -6.43 46.18
C GLY P 64 4.75 -6.22 47.64
N ILE P 65 5.73 -6.97 48.14
CA ILE P 65 6.14 -6.83 49.53
C ILE P 65 7.64 -6.64 49.60
N GLY P 66 8.05 -5.47 50.08
CA GLY P 66 9.46 -5.17 50.22
C GLY P 66 9.89 -5.14 51.68
N LYS P 67 11.11 -4.68 51.94
CA LYS P 67 11.62 -4.61 53.29
C LYS P 67 10.69 -3.88 54.27
N ARG P 68 10.22 -2.69 53.87
CA ARG P 68 9.35 -1.89 54.72
C ARG P 68 8.11 -2.68 55.14
N MET P 69 7.39 -3.18 54.14
CA MET P 69 6.18 -3.94 54.40
C MET P 69 6.50 -5.20 55.21
N ALA P 70 7.62 -5.82 54.91
CA ALA P 70 8.03 -7.03 55.63
C ALA P 70 8.20 -6.67 57.11
N GLU P 71 8.79 -5.52 57.38
N GLU P 71 8.79 -5.51 57.38
CA GLU P 71 9.01 -5.06 58.75
CA GLU P 71 9.01 -5.08 58.76
C GLU P 71 7.71 -5.05 59.54
C GLU P 71 7.71 -5.05 59.54
N LYS P 72 6.68 -4.44 58.95
CA LYS P 72 5.37 -4.34 59.59
C LYS P 72 4.71 -5.69 59.76
N ILE P 73 4.85 -6.56 58.77
CA ILE P 73 4.26 -7.88 58.85
C ILE P 73 4.85 -8.60 60.07
N ILE P 74 6.15 -8.52 60.24
CA ILE P 74 6.82 -9.17 61.36
C ILE P 74 6.46 -8.53 62.70
N GLU P 75 6.32 -7.22 62.73
CA GLU P 75 5.99 -6.53 63.96
C GLU P 75 4.64 -6.99 64.47
N ILE P 76 3.74 -7.28 63.54
CA ILE P 76 2.42 -7.74 63.91
C ILE P 76 2.54 -9.16 64.44
N LEU P 77 3.18 -10.04 63.68
CA LEU P 77 3.35 -11.42 64.14
C LEU P 77 3.94 -11.47 65.54
N GLU P 78 4.90 -10.59 65.83
CA GLU P 78 5.56 -10.57 67.13
C GLU P 78 4.88 -9.79 68.25
N SER P 79 4.17 -8.71 67.93
CA SER P 79 3.54 -7.91 68.98
C SER P 79 2.02 -7.94 68.99
N GLY P 80 1.43 -8.37 67.89
CA GLY P 80 -0.02 -8.41 67.82
C GLY P 80 -0.53 -7.02 67.48
N HIS P 81 0.38 -6.06 67.46
N HIS P 81 0.40 -6.08 67.44
CA HIS P 81 0.00 -4.69 67.13
CA HIS P 81 0.09 -4.67 67.25
C HIS P 81 0.97 -4.02 66.17
C HIS P 81 1.02 -3.97 66.24
N LEU P 82 0.52 -2.92 65.58
CA LEU P 82 1.33 -2.17 64.64
C LEU P 82 1.41 -0.76 65.23
N ARG P 83 2.51 -0.47 65.89
CA ARG P 83 2.72 0.83 66.52
C ARG P 83 2.25 2.04 65.73
N LYS P 84 2.56 2.08 64.44
CA LYS P 84 2.18 3.22 63.62
C LYS P 84 0.69 3.56 63.67
N LEU P 85 -0.15 2.59 64.01
CA LEU P 85 -1.59 2.83 64.09
C LEU P 85 -1.99 3.65 65.31
N ASP P 86 -1.05 3.87 66.23
CA ASP P 86 -1.33 4.64 67.42
C ASP P 86 -0.88 6.08 67.19
N HIS P 87 -0.38 6.35 65.98
CA HIS P 87 0.10 7.67 65.62
C HIS P 87 -0.61 8.27 64.40
N ILE P 88 -1.78 7.73 64.08
CA ILE P 88 -2.52 8.26 62.94
C ILE P 88 -3.21 9.55 63.33
N SER P 89 -2.96 10.61 62.56
CA SER P 89 -3.55 11.93 62.84
C SER P 89 -5.03 11.86 63.21
N GLU P 90 -5.42 12.66 64.19
CA GLU P 90 -6.82 12.67 64.65
C GLU P 90 -7.77 13.22 63.58
N SER P 91 -7.20 13.74 62.51
CA SER P 91 -8.01 14.29 61.43
C SER P 91 -8.52 13.23 60.47
N VAL P 92 -7.83 12.09 60.40
CA VAL P 92 -8.22 11.03 59.47
C VAL P 92 -9.70 10.63 59.47
N PRO P 93 -10.30 10.43 60.65
CA PRO P 93 -11.72 10.06 60.63
C PRO P 93 -12.60 11.10 59.93
N VAL P 94 -12.31 12.37 60.19
CA VAL P 94 -13.07 13.46 59.59
C VAL P 94 -12.80 13.54 58.09
N LEU P 95 -11.55 13.36 57.70
CA LEU P 95 -11.21 13.42 56.29
C LEU P 95 -11.96 12.30 55.57
N GLU P 96 -12.06 11.15 56.22
CA GLU P 96 -12.76 10.01 55.62
C GLU P 96 -14.24 10.36 55.48
N LEU P 97 -14.81 10.90 56.55
CA LEU P 97 -16.20 11.30 56.57
C LEU P 97 -16.49 12.19 55.37
N PHE P 98 -15.65 13.19 55.17
CA PHE P 98 -15.83 14.13 54.08
C PHE P 98 -15.60 13.56 52.70
N SER P 99 -14.59 12.70 52.56
CA SER P 99 -14.32 12.14 51.26
C SER P 99 -15.33 11.07 50.87
N ASN P 100 -16.20 10.69 51.80
CA ASN P 100 -17.21 9.70 51.48
C ASN P 100 -18.32 10.36 50.67
N ILE P 101 -18.24 11.68 50.53
CA ILE P 101 -19.23 12.41 49.74
C ILE P 101 -18.78 12.30 48.27
N TRP P 102 -19.65 11.74 47.42
CA TRP P 102 -19.30 11.60 46.00
C TRP P 102 -18.99 12.97 45.46
N GLY P 103 -17.81 13.13 44.84
CA GLY P 103 -17.45 14.40 44.28
C GLY P 103 -16.48 15.16 45.18
N ALA P 104 -16.27 14.66 46.39
CA ALA P 104 -15.35 15.30 47.31
C ALA P 104 -14.17 14.36 47.53
N GLY P 105 -12.99 14.82 47.13
CA GLY P 105 -11.78 14.01 47.26
C GLY P 105 -10.92 14.43 48.43
N THR P 106 -9.64 14.05 48.40
CA THR P 106 -8.74 14.39 49.50
C THR P 106 -8.48 15.89 49.64
N LYS P 107 -8.37 16.60 48.53
CA LYS P 107 -8.11 18.04 48.59
C LYS P 107 -9.30 18.78 49.19
N THR P 108 -10.50 18.39 48.78
CA THR P 108 -11.69 19.04 49.30
C THR P 108 -11.82 18.75 50.78
N ALA P 109 -11.62 17.50 51.17
CA ALA P 109 -11.73 17.14 52.57
C ALA P 109 -10.74 17.98 53.38
N GLN P 110 -9.50 18.06 52.91
CA GLN P 110 -8.47 18.84 53.61
C GLN P 110 -8.89 20.30 53.73
N MET P 111 -9.41 20.85 52.65
CA MET P 111 -9.85 22.24 52.67
C MET P 111 -10.92 22.44 53.75
N TRP P 112 -11.93 21.59 53.75
CA TRP P 112 -12.99 21.71 54.74
C TRP P 112 -12.45 21.57 56.17
N TYR P 113 -11.53 20.64 56.40
CA TYR P 113 -10.98 20.48 57.75
C TYR P 113 -10.20 21.75 58.15
N GLN P 114 -9.52 22.36 57.19
CA GLN P 114 -8.77 23.57 57.43
C GLN P 114 -9.72 24.71 57.78
N GLN P 115 -10.91 24.70 57.20
CA GLN P 115 -11.89 25.74 57.46
C GLN P 115 -12.61 25.53 58.78
N GLY P 116 -12.22 24.48 59.50
CA GLY P 116 -12.83 24.19 60.80
C GLY P 116 -14.06 23.29 60.81
N PHE P 117 -14.39 22.67 59.68
CA PHE P 117 -15.56 21.81 59.60
C PHE P 117 -15.24 20.42 60.17
N ARG P 118 -16.17 19.84 60.92
CA ARG P 118 -15.92 18.53 61.50
C ARG P 118 -17.07 17.56 61.30
N SER P 119 -18.22 18.06 60.85
CA SER P 119 -19.36 17.18 60.69
C SER P 119 -20.08 17.42 59.37
N LEU P 120 -20.89 16.45 58.96
CA LEU P 120 -21.65 16.58 57.73
C LEU P 120 -22.64 17.73 57.88
N GLU P 121 -23.06 18.00 59.11
CA GLU P 121 -23.99 19.11 59.36
C GLU P 121 -23.22 20.41 59.08
N ASP P 122 -21.93 20.44 59.42
CA ASP P 122 -21.12 21.62 59.15
C ASP P 122 -21.05 21.83 57.64
N ILE P 123 -20.80 20.75 56.91
CA ILE P 123 -20.69 20.84 55.46
C ILE P 123 -21.99 21.38 54.88
N ARG P 124 -23.10 20.73 55.24
CA ARG P 124 -24.41 21.14 54.75
C ARG P 124 -24.71 22.63 54.97
N SER P 125 -24.46 23.12 56.18
CA SER P 125 -24.79 24.51 56.47
C SER P 125 -23.76 25.59 56.22
N GLN P 126 -22.48 25.23 56.09
CA GLN P 126 -21.48 26.27 55.90
C GLN P 126 -20.50 26.11 54.72
N ALA P 127 -20.32 24.89 54.24
CA ALA P 127 -19.38 24.68 53.15
C ALA P 127 -19.94 25.07 51.80
N SER P 128 -19.07 25.49 50.89
CA SER P 128 -19.55 25.82 49.54
C SER P 128 -19.42 24.47 48.84
N LEU P 129 -20.50 24.04 48.20
CA LEU P 129 -20.51 22.73 47.55
C LEU P 129 -20.71 22.85 46.08
N THR P 130 -20.05 21.97 45.32
CA THR P 130 -20.24 21.96 43.88
C THR P 130 -21.57 21.20 43.65
N THR P 131 -22.07 21.27 42.43
CA THR P 131 -23.31 20.59 42.09
C THR P 131 -23.25 19.12 42.45
N GLN P 132 -22.19 18.43 42.05
CA GLN P 132 -22.07 17.02 42.35
C GLN P 132 -21.98 16.73 43.85
N GLN P 133 -21.15 17.49 44.55
CA GLN P 133 -20.98 17.28 45.98
C GLN P 133 -22.32 17.51 46.69
N ALA P 134 -23.13 18.43 46.17
CA ALA P 134 -24.43 18.71 46.78
C ALA P 134 -25.31 17.47 46.64
N ILE P 135 -25.22 16.81 45.49
CA ILE P 135 -26.01 15.61 45.26
C ILE P 135 -25.44 14.49 46.12
N GLY P 136 -24.11 14.42 46.21
CA GLY P 136 -23.48 13.39 47.03
C GLY P 136 -23.84 13.51 48.50
N LEU P 137 -23.99 14.73 48.98
CA LEU P 137 -24.33 14.97 50.38
C LEU P 137 -25.77 14.53 50.72
N LYS P 138 -26.75 15.00 49.96
CA LYS P 138 -28.14 14.66 50.27
C LYS P 138 -28.40 13.15 50.20
N HIS P 139 -27.58 12.42 49.44
CA HIS P 139 -27.74 10.97 49.35
C HIS P 139 -26.61 10.24 50.09
N TYR P 140 -25.94 10.93 51.02
CA TYR P 140 -24.83 10.34 51.76
C TYR P 140 -25.03 8.92 52.30
N SER P 141 -26.02 8.76 53.18
CA SER P 141 -26.29 7.45 53.77
C SER P 141 -26.57 6.39 52.71
N ASP P 142 -27.46 6.72 51.79
CA ASP P 142 -27.78 5.77 50.73
C ASP P 142 -26.53 5.31 49.98
N PHE P 143 -25.71 6.27 49.55
CA PHE P 143 -24.52 5.93 48.78
C PHE P 143 -23.49 5.10 49.52
N LEU P 144 -23.51 5.17 50.84
CA LEU P 144 -22.56 4.37 51.58
C LEU P 144 -22.96 2.91 51.61
N GLU P 145 -24.25 2.64 51.44
CA GLU P 145 -24.77 1.27 51.48
C GLU P 145 -24.49 0.49 50.20
N ARG P 146 -24.30 -0.81 50.34
CA ARG P 146 -24.14 -1.65 49.17
C ARG P 146 -25.57 -2.18 49.01
N MET P 147 -25.99 -2.42 47.78
CA MET P 147 -27.33 -2.91 47.57
C MET P 147 -27.33 -4.41 47.33
N PRO P 148 -28.44 -5.07 47.66
CA PRO P 148 -28.48 -6.50 47.43
C PRO P 148 -28.32 -6.71 45.94
N ARG P 149 -27.73 -7.83 45.58
CA ARG P 149 -27.52 -8.17 44.19
C ARG P 149 -28.83 -8.10 43.40
N GLU P 150 -29.91 -8.55 44.02
CA GLU P 150 -31.21 -8.58 43.37
C GLU P 150 -31.71 -7.20 42.97
N GLU P 151 -31.41 -6.20 43.79
CA GLU P 151 -31.86 -4.86 43.46
C GLU P 151 -31.07 -4.40 42.22
N ALA P 152 -29.79 -4.73 42.17
CA ALA P 152 -28.97 -4.35 41.03
C ALA P 152 -29.61 -4.93 39.77
N THR P 153 -30.11 -6.15 39.86
CA THR P 153 -30.74 -6.80 38.72
C THR P 153 -31.95 -6.02 38.24
N GLU P 154 -32.80 -5.59 39.16
CA GLU P 154 -33.98 -4.81 38.80
C GLU P 154 -33.53 -3.54 38.09
N ILE P 155 -32.47 -2.92 38.59
CA ILE P 155 -31.95 -1.70 38.00
C ILE P 155 -31.48 -1.96 36.57
N GLU P 156 -30.69 -3.02 36.38
CA GLU P 156 -30.22 -3.34 35.04
C GLU P 156 -31.42 -3.58 34.13
N GLN P 157 -32.40 -4.34 34.64
CA GLN P 157 -33.59 -4.65 33.85
C GLN P 157 -34.36 -3.38 33.51
N THR P 158 -34.43 -2.46 34.46
CA THR P 158 -35.16 -1.23 34.19
C THR P 158 -34.52 -0.49 33.03
N VAL P 159 -33.19 -0.43 33.05
CA VAL P 159 -32.49 0.25 31.99
C VAL P 159 -32.63 -0.53 30.68
N GLN P 160 -32.51 -1.85 30.76
CA GLN P 160 -32.59 -2.68 29.56
C GLN P 160 -33.94 -2.60 28.85
N LYS P 161 -35.03 -2.61 29.60
CA LYS P 161 -36.33 -2.54 28.95
C LYS P 161 -36.46 -1.23 28.19
N ALA P 162 -36.16 -0.13 28.88
CA ALA P 162 -36.27 1.18 28.26
C ALA P 162 -35.42 1.28 27.00
N ALA P 163 -34.27 0.61 26.99
CA ALA P 163 -33.39 0.66 25.83
C ALA P 163 -33.87 -0.21 24.68
N GLN P 164 -34.37 -1.40 24.98
CA GLN P 164 -34.81 -2.31 23.95
C GLN P 164 -36.10 -1.83 23.30
N ALA P 165 -36.79 -0.89 23.95
CA ALA P 165 -38.02 -0.36 23.40
C ALA P 165 -37.66 0.50 22.19
N PHE P 166 -36.39 0.90 22.09
CA PHE P 166 -35.94 1.72 20.98
C PHE P 166 -35.35 0.86 19.89
N ASN P 167 -34.74 -0.25 20.28
CA ASN P 167 -34.15 -1.17 19.32
C ASN P 167 -33.96 -2.47 20.08
N SER P 168 -34.81 -3.44 19.75
CA SER P 168 -34.79 -4.75 20.39
C SER P 168 -33.46 -5.49 20.24
N GLY P 169 -32.63 -5.05 19.31
CA GLY P 169 -31.35 -5.72 19.11
C GLY P 169 -30.27 -5.30 20.09
N LEU P 170 -30.51 -4.23 20.84
CA LEU P 170 -29.53 -3.75 21.80
C LEU P 170 -29.12 -4.77 22.86
N LEU P 171 -27.83 -4.81 23.18
CA LEU P 171 -27.33 -5.71 24.22
C LEU P 171 -27.02 -4.85 25.44
N CYS P 172 -27.56 -5.26 26.59
CA CYS P 172 -27.33 -4.53 27.83
C CYS P 172 -26.70 -5.48 28.84
N VAL P 173 -25.65 -5.01 29.53
CA VAL P 173 -24.99 -5.85 30.51
C VAL P 173 -24.54 -5.05 31.72
N ALA P 174 -24.92 -5.51 32.91
CA ALA P 174 -24.51 -4.84 34.13
C ALA P 174 -23.08 -5.32 34.39
N CYS P 175 -22.16 -4.41 34.67
CA CYS P 175 -20.77 -4.79 34.91
C CYS P 175 -20.36 -4.65 36.38
N GLY P 176 -19.15 -4.13 36.62
CA GLY P 176 -18.68 -3.96 37.97
C GLY P 176 -18.76 -5.17 38.90
N SER P 177 -18.92 -4.90 40.19
CA SER P 177 -18.98 -5.96 41.19
C SER P 177 -20.14 -6.91 40.92
N TYR P 178 -21.22 -6.38 40.35
CA TYR P 178 -22.36 -7.20 40.03
C TYR P 178 -21.92 -8.33 39.09
N ARG P 179 -21.25 -7.95 38.00
CA ARG P 179 -20.80 -8.94 37.04
C ARG P 179 -19.75 -9.85 37.67
N ARG P 180 -19.07 -9.36 38.69
CA ARG P 180 -18.05 -10.19 39.34
C ARG P 180 -18.68 -11.10 40.40
N GLY P 181 -20.01 -11.19 40.38
CA GLY P 181 -20.74 -12.06 41.29
C GLY P 181 -20.90 -11.73 42.75
N LYS P 182 -20.56 -10.51 43.16
CA LYS P 182 -20.70 -10.15 44.57
C LYS P 182 -22.17 -10.17 44.98
N ALA P 183 -22.41 -10.44 46.26
CA ALA P 183 -23.78 -10.49 46.79
C ALA P 183 -24.36 -9.09 46.98
N THR P 184 -23.48 -8.10 47.11
CA THR P 184 -23.93 -6.72 47.28
C THR P 184 -23.11 -5.87 46.32
N CYS P 185 -23.70 -4.79 45.84
CA CYS P 185 -23.04 -3.92 44.88
C CYS P 185 -23.09 -2.47 45.29
N GLY P 186 -21.95 -1.81 45.25
CA GLY P 186 -21.90 -0.40 45.62
C GLY P 186 -22.57 0.49 44.58
N ASP P 187 -22.67 0.01 43.35
CA ASP P 187 -23.32 0.77 42.29
C ASP P 187 -23.68 -0.16 41.15
N VAL P 188 -24.21 0.41 40.08
CA VAL P 188 -24.58 -0.37 38.93
C VAL P 188 -24.10 0.32 37.66
N ASP P 189 -23.43 -0.45 36.80
CA ASP P 189 -22.91 0.08 35.55
C ASP P 189 -23.48 -0.72 34.39
N VAL P 190 -24.37 -0.10 33.63
CA VAL P 190 -24.97 -0.80 32.52
C VAL P 190 -24.31 -0.42 31.20
N LEU P 191 -23.66 -1.40 30.59
CA LEU P 191 -22.97 -1.21 29.33
C LEU P 191 -23.92 -1.59 28.20
N ILE P 192 -23.94 -0.78 27.15
CA ILE P 192 -24.85 -1.02 26.04
C ILE P 192 -24.17 -0.89 24.67
N THR P 193 -24.52 -1.78 23.75
CA THR P 193 -23.96 -1.75 22.40
C THR P 193 -24.92 -2.48 21.47
N HIS P 194 -24.56 -2.58 20.20
CA HIS P 194 -25.41 -3.26 19.22
C HIS P 194 -24.53 -4.04 18.27
N PRO P 195 -24.88 -5.31 18.00
CA PRO P 195 -24.10 -6.15 17.10
C PRO P 195 -23.87 -5.59 15.70
N ASP P 196 -24.86 -4.90 15.13
CA ASP P 196 -24.69 -4.38 13.78
C ASP P 196 -23.65 -3.29 13.65
N GLY P 197 -23.18 -2.75 14.77
CA GLY P 197 -22.16 -1.73 14.72
C GLY P 197 -22.59 -0.29 14.52
N ARG P 198 -23.85 -0.07 14.19
CA ARG P 198 -24.32 1.29 13.97
C ARG P 198 -25.55 1.70 14.77
N SER P 199 -26.41 0.75 15.11
CA SER P 199 -27.66 1.09 15.80
C SER P 199 -27.59 1.53 17.25
N HIS P 200 -26.39 1.67 17.80
CA HIS P 200 -26.26 2.13 19.18
C HIS P 200 -26.31 3.65 19.15
N ARG P 201 -25.98 4.20 17.98
CA ARG P 201 -25.97 5.65 17.79
C ARG P 201 -27.37 6.23 17.90
N GLY P 202 -27.47 7.39 18.55
CA GLY P 202 -28.75 8.04 18.72
C GLY P 202 -29.66 7.40 19.76
N ILE P 203 -29.09 6.61 20.66
CA ILE P 203 -29.90 5.96 21.68
C ILE P 203 -29.70 6.53 23.07
N PHE P 204 -28.45 6.83 23.39
CA PHE P 204 -28.07 7.39 24.67
C PHE P 204 -29.04 8.46 25.17
N SER P 205 -29.16 9.56 24.42
CA SER P 205 -30.05 10.65 24.80
C SER P 205 -31.49 10.24 24.99
N ARG P 206 -32.02 9.43 24.08
CA ARG P 206 -33.40 8.99 24.19
C ARG P 206 -33.64 8.09 25.40
N LEU P 207 -32.64 7.27 25.73
CA LEU P 207 -32.76 6.38 26.87
C LEU P 207 -32.84 7.20 28.14
N LEU P 208 -31.95 8.17 28.28
CA LEU P 208 -31.95 9.02 29.47
C LEU P 208 -33.30 9.75 29.58
N ASP P 209 -33.77 10.36 28.50
CA ASP P 209 -35.05 11.06 28.56
C ASP P 209 -36.16 10.11 28.99
N SER P 210 -36.12 8.90 28.43
CA SER P 210 -37.11 7.89 28.74
C SER P 210 -37.09 7.52 30.23
N LEU P 211 -35.89 7.38 30.79
CA LEU P 211 -35.75 7.02 32.19
C LEU P 211 -36.14 8.19 33.11
N ARG P 212 -35.94 9.42 32.64
CA ARG P 212 -36.32 10.58 33.44
C ARG P 212 -37.83 10.68 33.52
N GLN P 213 -38.48 10.51 32.37
CA GLN P 213 -39.92 10.57 32.28
C GLN P 213 -40.59 9.56 33.22
N GLU P 214 -39.90 8.45 33.45
CA GLU P 214 -40.41 7.41 34.34
C GLU P 214 -40.20 7.80 35.80
N GLY P 215 -39.32 8.77 36.03
CA GLY P 215 -39.03 9.19 37.38
C GLY P 215 -37.98 8.26 37.99
N PHE P 216 -37.32 7.48 37.14
CA PHE P 216 -36.28 6.54 37.58
C PHE P 216 -34.98 7.26 37.91
N LEU P 217 -34.61 8.22 37.06
CA LEU P 217 -33.39 8.99 37.28
C LEU P 217 -33.78 10.21 38.08
N THR P 218 -33.17 10.38 39.26
CA THR P 218 -33.51 11.49 40.12
C THR P 218 -32.50 12.63 40.14
N ASP P 219 -31.24 12.34 39.81
CA ASP P 219 -30.20 13.36 39.78
C ASP P 219 -29.09 12.98 38.81
N ASP P 220 -28.53 13.98 38.12
CA ASP P 220 -27.44 13.72 37.19
C ASP P 220 -26.13 14.21 37.78
N LEU P 221 -25.11 13.36 37.82
CA LEU P 221 -23.80 13.76 38.32
C LEU P 221 -23.03 14.30 37.10
N VAL P 222 -23.03 13.52 36.02
CA VAL P 222 -22.42 13.94 34.75
C VAL P 222 -23.43 13.51 33.69
N SER P 223 -24.22 14.46 33.21
CA SER P 223 -25.27 14.18 32.23
C SER P 223 -24.79 13.46 30.98
N GLN P 224 -23.58 13.76 30.54
CA GLN P 224 -23.02 13.12 29.37
C GLN P 224 -21.54 13.37 29.27
N GLU P 225 -20.80 12.31 28.99
CA GLU P 225 -19.38 12.39 28.82
C GLU P 225 -19.10 11.65 27.53
N GLU P 226 -18.38 12.31 26.64
CA GLU P 226 -18.06 11.65 25.39
C GLU P 226 -16.58 11.38 25.31
N ASN P 227 -16.24 10.11 25.44
CA ASN P 227 -14.88 9.65 25.39
C ASN P 227 -14.76 8.85 24.09
N GLY P 228 -14.24 9.49 23.04
CA GLY P 228 -14.14 8.82 21.76
C GLY P 228 -15.57 8.51 21.30
N GLN P 229 -15.83 7.27 20.91
CA GLN P 229 -17.16 6.89 20.48
C GLN P 229 -18.05 6.39 21.62
N GLN P 230 -17.52 6.44 22.84
CA GLN P 230 -18.32 6.01 23.98
C GLN P 230 -19.03 7.20 24.61
N GLN P 231 -20.29 6.98 24.96
CA GLN P 231 -21.11 7.99 25.61
C GLN P 231 -21.35 7.46 27.03
N LYS P 232 -21.13 8.29 28.03
CA LYS P 232 -21.33 7.83 29.39
C LYS P 232 -22.15 8.77 30.25
N TYR P 233 -23.07 8.19 31.00
CA TYR P 233 -23.92 8.92 31.93
C TYR P 233 -23.59 8.45 33.35
N LEU P 234 -23.38 9.39 34.27
CA LEU P 234 -23.10 9.07 35.68
C LEU P 234 -24.22 9.76 36.43
N GLY P 235 -25.04 9.00 37.15
CA GLY P 235 -26.14 9.63 37.84
C GLY P 235 -26.74 8.88 39.01
N VAL P 236 -27.98 9.23 39.31
CA VAL P 236 -28.68 8.64 40.43
C VAL P 236 -30.03 8.07 40.01
N CYS P 237 -30.34 6.88 40.49
CA CYS P 237 -31.62 6.27 40.14
C CYS P 237 -32.32 5.74 41.38
N ARG P 238 -33.61 5.47 41.22
CA ARG P 238 -34.41 4.94 42.31
C ARG P 238 -35.53 4.07 41.76
N LEU P 239 -35.54 2.81 42.16
CA LEU P 239 -36.57 1.89 41.71
C LEU P 239 -37.91 2.31 42.26
N PRO P 240 -39.01 1.95 41.57
CA PRO P 240 -40.35 2.31 42.03
C PRO P 240 -40.60 1.53 43.31
N GLY P 241 -41.47 2.04 44.17
CA GLY P 241 -41.73 1.30 45.39
C GLY P 241 -41.50 2.12 46.63
N PRO P 242 -42.23 1.83 47.71
CA PRO P 242 -42.10 2.56 48.97
C PRO P 242 -40.78 2.33 49.67
N GLY P 243 -40.14 3.44 50.02
CA GLY P 243 -38.88 3.39 50.76
C GLY P 243 -37.66 2.85 50.07
N ARG P 244 -37.61 2.93 48.74
CA ARG P 244 -36.42 2.47 48.03
C ARG P 244 -35.34 3.49 48.27
N ARG P 245 -34.09 3.05 48.27
CA ARG P 245 -32.99 3.99 48.46
C ARG P 245 -32.53 4.51 47.10
N HIS P 246 -31.80 5.62 47.09
CA HIS P 246 -31.27 6.16 45.84
C HIS P 246 -29.95 5.41 45.61
N ARG P 247 -29.62 5.14 44.35
CA ARG P 247 -28.41 4.38 44.04
C ARG P 247 -27.60 5.00 42.92
N ARG P 248 -26.29 4.79 42.96
CA ARG P 248 -25.39 5.30 41.93
C ARG P 248 -25.57 4.43 40.67
N LEU P 249 -25.86 5.08 39.55
CA LEU P 249 -26.06 4.37 38.29
C LEU P 249 -25.25 5.00 37.16
N ASP P 250 -24.57 4.14 36.41
CA ASP P 250 -23.78 4.59 35.28
C ASP P 250 -24.33 3.86 34.06
N ILE P 251 -24.47 4.58 32.96
CA ILE P 251 -24.95 3.97 31.72
C ILE P 251 -23.89 4.30 30.67
N ILE P 252 -23.48 3.29 29.91
CA ILE P 252 -22.45 3.50 28.90
C ILE P 252 -22.81 2.85 27.58
N VAL P 253 -22.79 3.67 26.52
CA VAL P 253 -23.11 3.17 25.19
C VAL P 253 -21.86 3.19 24.34
N VAL P 254 -21.49 2.05 23.79
CA VAL P 254 -20.29 1.90 22.98
C VAL P 254 -20.52 1.17 21.67
N PRO P 255 -19.67 1.44 20.68
CA PRO P 255 -19.82 0.76 19.38
C PRO P 255 -19.39 -0.70 19.59
N TYR P 256 -20.00 -1.63 18.86
CA TYR P 256 -19.69 -3.06 19.03
C TYR P 256 -18.21 -3.44 19.00
N SER P 257 -17.41 -2.79 18.15
CA SER P 257 -16.00 -3.14 18.07
C SER P 257 -15.26 -2.88 19.38
N GLU P 258 -15.86 -2.13 20.28
CA GLU P 258 -15.23 -1.83 21.57
C GLU P 258 -15.86 -2.55 22.75
N PHE P 259 -16.90 -3.34 22.48
CA PHE P 259 -17.63 -4.05 23.52
C PHE P 259 -16.77 -4.86 24.49
N ALA P 260 -15.93 -5.73 23.96
CA ALA P 260 -15.09 -6.57 24.82
C ALA P 260 -14.22 -5.76 25.77
N CYS P 261 -13.54 -4.75 25.26
CA CYS P 261 -12.68 -3.97 26.13
C CYS P 261 -13.46 -3.14 27.13
N ALA P 262 -14.62 -2.64 26.71
CA ALA P 262 -15.47 -1.86 27.59
C ALA P 262 -15.94 -2.78 28.71
N LEU P 263 -16.32 -4.00 28.32
CA LEU P 263 -16.80 -4.99 29.28
C LEU P 263 -15.72 -5.28 30.29
N LEU P 264 -14.52 -5.49 29.78
CA LEU P 264 -13.40 -5.80 30.63
C LEU P 264 -13.14 -4.64 31.58
N TYR P 265 -13.01 -3.43 31.03
CA TYR P 265 -12.73 -2.25 31.81
C TYR P 265 -13.78 -1.95 32.88
N PHE P 266 -15.05 -1.89 32.49
CA PHE P 266 -16.09 -1.59 33.45
C PHE P 266 -16.42 -2.74 34.39
N THR P 267 -15.89 -3.92 34.11
CA THR P 267 -16.12 -5.04 35.01
C THR P 267 -15.06 -4.94 36.11
N GLY P 268 -13.90 -4.37 35.77
CA GLY P 268 -12.84 -4.22 36.76
C GLY P 268 -12.43 -5.57 37.35
N SER P 269 -12.04 -5.60 38.63
CA SER P 269 -11.99 -4.43 39.51
C SER P 269 -10.87 -3.48 39.11
N ALA P 270 -10.83 -2.33 39.78
CA ALA P 270 -9.80 -1.34 39.50
C ALA P 270 -8.40 -1.92 39.66
N HIS P 271 -8.21 -2.82 40.63
CA HIS P 271 -6.90 -3.43 40.85
C HIS P 271 -6.56 -4.35 39.68
N PHE P 272 -7.54 -5.11 39.24
CA PHE P 272 -7.37 -6.04 38.15
C PHE P 272 -7.02 -5.29 36.87
N ASN P 273 -7.69 -4.16 36.66
CA ASN P 273 -7.43 -3.35 35.48
C ASN P 273 -6.00 -2.81 35.53
N ARG P 274 -5.55 -2.42 36.72
CA ARG P 274 -4.20 -1.88 36.87
C ARG P 274 -3.19 -2.93 36.42
N SER P 275 -3.39 -4.16 36.89
CA SER P 275 -2.52 -5.28 36.54
C SER P 275 -2.51 -5.52 35.04
N MET P 276 -3.69 -5.50 34.44
CA MET P 276 -3.80 -5.72 33.02
C MET P 276 -3.04 -4.64 32.22
N ARG P 277 -3.13 -3.38 32.62
CA ARG P 277 -2.40 -2.34 31.90
C ARG P 277 -0.89 -2.57 32.05
N ALA P 278 -0.46 -2.90 33.27
CA ALA P 278 0.95 -3.15 33.51
C ALA P 278 1.46 -4.31 32.64
N LEU P 279 0.66 -5.35 32.50
CA LEU P 279 1.06 -6.50 31.69
C LEU P 279 1.13 -6.13 30.22
N ALA P 280 0.11 -5.45 29.73
CA ALA P 280 0.08 -5.04 28.32
C ALA P 280 1.33 -4.21 28.01
N LYS P 281 1.73 -3.37 28.95
CA LYS P 281 2.91 -2.53 28.78
C LYS P 281 4.15 -3.40 28.57
N THR P 282 4.32 -4.40 29.42
CA THR P 282 5.49 -5.27 29.31
C THR P 282 5.58 -5.90 27.95
N LYS P 283 4.45 -6.00 27.25
CA LYS P 283 4.43 -6.62 25.94
C LYS P 283 4.35 -5.61 24.80
N GLY P 284 4.65 -4.37 25.10
CA GLY P 284 4.62 -3.33 24.08
C GLY P 284 3.23 -2.98 23.58
N MET P 285 2.24 -3.09 24.46
CA MET P 285 0.86 -2.79 24.12
C MET P 285 0.19 -1.90 25.17
N SER P 286 -1.00 -1.40 24.86
CA SER P 286 -1.75 -0.57 25.78
C SER P 286 -3.17 -1.10 25.89
N LEU P 287 -3.75 -1.02 27.09
CA LEU P 287 -5.11 -1.49 27.28
C LEU P 287 -5.98 -0.39 27.86
N SER P 288 -7.04 -0.04 27.15
CA SER P 288 -7.95 1.00 27.60
C SER P 288 -9.39 0.47 27.52
N GLU P 289 -10.34 1.30 27.90
CA GLU P 289 -11.75 0.93 27.86
C GLU P 289 -12.21 0.86 26.41
N HIS P 290 -11.35 1.35 25.52
CA HIS P 290 -11.63 1.36 24.09
C HIS P 290 -11.05 0.15 23.37
N ALA P 291 -9.81 -0.21 23.71
CA ALA P 291 -9.15 -1.31 23.04
C ALA P 291 -7.76 -1.71 23.52
N LEU P 292 -7.25 -2.78 22.91
CA LEU P 292 -5.93 -3.31 23.16
C LEU P 292 -5.19 -2.85 21.91
N SER P 293 -4.15 -2.04 22.10
CA SER P 293 -3.40 -1.51 20.97
C SER P 293 -1.90 -1.76 21.12
N THR P 294 -1.17 -1.62 20.01
CA THR P 294 0.28 -1.77 20.03
C THR P 294 0.76 -0.45 20.59
N ALA P 295 2.01 -0.38 21.02
CA ALA P 295 2.57 0.83 21.61
C ALA P 295 2.53 2.03 20.67
N VAL P 296 2.24 3.20 21.23
CA VAL P 296 2.19 4.42 20.45
C VAL P 296 3.59 4.69 19.90
N VAL P 297 3.65 5.42 18.80
CA VAL P 297 4.93 5.73 18.18
C VAL P 297 5.50 7.03 18.74
N ARG P 298 6.69 6.93 19.33
CA ARG P 298 7.36 8.08 19.92
C ARG P 298 8.53 8.52 19.06
N ASN P 299 8.64 9.83 18.83
CA ASN P 299 9.70 10.38 18.00
C ASN P 299 11.06 10.41 18.70
N THR P 300 11.99 11.18 18.13
CA THR P 300 13.35 11.32 18.63
C THR P 300 13.42 11.74 20.10
N HIS P 301 12.51 12.61 20.52
CA HIS P 301 12.48 13.08 21.89
C HIS P 301 11.67 12.12 22.75
N GLY P 302 11.26 11.00 22.14
CA GLY P 302 10.49 10.00 22.83
C GLY P 302 9.15 10.55 23.27
N CYS P 303 8.30 10.88 22.30
CA CYS P 303 6.99 11.43 22.61
C CYS P 303 5.89 11.06 21.62
N LYS P 304 4.68 10.94 22.13
CA LYS P 304 3.51 10.58 21.32
C LYS P 304 3.48 11.36 20.01
N VAL P 305 3.76 10.66 18.92
CA VAL P 305 3.77 11.27 17.59
C VAL P 305 2.72 10.58 16.73
N GLY P 306 2.06 9.58 17.30
CA GLY P 306 1.05 8.84 16.57
C GLY P 306 0.56 7.65 17.39
N PRO P 307 -0.74 7.32 17.32
CA PRO P 307 -1.35 6.20 18.06
C PRO P 307 -0.93 4.83 17.54
N GLY P 308 -1.00 3.84 18.42
CA GLY P 308 -0.66 2.48 18.04
C GLY P 308 -1.82 1.92 17.26
N ARG P 309 -1.67 0.77 16.63
CA ARG P 309 -2.78 0.22 15.89
C ARG P 309 -3.67 -0.60 16.81
N VAL P 310 -4.98 -0.49 16.61
CA VAL P 310 -5.93 -1.24 17.41
C VAL P 310 -5.97 -2.71 17.02
N LEU P 311 -5.86 -3.58 18.01
CA LEU P 311 -5.89 -5.02 17.77
C LEU P 311 -7.32 -5.52 17.92
N PRO P 312 -7.86 -6.16 16.88
CA PRO P 312 -9.24 -6.68 16.94
C PRO P 312 -9.46 -7.60 18.14
N THR P 313 -10.50 -7.33 18.93
CA THR P 313 -10.81 -8.15 20.10
C THR P 313 -12.32 -8.35 20.23
N PRO P 314 -12.88 -9.29 19.45
CA PRO P 314 -14.31 -9.62 19.44
C PRO P 314 -14.91 -9.94 20.81
N THR P 315 -14.13 -10.61 21.66
CA THR P 315 -14.59 -11.00 23.01
C THR P 315 -13.50 -10.80 24.05
N GLU P 316 -13.89 -10.90 25.31
CA GLU P 316 -12.94 -10.75 26.40
C GLU P 316 -11.79 -11.74 26.24
N LYS P 317 -12.10 -12.96 25.84
CA LYS P 317 -11.08 -13.99 25.68
C LYS P 317 -10.00 -13.57 24.71
N ASP P 318 -10.38 -12.86 23.66
CA ASP P 318 -9.40 -12.41 22.68
C ASP P 318 -8.37 -11.49 23.31
N VAL P 319 -8.78 -10.69 24.29
CA VAL P 319 -7.85 -9.80 24.97
C VAL P 319 -6.83 -10.60 25.76
N PHE P 320 -7.30 -11.56 26.55
CA PHE P 320 -6.38 -12.37 27.32
C PHE P 320 -5.49 -13.17 26.38
N ARG P 321 -6.06 -13.68 25.29
CA ARG P 321 -5.29 -14.46 24.34
C ARG P 321 -4.10 -13.67 23.80
N LEU P 322 -4.37 -12.49 23.25
CA LEU P 322 -3.30 -11.65 22.71
C LEU P 322 -2.32 -11.17 23.77
N LEU P 323 -2.72 -11.23 25.04
CA LEU P 323 -1.82 -10.81 26.10
C LEU P 323 -1.09 -12.02 26.63
N GLY P 324 -1.36 -13.16 26.03
CA GLY P 324 -0.73 -14.40 26.46
C GLY P 324 -1.08 -14.75 27.88
N LEU P 325 -2.36 -14.58 28.22
CA LEU P 325 -2.85 -14.88 29.57
C LEU P 325 -4.01 -15.85 29.55
N PRO P 326 -4.18 -16.61 30.64
CA PRO P 326 -5.28 -17.57 30.79
C PRO P 326 -6.51 -16.69 30.95
N TYR P 327 -7.65 -17.13 30.43
CA TYR P 327 -8.86 -16.34 30.61
C TYR P 327 -9.23 -16.41 32.06
N ARG P 328 -9.77 -15.30 32.58
CA ARG P 328 -10.21 -15.24 33.96
C ARG P 328 -11.69 -14.91 34.05
N GLU P 329 -12.44 -15.77 34.72
CA GLU P 329 -13.86 -15.57 34.89
C GLU P 329 -14.05 -14.24 35.63
N PRO P 330 -15.13 -13.51 35.34
CA PRO P 330 -15.36 -12.24 36.02
C PRO P 330 -15.23 -12.39 37.53
N ALA P 331 -15.69 -13.52 38.05
CA ALA P 331 -15.64 -13.75 39.50
C ALA P 331 -14.22 -13.81 40.06
N GLU P 332 -13.24 -14.01 39.19
CA GLU P 332 -11.85 -14.10 39.63
C GLU P 332 -11.04 -12.82 39.38
N ARG P 333 -11.72 -11.71 39.12
CA ARG P 333 -11.05 -10.45 38.84
C ARG P 333 -11.03 -9.40 39.97
N ASP P 334 -11.03 -9.85 41.22
CA ASP P 334 -11.00 -8.91 42.33
C ASP P 334 -9.68 -8.15 42.30
N TRP P 335 -8.68 -8.79 41.72
CA TRP P 335 -7.36 -8.20 41.54
C TRP P 335 -6.46 -9.13 40.75
#